data_5FEF
# 
_entry.id   5FEF 
# 
_audit_conform.dict_name       mmcif_pdbx.dic 
_audit_conform.dict_version    5.379 
_audit_conform.dict_location   http://mmcif.pdb.org/dictionaries/ascii/mmcif_pdbx.dic 
# 
loop_
_database_2.database_id 
_database_2.database_code 
_database_2.pdbx_database_accession 
_database_2.pdbx_DOI 
PDB   5FEF         pdb_00005fef 10.2210/pdb5fef/pdb 
WWPDB D_1000216436 ?            ?                   
# 
loop_
_pdbx_database_related.content_type 
_pdbx_database_related.db_id 
_pdbx_database_related.db_name 
_pdbx_database_related.details 
unspecified 5FEG PDB . 
unspecified 5FDS PDB . 
# 
_pdbx_database_status.status_code                     REL 
_pdbx_database_status.status_code_sf                  REL 
_pdbx_database_status.status_code_mr                  ? 
_pdbx_database_status.entry_id                        5FEF 
_pdbx_database_status.recvd_initial_deposition_date   2015-12-16 
_pdbx_database_status.SG_entry                        N 
_pdbx_database_status.deposit_site                    RCSB 
_pdbx_database_status.process_site                    RCSB 
_pdbx_database_status.status_code_cs                  ? 
_pdbx_database_status.methods_development_category    ? 
_pdbx_database_status.pdb_format_compatible           Y 
_pdbx_database_status.status_code_nmr_data            ? 
# 
loop_
_audit_author.name 
_audit_author.pdbx_ordinal 
'Mares-Mejia, I.'      1 
'Rodriguez-Romero, A.' 2 
# 
_citation.abstract                  ? 
_citation.abstract_id_CAS           ? 
_citation.book_id_ISBN              ? 
_citation.book_publisher            ? 
_citation.book_publisher_city       ? 
_citation.book_title                ? 
_citation.coordinate_linkage        ? 
_citation.country                   UK 
_citation.database_id_Medline       ? 
_citation.details                   ? 
_citation.id                        primary 
_citation.journal_abbrev            'Sci Rep' 
_citation.journal_id_ASTM           ? 
_citation.journal_id_CSD            ? 
_citation.journal_id_ISSN           2045-2322 
_citation.journal_full              ? 
_citation.journal_issue             ? 
_citation.journal_volume            6 
_citation.language                  ? 
_citation.page_first                32552 
_citation.page_last                 32552 
_citation.title                     
'Structural insights into the IgE mediated responses induced by the allergens Hev b 8 and Zea m 12 in their dimeric forms.' 
_citation.year                      2016 
_citation.database_id_CSD           ? 
_citation.pdbx_database_id_DOI      10.1038/srep32552 
_citation.pdbx_database_id_PubMed   27586352 
_citation.unpublished_flag          ? 
# 
loop_
_citation_author.citation_id 
_citation_author.name 
_citation_author.ordinal 
_citation_author.identifier_ORCID 
primary 'Mares-Mejia, I.'        1 ? 
primary 'Martinez-Caballero, S.' 2 ? 
primary 'Garay-Canales, C.'      3 ? 
primary 'Cano-Sanchez, P.'       4 ? 
primary 'Torres-Larios, A.'      5 ? 
primary 'Lara-Gonzalez, S.'      6 ? 
primary 'Ortega, E.'             7 ? 
primary 'Rodriguez-Romero, A.'   8 ? 
# 
_cell.angle_alpha                  90.00 
_cell.angle_alpha_esd              ? 
_cell.angle_beta                   90.00 
_cell.angle_beta_esd               ? 
_cell.angle_gamma                  90.00 
_cell.angle_gamma_esd              ? 
_cell.entry_id                     5FEF 
_cell.details                      ? 
_cell.formula_units_Z              ? 
_cell.length_a                     58.531 
_cell.length_a_esd                 ? 
_cell.length_b                     58.531 
_cell.length_b_esd                 ? 
_cell.length_c                     135.195 
_cell.length_c_esd                 ? 
_cell.volume                       ? 
_cell.volume_esd                   ? 
_cell.Z_PDB                        8 
_cell.reciprocal_angle_alpha       ? 
_cell.reciprocal_angle_beta        ? 
_cell.reciprocal_angle_gamma       ? 
_cell.reciprocal_angle_alpha_esd   ? 
_cell.reciprocal_angle_beta_esd    ? 
_cell.reciprocal_angle_gamma_esd   ? 
_cell.reciprocal_length_a          ? 
_cell.reciprocal_length_b          ? 
_cell.reciprocal_length_c          ? 
_cell.reciprocal_length_a_esd      ? 
_cell.reciprocal_length_b_esd      ? 
_cell.reciprocal_length_c_esd      ? 
_cell.pdbx_unique_axis             ? 
# 
_symmetry.entry_id                         5FEF 
_symmetry.cell_setting                     ? 
_symmetry.Int_Tables_number                96 
_symmetry.space_group_name_Hall            ? 
_symmetry.space_group_name_H-M             'P 43 21 2' 
_symmetry.pdbx_full_space_group_name_H-M   ? 
# 
loop_
_entity.id 
_entity.type 
_entity.src_method 
_entity.pdbx_description 
_entity.formula_weight 
_entity.pdbx_number_of_molecules 
_entity.pdbx_ec 
_entity.pdbx_mutation 
_entity.pdbx_fragment 
_entity.details 
1 polymer     man Profilin-5 14183.159 1  ? ? ? ? 
2 non-polymer syn GLYCEROL   92.094    5  ? ? ? ? 
3 water       nat water      18.015    32 ? ? ? ? 
# 
_entity_name_com.entity_id   1 
_entity_name_com.name        'Pollen allergen Zea m 12,ZmPRO5' 
# 
_entity_poly.entity_id                      1 
_entity_poly.type                           'polypeptide(L)' 
_entity_poly.nstd_linkage                   no 
_entity_poly.nstd_monomer                   no 
_entity_poly.pdbx_seq_one_letter_code       
;GMSWQAYVDDHLLCDIEGQHLSAAAIVGHDGSVWAQSENFPELKPEEVAGMIKDFDEPGTLAPTGLFVGGTKYMVIQGEP
GVVIRGKKGTGGITIKKTGMSLIIGIYDEPMTPGQCNMVVERLGDYLIEQGF
;
_entity_poly.pdbx_seq_one_letter_code_can   
;GMSWQAYVDDHLLCDIEGQHLSAAAIVGHDGSVWAQSENFPELKPEEVAGMIKDFDEPGTLAPTGLFVGGTKYMVIQGEP
GVVIRGKKGTGGITIKKTGMSLIIGIYDEPMTPGQCNMVVERLGDYLIEQGF
;
_entity_poly.pdbx_strand_id                 A 
_entity_poly.pdbx_target_identifier         ? 
# 
loop_
_entity_poly_seq.entity_id 
_entity_poly_seq.num 
_entity_poly_seq.mon_id 
_entity_poly_seq.hetero 
1 1   GLY n 
1 2   MET n 
1 3   SER n 
1 4   TRP n 
1 5   GLN n 
1 6   ALA n 
1 7   TYR n 
1 8   VAL n 
1 9   ASP n 
1 10  ASP n 
1 11  HIS n 
1 12  LEU n 
1 13  LEU n 
1 14  CYS n 
1 15  ASP n 
1 16  ILE n 
1 17  GLU n 
1 18  GLY n 
1 19  GLN n 
1 20  HIS n 
1 21  LEU n 
1 22  SER n 
1 23  ALA n 
1 24  ALA n 
1 25  ALA n 
1 26  ILE n 
1 27  VAL n 
1 28  GLY n 
1 29  HIS n 
1 30  ASP n 
1 31  GLY n 
1 32  SER n 
1 33  VAL n 
1 34  TRP n 
1 35  ALA n 
1 36  GLN n 
1 37  SER n 
1 38  GLU n 
1 39  ASN n 
1 40  PHE n 
1 41  PRO n 
1 42  GLU n 
1 43  LEU n 
1 44  LYS n 
1 45  PRO n 
1 46  GLU n 
1 47  GLU n 
1 48  VAL n 
1 49  ALA n 
1 50  GLY n 
1 51  MET n 
1 52  ILE n 
1 53  LYS n 
1 54  ASP n 
1 55  PHE n 
1 56  ASP n 
1 57  GLU n 
1 58  PRO n 
1 59  GLY n 
1 60  THR n 
1 61  LEU n 
1 62  ALA n 
1 63  PRO n 
1 64  THR n 
1 65  GLY n 
1 66  LEU n 
1 67  PHE n 
1 68  VAL n 
1 69  GLY n 
1 70  GLY n 
1 71  THR n 
1 72  LYS n 
1 73  TYR n 
1 74  MET n 
1 75  VAL n 
1 76  ILE n 
1 77  GLN n 
1 78  GLY n 
1 79  GLU n 
1 80  PRO n 
1 81  GLY n 
1 82  VAL n 
1 83  VAL n 
1 84  ILE n 
1 85  ARG n 
1 86  GLY n 
1 87  LYS n 
1 88  LYS n 
1 89  GLY n 
1 90  THR n 
1 91  GLY n 
1 92  GLY n 
1 93  ILE n 
1 94  THR n 
1 95  ILE n 
1 96  LYS n 
1 97  LYS n 
1 98  THR n 
1 99  GLY n 
1 100 MET n 
1 101 SER n 
1 102 LEU n 
1 103 ILE n 
1 104 ILE n 
1 105 GLY n 
1 106 ILE n 
1 107 TYR n 
1 108 ASP n 
1 109 GLU n 
1 110 PRO n 
1 111 MET n 
1 112 THR n 
1 113 PRO n 
1 114 GLY n 
1 115 GLN n 
1 116 CYS n 
1 117 ASN n 
1 118 MET n 
1 119 VAL n 
1 120 VAL n 
1 121 GLU n 
1 122 ARG n 
1 123 LEU n 
1 124 GLY n 
1 125 ASP n 
1 126 TYR n 
1 127 LEU n 
1 128 ILE n 
1 129 GLU n 
1 130 GLN n 
1 131 GLY n 
1 132 PHE n 
# 
_entity_src_gen.entity_id                          1 
_entity_src_gen.pdbx_src_id                        1 
_entity_src_gen.pdbx_alt_source_flag               sample 
_entity_src_gen.pdbx_seq_type                      'Biological sequence' 
_entity_src_gen.pdbx_beg_seq_num                   1 
_entity_src_gen.pdbx_end_seq_num                   132 
_entity_src_gen.gene_src_common_name               Maize 
_entity_src_gen.gene_src_genus                     ? 
_entity_src_gen.pdbx_gene_src_gene                 PRO5 
_entity_src_gen.gene_src_species                   ? 
_entity_src_gen.gene_src_strain                    ? 
_entity_src_gen.gene_src_tissue                    leaf 
_entity_src_gen.gene_src_tissue_fraction           ? 
_entity_src_gen.gene_src_details                   ? 
_entity_src_gen.pdbx_gene_src_fragment             ? 
_entity_src_gen.pdbx_gene_src_scientific_name      'Zea mays' 
_entity_src_gen.pdbx_gene_src_ncbi_taxonomy_id     4577 
_entity_src_gen.pdbx_gene_src_variant              ? 
_entity_src_gen.pdbx_gene_src_cell_line            ? 
_entity_src_gen.pdbx_gene_src_atcc                 ? 
_entity_src_gen.pdbx_gene_src_organ                ? 
_entity_src_gen.pdbx_gene_src_organelle            ? 
_entity_src_gen.pdbx_gene_src_cell                 ? 
_entity_src_gen.pdbx_gene_src_cellular_location    ? 
_entity_src_gen.host_org_common_name               ? 
_entity_src_gen.pdbx_host_org_scientific_name      'Escherichia coli' 
_entity_src_gen.pdbx_host_org_ncbi_taxonomy_id     562 
_entity_src_gen.host_org_genus                     ? 
_entity_src_gen.pdbx_host_org_gene                 ? 
_entity_src_gen.pdbx_host_org_organ                ? 
_entity_src_gen.host_org_species                   ? 
_entity_src_gen.pdbx_host_org_tissue               ? 
_entity_src_gen.pdbx_host_org_tissue_fraction      ? 
_entity_src_gen.pdbx_host_org_strain               'Rosetta (DE3)' 
_entity_src_gen.pdbx_host_org_variant              ? 
_entity_src_gen.pdbx_host_org_cell_line            ? 
_entity_src_gen.pdbx_host_org_atcc                 ? 
_entity_src_gen.pdbx_host_org_culture_collection   ? 
_entity_src_gen.pdbx_host_org_cell                 ? 
_entity_src_gen.pdbx_host_org_organelle            ? 
_entity_src_gen.pdbx_host_org_cellular_location    ? 
_entity_src_gen.pdbx_host_org_vector_type          PLASMID 
_entity_src_gen.pdbx_host_org_vector               ? 
_entity_src_gen.host_org_details                   ? 
_entity_src_gen.expression_system_id               ? 
_entity_src_gen.plasmid_name                       pET28c 
_entity_src_gen.plasmid_details                    ? 
_entity_src_gen.pdbx_description                   ? 
# 
_struct_ref.id                         1 
_struct_ref.db_name                    UNP 
_struct_ref.db_code                    PROF5_MAIZE 
_struct_ref.pdbx_db_accession          Q9FR39 
_struct_ref.pdbx_db_isoform            ? 
_struct_ref.entity_id                  1 
_struct_ref.pdbx_seq_one_letter_code   
;MSWQAYVDDHLLCDIEGQHLSAAAIVGHDGSVWAQSENFPELKPEEVAGMIKDFDEPGTLAPTGLFVGGTKYMVIQGEPG
VVIRGKKGTGGITIKKTGMSLIIGIYDEPMTPGQCNMVVERLGDYLIEQGF
;
_struct_ref.pdbx_align_begin           1 
# 
_struct_ref_seq.align_id                      1 
_struct_ref_seq.ref_id                        1 
_struct_ref_seq.pdbx_PDB_id_code              5FEF 
_struct_ref_seq.pdbx_strand_id                A 
_struct_ref_seq.seq_align_beg                 2 
_struct_ref_seq.pdbx_seq_align_beg_ins_code   ? 
_struct_ref_seq.seq_align_end                 132 
_struct_ref_seq.pdbx_seq_align_end_ins_code   ? 
_struct_ref_seq.pdbx_db_accession             Q9FR39 
_struct_ref_seq.db_align_beg                  1 
_struct_ref_seq.pdbx_db_align_beg_ins_code    ? 
_struct_ref_seq.db_align_end                  131 
_struct_ref_seq.pdbx_db_align_end_ins_code    ? 
_struct_ref_seq.pdbx_auth_seq_align_beg       1 
_struct_ref_seq.pdbx_auth_seq_align_end       131 
# 
_struct_ref_seq_dif.align_id                     1 
_struct_ref_seq_dif.pdbx_pdb_id_code             5FEF 
_struct_ref_seq_dif.mon_id                       GLY 
_struct_ref_seq_dif.pdbx_pdb_strand_id           A 
_struct_ref_seq_dif.seq_num                      1 
_struct_ref_seq_dif.pdbx_pdb_ins_code            ? 
_struct_ref_seq_dif.pdbx_seq_db_name             UNP 
_struct_ref_seq_dif.pdbx_seq_db_accession_code   Q9FR39 
_struct_ref_seq_dif.db_mon_id                    ? 
_struct_ref_seq_dif.pdbx_seq_db_seq_num          ? 
_struct_ref_seq_dif.details                      'expression tag' 
_struct_ref_seq_dif.pdbx_auth_seq_num            0 
_struct_ref_seq_dif.pdbx_ordinal                 1 
# 
loop_
_chem_comp.id 
_chem_comp.type 
_chem_comp.mon_nstd_flag 
_chem_comp.name 
_chem_comp.pdbx_synonyms 
_chem_comp.formula 
_chem_comp.formula_weight 
ALA 'L-peptide linking' y ALANINE         ?                               'C3 H7 N O2'     89.093  
ARG 'L-peptide linking' y ARGININE        ?                               'C6 H15 N4 O2 1' 175.209 
ASN 'L-peptide linking' y ASPARAGINE      ?                               'C4 H8 N2 O3'    132.118 
ASP 'L-peptide linking' y 'ASPARTIC ACID' ?                               'C4 H7 N O4'     133.103 
CYS 'L-peptide linking' y CYSTEINE        ?                               'C3 H7 N O2 S'   121.158 
GLN 'L-peptide linking' y GLUTAMINE       ?                               'C5 H10 N2 O3'   146.144 
GLU 'L-peptide linking' y 'GLUTAMIC ACID' ?                               'C5 H9 N O4'     147.129 
GLY 'peptide linking'   y GLYCINE         ?                               'C2 H5 N O2'     75.067  
GOL non-polymer         . GLYCEROL        'GLYCERIN; PROPANE-1,2,3-TRIOL' 'C3 H8 O3'       92.094  
HIS 'L-peptide linking' y HISTIDINE       ?                               'C6 H10 N3 O2 1' 156.162 
HOH non-polymer         . WATER           ?                               'H2 O'           18.015  
ILE 'L-peptide linking' y ISOLEUCINE      ?                               'C6 H13 N O2'    131.173 
LEU 'L-peptide linking' y LEUCINE         ?                               'C6 H13 N O2'    131.173 
LYS 'L-peptide linking' y LYSINE          ?                               'C6 H15 N2 O2 1' 147.195 
MET 'L-peptide linking' y METHIONINE      ?                               'C5 H11 N O2 S'  149.211 
PHE 'L-peptide linking' y PHENYLALANINE   ?                               'C9 H11 N O2'    165.189 
PRO 'L-peptide linking' y PROLINE         ?                               'C5 H9 N O2'     115.130 
SER 'L-peptide linking' y SERINE          ?                               'C3 H7 N O3'     105.093 
THR 'L-peptide linking' y THREONINE       ?                               'C4 H9 N O3'     119.119 
TRP 'L-peptide linking' y TRYPTOPHAN      ?                               'C11 H12 N2 O2'  204.225 
TYR 'L-peptide linking' y TYROSINE        ?                               'C9 H11 N O3'    181.189 
VAL 'L-peptide linking' y VALINE          ?                               'C5 H11 N O2'    117.146 
# 
_exptl.absorpt_coefficient_mu     ? 
_exptl.absorpt_correction_T_max   ? 
_exptl.absorpt_correction_T_min   ? 
_exptl.absorpt_correction_type    ? 
_exptl.absorpt_process_details    ? 
_exptl.entry_id                   5FEF 
_exptl.crystals_number            ? 
_exptl.details                    ? 
_exptl.method                     'X-RAY DIFFRACTION' 
_exptl.method_details             ? 
# 
_exptl_crystal.colour                      ? 
_exptl_crystal.density_diffrn              ? 
_exptl_crystal.density_Matthews            4.07 
_exptl_crystal.density_method              ? 
_exptl_crystal.density_percent_sol         69.87 
_exptl_crystal.description                 ? 
_exptl_crystal.F_000                       ? 
_exptl_crystal.id                          1 
_exptl_crystal.preparation                 ? 
_exptl_crystal.size_max                    ? 
_exptl_crystal.size_mid                    ? 
_exptl_crystal.size_min                    ? 
_exptl_crystal.size_rad                    ? 
_exptl_crystal.colour_lustre               ? 
_exptl_crystal.colour_modifier             ? 
_exptl_crystal.colour_primary              ? 
_exptl_crystal.density_meas                ? 
_exptl_crystal.density_meas_esd            ? 
_exptl_crystal.density_meas_gt             ? 
_exptl_crystal.density_meas_lt             ? 
_exptl_crystal.density_meas_temp           ? 
_exptl_crystal.density_meas_temp_esd       ? 
_exptl_crystal.density_meas_temp_gt        ? 
_exptl_crystal.density_meas_temp_lt        ? 
_exptl_crystal.pdbx_crystal_image_url      ? 
_exptl_crystal.pdbx_crystal_image_format   ? 
_exptl_crystal.pdbx_mosaicity              ? 
_exptl_crystal.pdbx_mosaicity_esd          ? 
# 
_exptl_crystal_grow.apparatus       ? 
_exptl_crystal_grow.atmosphere      ? 
_exptl_crystal_grow.crystal_id      1 
_exptl_crystal_grow.details         ? 
_exptl_crystal_grow.method          'VAPOR DIFFUSION, HANGING DROP' 
_exptl_crystal_grow.method_ref      ? 
_exptl_crystal_grow.pH              9.0 
_exptl_crystal_grow.pressure        ? 
_exptl_crystal_grow.pressure_esd    ? 
_exptl_crystal_grow.seeding         ? 
_exptl_crystal_grow.seeding_ref     ? 
_exptl_crystal_grow.temp            291 
_exptl_crystal_grow.temp_details    ? 
_exptl_crystal_grow.temp_esd        ? 
_exptl_crystal_grow.time            ? 
_exptl_crystal_grow.pdbx_details    '0.1 M TRIS-HCL, pH 9.0, 1.6 M Ammonium Sulfate' 
_exptl_crystal_grow.pdbx_pH_range   ? 
# 
_diffrn.ambient_environment    ? 
_diffrn.ambient_temp           101 
_diffrn.ambient_temp_details   ? 
_diffrn.ambient_temp_esd       ? 
_diffrn.crystal_id             1 
_diffrn.crystal_support        ? 
_diffrn.crystal_treatment      ? 
_diffrn.details                ? 
_diffrn.id                     1 
_diffrn.ambient_pressure       ? 
_diffrn.ambient_pressure_esd   ? 
_diffrn.ambient_pressure_gt    ? 
_diffrn.ambient_pressure_lt    ? 
_diffrn.ambient_temp_gt        ? 
_diffrn.ambient_temp_lt        ? 
# 
_diffrn_detector.details                      ? 
_diffrn_detector.detector                     'IMAGE PLATE' 
_diffrn_detector.diffrn_id                    1 
_diffrn_detector.type                         'RIGAKU RAXIS IV++' 
_diffrn_detector.area_resol_mean              ? 
_diffrn_detector.dtime                        ? 
_diffrn_detector.pdbx_frames_total            ? 
_diffrn_detector.pdbx_collection_time_total   ? 
_diffrn_detector.pdbx_collection_date         2014-05-22 
# 
_diffrn_radiation.collimation                      ? 
_diffrn_radiation.diffrn_id                        1 
_diffrn_radiation.filter_edge                      ? 
_diffrn_radiation.inhomogeneity                    ? 
_diffrn_radiation.monochromator                    ? 
_diffrn_radiation.polarisn_norm                    ? 
_diffrn_radiation.polarisn_ratio                   ? 
_diffrn_radiation.probe                            ? 
_diffrn_radiation.type                             ? 
_diffrn_radiation.xray_symbol                      ? 
_diffrn_radiation.wavelength_id                    1 
_diffrn_radiation.pdbx_monochromatic_or_laue_m_l   M 
_diffrn_radiation.pdbx_wavelength_list             ? 
_diffrn_radiation.pdbx_wavelength                  ? 
_diffrn_radiation.pdbx_diffrn_protocol             'SINGLE WAVELENGTH' 
_diffrn_radiation.pdbx_analyzer                    ? 
_diffrn_radiation.pdbx_scattering_type             x-ray 
# 
_diffrn_radiation_wavelength.id           1 
_diffrn_radiation_wavelength.wavelength   1.5416 
_diffrn_radiation_wavelength.wt           1.0 
# 
_diffrn_source.current                     ? 
_diffrn_source.details                     ? 
_diffrn_source.diffrn_id                   1 
_diffrn_source.power                       ? 
_diffrn_source.size                        ? 
_diffrn_source.source                      'ROTATING ANODE' 
_diffrn_source.target                      ? 
_diffrn_source.type                        'RIGAKU MICROMAX-007' 
_diffrn_source.voltage                     ? 
_diffrn_source.take-off_angle              ? 
_diffrn_source.pdbx_wavelength_list        1.5416 
_diffrn_source.pdbx_wavelength             ? 
_diffrn_source.pdbx_synchrotron_beamline   ? 
_diffrn_source.pdbx_synchrotron_site       ? 
# 
_reflns.B_iso_Wilson_estimate            37.03 
_reflns.entry_id                         5FEF 
_reflns.data_reduction_details           ? 
_reflns.data_reduction_method            ? 
_reflns.d_resolution_high                2.2 
_reflns.d_resolution_low                 44.25 
_reflns.details                          ? 
_reflns.limit_h_max                      ? 
_reflns.limit_h_min                      ? 
_reflns.limit_k_max                      ? 
_reflns.limit_k_min                      ? 
_reflns.limit_l_max                      ? 
_reflns.limit_l_min                      ? 
_reflns.number_all                       ? 
_reflns.number_obs                       12462 
_reflns.observed_criterion               ? 
_reflns.observed_criterion_F_max         ? 
_reflns.observed_criterion_F_min         ? 
_reflns.observed_criterion_I_max         ? 
_reflns.observed_criterion_I_min         ? 
_reflns.observed_criterion_sigma_F       1.3 
_reflns.observed_criterion_sigma_I       ? 
_reflns.percent_possible_obs             99.2 
_reflns.R_free_details                   ? 
_reflns.Rmerge_F_all                     ? 
_reflns.Rmerge_F_obs                     ? 
_reflns.Friedel_coverage                 ? 
_reflns.number_gt                        ? 
_reflns.threshold_expression             ? 
_reflns.pdbx_redundancy                  4.5 
_reflns.pdbx_Rmerge_I_obs                0.05 
_reflns.pdbx_Rmerge_I_all                ? 
_reflns.pdbx_Rsym_value                  ? 
_reflns.pdbx_netI_over_av_sigmaI         ? 
_reflns.pdbx_netI_over_sigmaI            17.2 
_reflns.pdbx_res_netI_over_av_sigmaI_2   ? 
_reflns.pdbx_res_netI_over_sigmaI_2      ? 
_reflns.pdbx_chi_squared                 ? 
_reflns.pdbx_scaling_rejects             ? 
_reflns.pdbx_d_res_high_opt              ? 
_reflns.pdbx_d_res_low_opt               ? 
_reflns.pdbx_d_res_opt_method            ? 
_reflns.phase_calculation_details        ? 
_reflns.pdbx_Rrim_I_all                  ? 
_reflns.pdbx_Rpim_I_all                  ? 
_reflns.pdbx_d_opt                       ? 
_reflns.pdbx_number_measured_all         ? 
_reflns.pdbx_diffrn_id                   1 
_reflns.pdbx_ordinal                     1 
_reflns.pdbx_CC_half                     ? 
_reflns.pdbx_R_split                     ? 
# 
_reflns_shell.d_res_high                  2.20 
_reflns_shell.d_res_low                   2.32 
_reflns_shell.meanI_over_sigI_all         ? 
_reflns_shell.meanI_over_sigI_obs         3.2 
_reflns_shell.number_measured_all         ? 
_reflns_shell.number_measured_obs         ? 
_reflns_shell.number_possible             ? 
_reflns_shell.number_unique_all           ? 
_reflns_shell.number_unique_obs           ? 
_reflns_shell.percent_possible_all        98.2 
_reflns_shell.percent_possible_obs        ? 
_reflns_shell.Rmerge_F_all                ? 
_reflns_shell.Rmerge_F_obs                ? 
_reflns_shell.Rmerge_I_all                ? 
_reflns_shell.Rmerge_I_obs                0.48 
_reflns_shell.meanI_over_sigI_gt          ? 
_reflns_shell.meanI_over_uI_all           ? 
_reflns_shell.meanI_over_uI_gt            ? 
_reflns_shell.number_measured_gt          ? 
_reflns_shell.number_unique_gt            ? 
_reflns_shell.percent_possible_gt         ? 
_reflns_shell.Rmerge_F_gt                 ? 
_reflns_shell.Rmerge_I_gt                 ? 
_reflns_shell.pdbx_redundancy             4.6 
_reflns_shell.pdbx_Rsym_value             ? 
_reflns_shell.pdbx_chi_squared            ? 
_reflns_shell.pdbx_netI_over_sigmaI_all   ? 
_reflns_shell.pdbx_netI_over_sigmaI_obs   ? 
_reflns_shell.pdbx_Rrim_I_all             ? 
_reflns_shell.pdbx_Rpim_I_all             ? 
_reflns_shell.pdbx_rejects                ? 
_reflns_shell.pdbx_ordinal                1 
_reflns_shell.pdbx_diffrn_id              1 
_reflns_shell.pdbx_CC_half                ? 
_reflns_shell.pdbx_R_split                ? 
# 
_refine.aniso_B[1][1]                            ? 
_refine.aniso_B[1][2]                            ? 
_refine.aniso_B[1][3]                            ? 
_refine.aniso_B[2][2]                            ? 
_refine.aniso_B[2][3]                            ? 
_refine.aniso_B[3][3]                            ? 
_refine.B_iso_max                                ? 
_refine.B_iso_mean                               ? 
_refine.B_iso_min                                ? 
_refine.correlation_coeff_Fo_to_Fc               ? 
_refine.correlation_coeff_Fo_to_Fc_free          ? 
_refine.details                                  ? 
_refine.diff_density_max                         ? 
_refine.diff_density_max_esd                     ? 
_refine.diff_density_min                         ? 
_refine.diff_density_min_esd                     ? 
_refine.diff_density_rms                         ? 
_refine.diff_density_rms_esd                     ? 
_refine.entry_id                                 5FEF 
_refine.pdbx_refine_id                           'X-RAY DIFFRACTION' 
_refine.ls_abs_structure_details                 ? 
_refine.ls_abs_structure_Flack                   ? 
_refine.ls_abs_structure_Flack_esd               ? 
_refine.ls_abs_structure_Rogers                  ? 
_refine.ls_abs_structure_Rogers_esd              ? 
_refine.ls_d_res_high                            2.200 
_refine.ls_d_res_low                             44.25 
_refine.ls_extinction_coef                       ? 
_refine.ls_extinction_coef_esd                   ? 
_refine.ls_extinction_expression                 ? 
_refine.ls_extinction_method                     ? 
_refine.ls_goodness_of_fit_all                   ? 
_refine.ls_goodness_of_fit_all_esd               ? 
_refine.ls_goodness_of_fit_obs                   ? 
_refine.ls_goodness_of_fit_obs_esd               ? 
_refine.ls_hydrogen_treatment                    ? 
_refine.ls_matrix_type                           ? 
_refine.ls_number_constraints                    ? 
_refine.ls_number_parameters                     ? 
_refine.ls_number_reflns_all                     ? 
_refine.ls_number_reflns_obs                     12454 
_refine.ls_number_reflns_R_free                  630 
_refine.ls_number_reflns_R_work                  ? 
_refine.ls_number_restraints                     ? 
_refine.ls_percent_reflns_obs                    98.82 
_refine.ls_percent_reflns_R_free                 5.06 
_refine.ls_R_factor_all                          ? 
_refine.ls_R_factor_obs                          0.2197 
_refine.ls_R_factor_R_free                       0.2448 
_refine.ls_R_factor_R_free_error                 ? 
_refine.ls_R_factor_R_free_error_details         ? 
_refine.ls_R_factor_R_work                       0.2184 
_refine.ls_R_Fsqd_factor_obs                     ? 
_refine.ls_R_I_factor_obs                        ? 
_refine.ls_redundancy_reflns_all                 ? 
_refine.ls_redundancy_reflns_obs                 ? 
_refine.ls_restrained_S_all                      ? 
_refine.ls_restrained_S_obs                      ? 
_refine.ls_shift_over_esd_max                    ? 
_refine.ls_shift_over_esd_mean                   ? 
_refine.ls_structure_factor_coef                 ? 
_refine.ls_weighting_details                     ? 
_refine.ls_weighting_scheme                      ? 
_refine.ls_wR_factor_all                         ? 
_refine.ls_wR_factor_obs                         ? 
_refine.ls_wR_factor_R_free                      ? 
_refine.ls_wR_factor_R_work                      ? 
_refine.occupancy_max                            ? 
_refine.occupancy_min                            ? 
_refine.solvent_model_details                    'FLAT BULK SOLVENT MODEL' 
_refine.solvent_model_param_bsol                 ? 
_refine.solvent_model_param_ksol                 ? 
_refine.ls_R_factor_gt                           ? 
_refine.ls_goodness_of_fit_gt                    ? 
_refine.ls_goodness_of_fit_ref                   ? 
_refine.ls_shift_over_su_max                     ? 
_refine.ls_shift_over_su_max_lt                  ? 
_refine.ls_shift_over_su_mean                    ? 
_refine.ls_shift_over_su_mean_lt                 ? 
_refine.pdbx_ls_sigma_I                          ? 
_refine.pdbx_ls_sigma_F                          1.34 
_refine.pdbx_ls_sigma_Fsqd                       ? 
_refine.pdbx_data_cutoff_high_absF               ? 
_refine.pdbx_data_cutoff_high_rms_absF           ? 
_refine.pdbx_data_cutoff_low_absF                ? 
_refine.pdbx_isotropic_thermal_model             ? 
_refine.pdbx_ls_cross_valid_method               THROUGHOUT 
_refine.pdbx_method_to_determine_struct          'MOLECULAR REPLACEMENT' 
_refine.pdbx_starting_model                      5FDS 
_refine.pdbx_stereochemistry_target_values       ML 
_refine.pdbx_R_Free_selection_details            RANDOM 
_refine.pdbx_stereochem_target_val_spec_case     ? 
_refine.pdbx_overall_ESU_R                       ? 
_refine.pdbx_overall_ESU_R_Free                  ? 
_refine.pdbx_solvent_vdw_probe_radii             1.11 
_refine.pdbx_solvent_ion_probe_radii             ? 
_refine.pdbx_solvent_shrinkage_radii             0.90 
_refine.pdbx_real_space_R                        ? 
_refine.pdbx_density_correlation                 ? 
_refine.pdbx_pd_number_of_powder_patterns        ? 
_refine.pdbx_pd_number_of_points                 ? 
_refine.pdbx_pd_meas_number_of_points            ? 
_refine.pdbx_pd_proc_ls_prof_R_factor            ? 
_refine.pdbx_pd_proc_ls_prof_wR_factor           ? 
_refine.pdbx_pd_Marquardt_correlation_coeff      ? 
_refine.pdbx_pd_Fsqrd_R_factor                   ? 
_refine.pdbx_pd_ls_matrix_band_width             ? 
_refine.pdbx_overall_phase_error                 27.95 
_refine.pdbx_overall_SU_R_free_Cruickshank_DPI   ? 
_refine.pdbx_overall_SU_R_free_Blow_DPI          ? 
_refine.pdbx_overall_SU_R_Blow_DPI               ? 
_refine.pdbx_TLS_residual_ADP_flag               ? 
_refine.pdbx_diffrn_id                           1 
_refine.overall_SU_B                             ? 
_refine.overall_SU_ML                            0.29 
_refine.overall_SU_R_Cruickshank_DPI             ? 
_refine.overall_SU_R_free                        ? 
_refine.overall_FOM_free_R_set                   ? 
_refine.overall_FOM_work_R_set                   ? 
_refine.pdbx_average_fsc_overall                 ? 
_refine.pdbx_average_fsc_work                    ? 
_refine.pdbx_average_fsc_free                    ? 
# 
_refine_hist.pdbx_refine_id                   'X-RAY DIFFRACTION' 
_refine_hist.cycle_id                         LAST 
_refine_hist.pdbx_number_atoms_protein        993 
_refine_hist.pdbx_number_atoms_nucleic_acid   0 
_refine_hist.pdbx_number_atoms_ligand         30 
_refine_hist.number_atoms_solvent             32 
_refine_hist.number_atoms_total               1055 
_refine_hist.d_res_high                       2.200 
_refine_hist.d_res_low                        44.25 
# 
loop_
_refine_ls_restr.pdbx_refine_id 
_refine_ls_restr.criterion 
_refine_ls_restr.dev_ideal 
_refine_ls_restr.dev_ideal_target 
_refine_ls_restr.number 
_refine_ls_restr.rejects 
_refine_ls_restr.type 
_refine_ls_restr.weight 
_refine_ls_restr.pdbx_restraint_function 
'X-RAY DIFFRACTION' ? 0.008  ? 1061 ? f_bond_d           ? ? 
'X-RAY DIFFRACTION' ? 1.207  ? 1434 ? f_angle_d          ? ? 
'X-RAY DIFFRACTION' ? 14.408 ? 396  ? f_dihedral_angle_d ? ? 
'X-RAY DIFFRACTION' ? 0.044  ? 154  ? f_chiral_restr     ? ? 
'X-RAY DIFFRACTION' ? 0.005  ? 186  ? f_plane_restr      ? ? 
# 
loop_
_refine_ls_shell.pdbx_refine_id 
_refine_ls_shell.d_res_high 
_refine_ls_shell.d_res_low 
_refine_ls_shell.number_reflns_all 
_refine_ls_shell.number_reflns_obs 
_refine_ls_shell.number_reflns_R_free 
_refine_ls_shell.number_reflns_R_work 
_refine_ls_shell.percent_reflns_obs 
_refine_ls_shell.percent_reflns_R_free 
_refine_ls_shell.R_factor_all 
_refine_ls_shell.R_factor_obs 
_refine_ls_shell.R_factor_R_free 
_refine_ls_shell.R_factor_R_free_error 
_refine_ls_shell.R_factor_R_work 
_refine_ls_shell.redundancy_reflns_all 
_refine_ls_shell.redundancy_reflns_obs 
_refine_ls_shell.wR_factor_all 
_refine_ls_shell.wR_factor_obs 
_refine_ls_shell.wR_factor_R_free 
_refine_ls_shell.wR_factor_R_work 
_refine_ls_shell.pdbx_total_number_of_bins_used 
_refine_ls_shell.pdbx_phase_error 
_refine_ls_shell.pdbx_fsc_work 
_refine_ls_shell.pdbx_fsc_free 
'X-RAY DIFFRACTION' 2.2001 2.4215 . . 154 2841 98.00  . . . 0.3382 . 0.2948 . . . . . . . . . . 
'X-RAY DIFFRACTION' 2.4215 2.7719 . . 131 2916 99.00  . . . 0.3546 . 0.2826 . . . . . . . . . . 
'X-RAY DIFFRACTION' 2.7719 3.4920 . . 167 2936 99.00  . . . 0.2910 . 0.2456 . . . . . . . . . . 
'X-RAY DIFFRACTION' 3.4920 44.25  . . 178 3131 100.00 . . . 0.1931 . 0.1796 . . . . . . . . . . 
# 
_struct.entry_id                     5FEF 
_struct.title                        'Crystal structure of the allergen profilin (Zea m 12)' 
_struct.pdbx_model_details           ? 
_struct.pdbx_formula_weight          ? 
_struct.pdbx_formula_weight_method   ? 
_struct.pdbx_model_type_details      ? 
_struct.pdbx_CASP_flag               ? 
# 
_struct_keywords.entry_id        5FEF 
_struct_keywords.text            'Actin-binding protein, Allergen, Allergy, Cross-reactivity, Zea m 12' 
_struct_keywords.pdbx_keywords   ALLERGEN 
# 
loop_
_struct_asym.id 
_struct_asym.pdbx_blank_PDB_chainid_flag 
_struct_asym.pdbx_modified 
_struct_asym.entity_id 
_struct_asym.details 
A N N 1 ? 
B N N 2 ? 
C N N 2 ? 
D N N 2 ? 
E N N 2 ? 
F N N 2 ? 
G N N 3 ? 
# 
loop_
_struct_conf.conf_type_id 
_struct_conf.id 
_struct_conf.pdbx_PDB_helix_id 
_struct_conf.beg_label_comp_id 
_struct_conf.beg_label_asym_id 
_struct_conf.beg_label_seq_id 
_struct_conf.pdbx_beg_PDB_ins_code 
_struct_conf.end_label_comp_id 
_struct_conf.end_label_asym_id 
_struct_conf.end_label_seq_id 
_struct_conf.pdbx_end_PDB_ins_code 
_struct_conf.beg_auth_comp_id 
_struct_conf.beg_auth_asym_id 
_struct_conf.beg_auth_seq_id 
_struct_conf.end_auth_comp_id 
_struct_conf.end_auth_asym_id 
_struct_conf.end_auth_seq_id 
_struct_conf.pdbx_PDB_helix_class 
_struct_conf.details 
_struct_conf.pdbx_PDB_helix_length 
HELX_P HELX_P1 AA1 SER A 3   ? LEU A 12  ? SER A 2   LEU A 11  1 ? 10 
HELX_P HELX_P2 AA2 GLU A 46  ? GLU A 57  ? GLU A 45  GLU A 56  1 ? 12 
HELX_P HELX_P3 AA3 THR A 60  ? GLY A 65  ? THR A 59  GLY A 64  1 ? 6  
HELX_P HELX_P4 AA4 THR A 112 ? GLY A 131 ? THR A 111 GLY A 130 1 ? 20 
# 
_struct_conf_type.id          HELX_P 
_struct_conf_type.criteria    ? 
_struct_conf_type.reference   ? 
# 
_struct_mon_prot_cis.pdbx_id                1 
_struct_mon_prot_cis.label_comp_id          GLU 
_struct_mon_prot_cis.label_seq_id           109 
_struct_mon_prot_cis.label_asym_id          A 
_struct_mon_prot_cis.label_alt_id           . 
_struct_mon_prot_cis.pdbx_PDB_ins_code      ? 
_struct_mon_prot_cis.auth_comp_id           GLU 
_struct_mon_prot_cis.auth_seq_id            108 
_struct_mon_prot_cis.auth_asym_id           A 
_struct_mon_prot_cis.pdbx_label_comp_id_2   PRO 
_struct_mon_prot_cis.pdbx_label_seq_id_2    110 
_struct_mon_prot_cis.pdbx_label_asym_id_2   A 
_struct_mon_prot_cis.pdbx_PDB_ins_code_2    ? 
_struct_mon_prot_cis.pdbx_auth_comp_id_2    PRO 
_struct_mon_prot_cis.pdbx_auth_seq_id_2     109 
_struct_mon_prot_cis.pdbx_auth_asym_id_2    A 
_struct_mon_prot_cis.pdbx_PDB_model_num     1 
_struct_mon_prot_cis.pdbx_omega_angle       5.08 
# 
_struct_sheet.id               AA1 
_struct_sheet.type             ? 
_struct_sheet.number_strands   7 
_struct_sheet.details          ? 
# 
loop_
_struct_sheet_order.sheet_id 
_struct_sheet_order.range_id_1 
_struct_sheet_order.range_id_2 
_struct_sheet_order.offset 
_struct_sheet_order.sense 
AA1 1 2 ? anti-parallel 
AA1 2 3 ? anti-parallel 
AA1 3 4 ? anti-parallel 
AA1 4 5 ? anti-parallel 
AA1 5 6 ? anti-parallel 
AA1 6 7 ? anti-parallel 
# 
loop_
_struct_sheet_range.sheet_id 
_struct_sheet_range.id 
_struct_sheet_range.beg_label_comp_id 
_struct_sheet_range.beg_label_asym_id 
_struct_sheet_range.beg_label_seq_id 
_struct_sheet_range.pdbx_beg_PDB_ins_code 
_struct_sheet_range.end_label_comp_id 
_struct_sheet_range.end_label_asym_id 
_struct_sheet_range.end_label_seq_id 
_struct_sheet_range.pdbx_end_PDB_ins_code 
_struct_sheet_range.beg_auth_comp_id 
_struct_sheet_range.beg_auth_asym_id 
_struct_sheet_range.beg_auth_seq_id 
_struct_sheet_range.end_auth_comp_id 
_struct_sheet_range.end_auth_asym_id 
_struct_sheet_range.end_auth_seq_id 
AA1 1 VAL A 33  ? GLN A 36  ? VAL A 32  GLN A 35  
AA1 2 ALA A 23  ? GLY A 28  ? ALA A 22  GLY A 27  
AA1 3 SER A 101 ? TYR A 107 ? SER A 100 TYR A 106 
AA1 4 GLY A 91  ? LYS A 97  ? GLY A 90  LYS A 96  
AA1 5 VAL A 83  ? LYS A 88  ? VAL A 82  LYS A 87  
AA1 6 THR A 71  ? GLU A 79  ? THR A 70  GLU A 78  
AA1 7 LEU A 66  ? VAL A 68  ? LEU A 65  VAL A 67  
# 
loop_
_pdbx_struct_sheet_hbond.sheet_id 
_pdbx_struct_sheet_hbond.range_id_1 
_pdbx_struct_sheet_hbond.range_id_2 
_pdbx_struct_sheet_hbond.range_1_label_atom_id 
_pdbx_struct_sheet_hbond.range_1_label_comp_id 
_pdbx_struct_sheet_hbond.range_1_label_asym_id 
_pdbx_struct_sheet_hbond.range_1_label_seq_id 
_pdbx_struct_sheet_hbond.range_1_PDB_ins_code 
_pdbx_struct_sheet_hbond.range_1_auth_atom_id 
_pdbx_struct_sheet_hbond.range_1_auth_comp_id 
_pdbx_struct_sheet_hbond.range_1_auth_asym_id 
_pdbx_struct_sheet_hbond.range_1_auth_seq_id 
_pdbx_struct_sheet_hbond.range_2_label_atom_id 
_pdbx_struct_sheet_hbond.range_2_label_comp_id 
_pdbx_struct_sheet_hbond.range_2_label_asym_id 
_pdbx_struct_sheet_hbond.range_2_label_seq_id 
_pdbx_struct_sheet_hbond.range_2_PDB_ins_code 
_pdbx_struct_sheet_hbond.range_2_auth_atom_id 
_pdbx_struct_sheet_hbond.range_2_auth_comp_id 
_pdbx_struct_sheet_hbond.range_2_auth_asym_id 
_pdbx_struct_sheet_hbond.range_2_auth_seq_id 
AA1 1 2 O ALA A 35  ? O ALA A 34  N ILE A 26  ? N ILE A 25  
AA1 2 3 N ALA A 25  ? N ALA A 24  O ILE A 104 ? O ILE A 103 
AA1 3 4 O ILE A 103 ? O ILE A 102 N LYS A 96  ? N LYS A 95  
AA1 4 5 O ILE A 95  ? O ILE A 94  N ILE A 84  ? N ILE A 83  
AA1 5 6 O LYS A 87  ? O LYS A 86  N MET A 74  ? N MET A 73  
AA1 6 7 O TYR A 73  ? O TYR A 72  N LEU A 66  ? N LEU A 65  
# 
loop_
_struct_site.id 
_struct_site.pdbx_evidence_code 
_struct_site.pdbx_auth_asym_id 
_struct_site.pdbx_auth_comp_id 
_struct_site.pdbx_auth_seq_id 
_struct_site.pdbx_auth_ins_code 
_struct_site.pdbx_num_residues 
_struct_site.details 
AC1 Software A GOL 201 ? 10 'binding site for residue GOL A 201' 
AC2 Software A GOL 202 ? 5  'binding site for residue GOL A 202' 
AC3 Software A GOL 203 ? 4  'binding site for residue GOL A 203' 
AC4 Software A GOL 204 ? 5  'binding site for residue GOL A 204' 
AC5 Software A GOL 205 ? 3  'binding site for residue GOL A 205' 
# 
loop_
_struct_site_gen.id 
_struct_site_gen.site_id 
_struct_site_gen.pdbx_num_res 
_struct_site_gen.label_comp_id 
_struct_site_gen.label_asym_id 
_struct_site_gen.label_seq_id 
_struct_site_gen.pdbx_auth_ins_code 
_struct_site_gen.auth_comp_id 
_struct_site_gen.auth_asym_id 
_struct_site_gen.auth_seq_id 
_struct_site_gen.label_atom_id 
_struct_site_gen.label_alt_id 
_struct_site_gen.symmetry 
_struct_site_gen.details 
1  AC1 10 ASP A 54  ? ASP A 53  . ? 1_555 ? 
2  AC1 10 PHE A 55  ? PHE A 54  . ? 1_555 ? 
3  AC1 10 PRO A 58  ? PRO A 57  . ? 1_555 ? 
4  AC1 10 GLY A 59  ? GLY A 58  . ? 1_555 ? 
5  AC1 10 GLY A 78  ? GLY A 77  . ? 1_555 ? 
6  AC1 10 GLU A 79  ? GLU A 78  . ? 1_555 ? 
7  AC1 10 PRO A 80  ? PRO A 79  . ? 1_555 ? 
8  AC1 10 GLY A 81  ? GLY A 80  . ? 1_555 ? 
9  AC1 10 VAL A 83  ? VAL A 82  . ? 1_555 ? 
10 AC1 10 HOH G .   ? HOH A 313 . ? 1_555 ? 
11 AC2 5  GLY A 1   ? GLY A 0   . ? 6_445 ? 
12 AC2 5  MET A 2   ? MET A 1   . ? 6_445 ? 
13 AC2 5  CYS A 14  ? CYS A 13  . ? 3_444 ? 
14 AC2 5  ASP A 15  ? ASP A 14  . ? 3_444 ? 
15 AC2 5  LYS A 72  ? LYS A 71  . ? 1_555 ? 
16 AC3 4  MET A 2   ? MET A 1   . ? 6_445 ? 
17 AC3 4  TRP A 4   ? TRP A 3   . ? 6_445 ? 
18 AC3 4  MET A 74  ? MET A 73  . ? 1_555 ? 
19 AC3 4  HOH G .   ? HOH A 302 . ? 1_555 ? 
20 AC4 5  MET A 118 ? MET A 117 . ? 8_555 ? 
21 AC4 5  ARG A 122 ? ARG A 121 . ? 8_555 ? 
22 AC4 5  GLU A 129 ? GLU A 128 . ? 1_555 ? 
23 AC4 5  GLN A 130 ? GLN A 129 . ? 1_555 ? 
24 AC4 5  HOH G .   ? HOH A 324 . ? 1_555 ? 
25 AC5 3  HIS A 29  ? HIS A 28  . ? 1_555 ? 
26 AC5 3  LYS A 97  ? LYS A 96  . ? 1_555 ? 
27 AC5 3  HOH G .   ? HOH A 320 . ? 1_555 ? 
# 
_atom_sites.entry_id                    5FEF 
_atom_sites.fract_transf_matrix[1][1]   -0.00307027 
_atom_sites.fract_transf_matrix[1][2]   -0.01671591 
_atom_sites.fract_transf_matrix[1][3]   -0.00174616 
_atom_sites.fract_transf_matrix[2][1]   0.01554954 
_atom_sites.fract_transf_matrix[2][2]   -0.00349885 
_atom_sites.fract_transf_matrix[2][3]   0.00615363 
_atom_sites.fract_transf_matrix[3][1]   -0.00276150 
_atom_sites.fract_transf_matrix[3][2]   -0.00020929 
_atom_sites.fract_transf_matrix[3][3]   0.00685900 
_atom_sites.fract_transf_vector[1]      0.172409 
_atom_sites.fract_transf_vector[2]      -0.270680 
_atom_sites.fract_transf_vector[3]      0.135420 
# 
loop_
_atom_type.symbol 
C 
N 
O 
S 
# 
loop_
_atom_site.group_PDB 
_atom_site.id 
_atom_site.type_symbol 
_atom_site.label_atom_id 
_atom_site.label_alt_id 
_atom_site.label_comp_id 
_atom_site.label_asym_id 
_atom_site.label_entity_id 
_atom_site.label_seq_id 
_atom_site.pdbx_PDB_ins_code 
_atom_site.Cartn_x 
_atom_site.Cartn_y 
_atom_site.Cartn_z 
_atom_site.occupancy 
_atom_site.B_iso_or_equiv 
_atom_site.pdbx_formal_charge 
_atom_site.auth_seq_id 
_atom_site.auth_comp_id 
_atom_site.auth_asym_id 
_atom_site.auth_atom_id 
_atom_site.pdbx_PDB_model_num 
ATOM   1    N N   . GLY A 1 1   ? -11.175 -17.516 13.417  1.00 63.61  ? 0   GLY A N   1 
ATOM   2    C CA  . GLY A 1 1   ? -9.840  -16.949 13.454  1.00 65.71  ? 0   GLY A CA  1 
ATOM   3    C C   . GLY A 1 1   ? -9.667  -15.954 12.328  1.00 61.27  ? 0   GLY A C   1 
ATOM   4    O O   . GLY A 1 1   ? -10.564 -15.815 11.490  1.00 58.47  ? 0   GLY A O   1 
ATOM   5    N N   . MET A 1 2   ? -8.527  -15.265 12.290  1.00 57.31  ? 1   MET A N   1 
ATOM   6    C CA  . MET A 1 2   ? -8.335  -14.204 11.307  1.00 55.07  ? 1   MET A CA  1 
ATOM   7    C C   . MET A 1 2   ? -7.852  -14.714 9.944   1.00 52.66  ? 1   MET A C   1 
ATOM   8    O O   . MET A 1 2   ? -7.160  -15.721 9.852   1.00 60.45  ? 1   MET A O   1 
ATOM   9    C CB  . MET A 1 2   ? -7.358  -13.163 11.835  1.00 53.27  ? 1   MET A CB  1 
ATOM   10   C CG  . MET A 1 2   ? -7.599  -11.763 11.242  1.00 54.70  ? 1   MET A CG  1 
ATOM   11   S SD  . MET A 1 2   ? -9.274  -11.086 11.476  1.00 73.83  ? 1   MET A SD  1 
ATOM   12   C CE  . MET A 1 2   ? -9.106  -9.417  10.831  1.00 47.36  ? 1   MET A CE  1 
ATOM   13   N N   . SER A 1 3   ? -8.248  -14.013 8.890   1.00 47.00  ? 2   SER A N   1 
ATOM   14   C CA  . SER A 1 3   ? -7.802  -14.314 7.531   1.00 46.31  ? 2   SER A CA  1 
ATOM   15   C C   . SER A 1 3   ? -7.280  -13.060 6.823   1.00 43.22  ? 2   SER A C   1 
ATOM   16   O O   . SER A 1 3   ? -7.678  -11.941 7.158   1.00 34.17  ? 2   SER A O   1 
ATOM   17   C CB  . SER A 1 3   ? -8.950  -14.913 6.724   1.00 38.97  ? 2   SER A CB  1 
ATOM   18   O OG  . SER A 1 3   ? -9.850  -13.899 6.331   1.00 38.59  ? 2   SER A OG  1 
ATOM   19   N N   . TRP A 1 4   ? -6.433  -13.250 5.815   1.00 38.76  ? 3   TRP A N   1 
ATOM   20   C CA  . TRP A 1 4   ? -5.886  -12.117 5.070   1.00 39.07  ? 3   TRP A CA  1 
ATOM   21   C C   . TRP A 1 4   ? -6.971  -11.338 4.366   1.00 36.86  ? 3   TRP A C   1 
ATOM   22   O O   . TRP A 1 4   ? -6.881  -10.122 4.282   1.00 36.82  ? 3   TRP A O   1 
ATOM   23   C CB  . TRP A 1 4   ? -4.805  -12.572 4.077   1.00 37.76  ? 3   TRP A CB  1 
ATOM   24   C CG  . TRP A 1 4   ? -3.634  -13.091 4.827   1.00 37.72  ? 3   TRP A CG  1 
ATOM   25   C CD1 . TRP A 1 4   ? -3.169  -14.370 4.849   1.00 38.59  ? 3   TRP A CD1 1 
ATOM   26   C CD2 . TRP A 1 4   ? -2.835  -12.359 5.756   1.00 38.78  ? 3   TRP A CD2 1 
ATOM   27   N NE1 . TRP A 1 4   ? -2.105  -14.474 5.711   1.00 38.31  ? 3   TRP A NE1 1 
ATOM   28   C CE2 . TRP A 1 4   ? -1.882  -13.249 6.282   1.00 42.38  ? 3   TRP A CE2 1 
ATOM   29   C CE3 . TRP A 1 4   ? -2.825  -11.026 6.184   1.00 39.77  ? 3   TRP A CE3 1 
ATOM   30   C CZ2 . TRP A 1 4   ? -0.927  -12.853 7.211   1.00 44.51  ? 3   TRP A CZ2 1 
ATOM   31   C CZ3 . TRP A 1 4   ? -1.881  -10.637 7.115   1.00 39.79  ? 3   TRP A CZ3 1 
ATOM   32   C CH2 . TRP A 1 4   ? -0.943  -11.543 7.616   1.00 40.27  ? 3   TRP A CH2 1 
ATOM   33   N N   . GLN A 1 5   ? -8.011  -12.011 3.887   1.00 37.32  ? 4   GLN A N   1 
ATOM   34   C CA  . GLN A 1 5   ? -9.114  -11.295 3.249   1.00 32.94  ? 4   GLN A CA  1 
ATOM   35   C C   . GLN A 1 5   ? -9.840  -10.437 4.278   1.00 39.74  ? 4   GLN A C   1 
ATOM   36   O O   . GLN A 1 5   ? -10.345 -9.350  3.957   1.00 36.48  ? 4   GLN A O   1 
ATOM   37   C CB  . GLN A 1 5   ? -10.108 -12.255 2.605   1.00 35.97  ? 4   GLN A CB  1 
ATOM   38   C CG  . GLN A 1 5   ? -11.166 -11.566 1.746   1.00 35.45  ? 4   GLN A CG  1 
ATOM   39   C CD  . GLN A 1 5   ? -10.599 -11.022 0.431   1.00 42.14  ? 4   GLN A CD  1 
ATOM   40   O OE1 . GLN A 1 5   ? -9.976  -11.747 -0.348  1.00 43.26  ? 4   GLN A OE1 1 
ATOM   41   N NE2 . GLN A 1 5   ? -10.806 -9.741  0.193   1.00 42.30  ? 4   GLN A NE2 1 
ATOM   42   N N   . ALA A 1 6   ? -9.911  -10.931 5.513   1.00 33.95  ? 5   ALA A N   1 
ATOM   43   C CA  . ALA A 1 6   ? -10.606 -10.184 6.570   1.00 40.11  ? 5   ALA A CA  1 
ATOM   44   C C   . ALA A 1 6   ? -9.870  -8.878  6.842   1.00 37.59  ? 5   ALA A C   1 
ATOM   45   O O   . ALA A 1 6   ? -10.501 -7.819  6.975   1.00 33.49  ? 5   ALA A O   1 
ATOM   46   C CB  . ALA A 1 6   ? -10.711 -11.008 7.850   1.00 36.47  ? 5   ALA A CB  1 
ATOM   47   N N   . TYR A 1 7   ? -8.539  -8.969  6.925   1.00 33.04  ? 6   TYR A N   1 
ATOM   48   C CA  . TYR A 1 7   ? -7.687  -7.800  7.132   1.00 35.30  ? 6   TYR A CA  1 
ATOM   49   C C   . TYR A 1 7   ? -7.914  -6.765  6.045   1.00 38.03  ? 6   TYR A C   1 
ATOM   50   O O   . TYR A 1 7   ? -8.048  -5.576  6.343   1.00 35.82  ? 6   TYR A O   1 
ATOM   51   C CB  . TYR A 1 7   ? -6.213  -8.194  7.180   1.00 32.64  ? 6   TYR A CB  1 
ATOM   52   C CG  . TYR A 1 7   ? -5.742  -8.578  8.576   1.00 31.33  ? 6   TYR A CG  1 
ATOM   53   C CD1 . TYR A 1 7   ? -5.735  -7.648  9.616   1.00 37.89  ? 6   TYR A CD1 1 
ATOM   54   C CD2 . TYR A 1 7   ? -5.304  -9.859  8.855   1.00 39.61  ? 6   TYR A CD2 1 
ATOM   55   C CE1 . TYR A 1 7   ? -5.303  -8.002  10.903  1.00 36.05  ? 6   TYR A CE1 1 
ATOM   56   C CE2 . TYR A 1 7   ? -4.868  -10.217 10.127  1.00 41.87  ? 6   TYR A CE2 1 
ATOM   57   C CZ  . TYR A 1 7   ? -4.875  -9.292  11.151  1.00 40.45  ? 6   TYR A CZ  1 
ATOM   58   O OH  . TYR A 1 7   ? -4.428  -9.667  12.409  1.00 39.33  ? 6   TYR A OH  1 
ATOM   59   N N   . VAL A 1 8   ? -7.981  -7.206  4.790   1.00 34.88  ? 7   VAL A N   1 
ATOM   60   C CA  . VAL A 1 8   ? -8.263  -6.271  3.707   1.00 36.52  ? 7   VAL A CA  1 
ATOM   61   C C   . VAL A 1 8   ? -9.649  -5.663  3.858   1.00 38.63  ? 7   VAL A C   1 
ATOM   62   O O   . VAL A 1 8   ? -9.801  -4.436  3.923   1.00 38.76  ? 7   VAL A O   1 
ATOM   63   C CB  . VAL A 1 8   ? -8.181  -6.932  2.327   1.00 36.04  ? 7   VAL A CB  1 
ATOM   64   C CG1 . VAL A 1 8   ? -8.763  -6.013  1.302   1.00 37.38  ? 7   VAL A CG1 1 
ATOM   65   C CG2 . VAL A 1 8   ? -6.766  -7.258  1.982   1.00 32.49  ? 7   VAL A CG2 1 
ATOM   66   N N   . ASP A 1 9   ? -10.660 -6.527  3.940   1.00 38.55  ? 8   ASP A N   1 
ATOM   67   C CA  . ASP A 1 9   ? -12.061 -6.086  3.958   1.00 38.75  ? 8   ASP A CA  1 
ATOM   68   C C   . ASP A 1 9   ? -12.468 -5.279  5.191   1.00 41.62  ? 8   ASP A C   1 
ATOM   69   O O   . ASP A 1 9   ? -13.294 -4.362  5.086   1.00 45.33  ? 8   ASP A O   1 
ATOM   70   C CB  . ASP A 1 9   ? -13.012 -7.288  3.855   1.00 44.74  ? 8   ASP A CB  1 
ATOM   71   C CG  . ASP A 1 9   ? -12.949 -7.992  2.504   1.00 47.85  ? 8   ASP A CG  1 
ATOM   72   O OD1 . ASP A 1 9   ? -12.243 -7.508  1.586   1.00 47.78  ? 8   ASP A OD1 1 
ATOM   73   O OD2 . ASP A 1 9   ? -13.629 -9.038  2.364   1.00 51.22  ? 8   ASP A OD2 1 
ATOM   74   N N   . ASP A 1 10  ? -11.926 -5.627  6.358   1.00 39.52  ? 9   ASP A N   1 
ATOM   75   C CA  . ASP A 1 10  ? -12.410 -5.025  7.601   1.00 43.46  ? 9   ASP A CA  1 
ATOM   76   C C   . ASP A 1 10  ? -11.440 -4.011  8.216   1.00 41.71  ? 9   ASP A C   1 
ATOM   77   O O   . ASP A 1 10  ? -11.850 -3.184  9.025   1.00 42.94  ? 9   ASP A O   1 
ATOM   78   C CB  . ASP A 1 10  ? -12.734 -6.119  8.619   1.00 43.88  ? 9   ASP A CB  1 
ATOM   79   C CG  . ASP A 1 10  ? -13.840 -7.052  8.143   1.00 48.54  ? 9   ASP A CG  1 
ATOM   80   O OD1 . ASP A 1 10  ? -14.690 -6.627  7.329   1.00 49.63  ? 9   ASP A OD1 1 
ATOM   81   O OD2 . ASP A 1 10  ? -13.861 -8.218  8.588   1.00 52.71  ? 9   ASP A OD2 1 
ATOM   82   N N   . HIS A 1 11  ? -10.170 -4.062  7.816   1.00 38.91  ? 10  HIS A N   1 
ATOM   83   C CA  . HIS A 1 11  ? -9.140  -3.185  8.378   1.00 36.32  ? 10  HIS A CA  1 
ATOM   84   C C   . HIS A 1 11  ? -8.513  -2.225  7.375   1.00 41.86  ? 10  HIS A C   1 
ATOM   85   O O   . HIS A 1 11  ? -7.887  -1.250  7.782   1.00 46.25  ? 10  HIS A O   1 
ATOM   86   C CB  . HIS A 1 11  ? -8.016  -4.022  9.012   1.00 36.97  ? 10  HIS A CB  1 
ATOM   87   C CG  . HIS A 1 11  ? -8.441  -4.801  10.216  1.00 41.95  ? 10  HIS A CG  1 
ATOM   88   N ND1 . HIS A 1 11  ? -8.124  -4.415  11.501  1.00 36.73  ? 10  HIS A ND1 1 
ATOM   89   C CD2 . HIS A 1 11  ? -9.179  -5.930  10.336  1.00 46.39  ? 10  HIS A CD2 1 
ATOM   90   C CE1 . HIS A 1 11  ? -8.633  -5.279  12.358  1.00 42.29  ? 10  HIS A CE1 1 
ATOM   91   N NE2 . HIS A 1 11  ? -9.278  -6.211  11.678  1.00 44.15  ? 10  HIS A NE2 1 
ATOM   92   N N   . LEU A 1 12  ? -8.608  -2.510  6.077   1.00 35.02  ? 11  LEU A N   1 
ATOM   93   C CA  . LEU A 1 12  ? -8.079  -1.569  5.084   1.00 36.11  ? 11  LEU A CA  1 
ATOM   94   C C   . LEU A 1 12  ? -9.221  -0.820  4.387   1.00 39.48  ? 11  LEU A C   1 
ATOM   95   O O   . LEU A 1 12  ? -9.126  0.386   4.155   1.00 38.57  ? 11  LEU A O   1 
ATOM   96   C CB  . LEU A 1 12  ? -7.200  -2.282  4.050   1.00 33.70  ? 11  LEU A CB  1 
ATOM   97   C CG  . LEU A 1 12  ? -5.880  -2.848  4.568   1.00 33.46  ? 11  LEU A CG  1 
ATOM   98   C CD1 . LEU A 1 12  ? -5.080  -3.491  3.437   1.00 31.28  ? 11  LEU A CD1 1 
ATOM   99   C CD2 . LEU A 1 12  ? -5.070  -1.764  5.234   1.00 33.12  ? 11  LEU A CD2 1 
ATOM   100  N N   . LEU A 1 13  ? -10.298 -1.540  4.079   1.00 35.93  ? 12  LEU A N   1 
ATOM   101  C CA  . LEU A 1 13  ? -11.449 -0.975  3.371   1.00 40.73  ? 12  LEU A CA  1 
ATOM   102  C C   . LEU A 1 13  ? -12.489 -0.357  4.303   1.00 46.67  ? 12  LEU A C   1 
ATOM   103  O O   . LEU A 1 13  ? -13.578 0.020   3.876   1.00 52.21  ? 12  LEU A O   1 
ATOM   104  C CB  . LEU A 1 13  ? -12.121 -2.046  2.524   1.00 42.10  ? 12  LEU A CB  1 
ATOM   105  C CG  . LEU A 1 13  ? -11.749 -2.161  1.045   1.00 47.85  ? 12  LEU A CG  1 
ATOM   106  C CD1 . LEU A 1 13  ? -10.303 -1.833  0.795   1.00 38.05  ? 12  LEU A CD1 1 
ATOM   107  C CD2 . LEU A 1 13  ? -12.079 -3.558  0.549   1.00 50.06  ? 12  LEU A CD2 1 
ATOM   108  N N   . CYS A 1 14  ? -12.152 -0.255  5.577   1.00 45.21  ? 13  CYS A N   1 
ATOM   109  C CA  . CYS A 1 14  ? -13.075 0.246   6.577   1.00 50.78  ? 13  CYS A CA  1 
ATOM   110  C C   . CYS A 1 14  ? -13.195 1.757   6.501   1.00 52.27  ? 13  CYS A C   1 
ATOM   111  O O   . CYS A 1 14  ? -12.262 2.451   6.081   1.00 49.94  ? 13  CYS A O   1 
ATOM   112  C CB  . CYS A 1 14  ? -12.615 -0.171  7.976   1.00 44.18  ? 13  CYS A CB  1 
ATOM   113  S SG  . CYS A 1 14  ? -10.936 0.400   8.335   1.00 57.60  ? 13  CYS A SG  1 
ATOM   114  N N   . ASP A 1 15  ? -14.354 2.258   6.909   1.00 58.14  ? 14  ASP A N   1 
ATOM   115  C CA  . ASP A 1 15  ? -14.566 3.689   7.068   1.00 61.38  ? 14  ASP A CA  1 
ATOM   116  C C   . ASP A 1 15  ? -13.517 4.355   7.978   1.00 57.82  ? 14  ASP A C   1 
ATOM   117  O O   . ASP A 1 15  ? -13.319 3.937   9.116   1.00 53.16  ? 14  ASP A O   1 
ATOM   118  C CB  . ASP A 1 15  ? -15.971 3.925   7.624   1.00 71.34  ? 14  ASP A CB  1 
ATOM   119  C CG  . ASP A 1 15  ? -16.376 5.387   7.608   1.00 73.87  ? 14  ASP A CG  1 
ATOM   120  O OD1 . ASP A 1 15  ? -15.930 6.147   8.505   1.00 70.25  ? 14  ASP A OD1 1 
ATOM   121  O OD2 . ASP A 1 15  ? -17.148 5.770   6.699   1.00 76.69  ? 14  ASP A OD2 1 
ATOM   122  N N   . ILE A 1 16  ? -12.832 5.376   7.463   1.00 57.62  ? 15  ILE A N   1 
ATOM   123  C CA  . ILE A 1 16  ? -12.064 6.290   8.314   1.00 56.00  ? 15  ILE A CA  1 
ATOM   124  C C   . ILE A 1 16  ? -12.493 7.743   8.041   1.00 55.62  ? 15  ILE A C   1 
ATOM   125  O O   . ILE A 1 16  ? -12.365 8.241   6.913   1.00 53.98  ? 15  ILE A O   1 
ATOM   126  C CB  . ILE A 1 16  ? -10.529 6.134   8.120   1.00 55.38  ? 15  ILE A CB  1 
ATOM   127  C CG1 . ILE A 1 16  ? -9.779  7.192   8.935   1.00 51.93  ? 15  ILE A CG1 1 
ATOM   128  C CG2 . ILE A 1 16  ? -10.140 6.204   6.646   1.00 48.57  ? 15  ILE A CG2 1 
ATOM   129  C CD1 . ILE A 1 16  ? -8.291  6.945   9.040   1.00 47.58  ? 15  ILE A CD1 1 
ATOM   130  N N   . GLU A 1 17  ? -13.027 8.399   9.075   1.00 51.66  ? 16  GLU A N   1 
ATOM   131  C CA  . GLU A 1 17  ? -13.544 9.767   8.972   1.00 55.83  ? 16  GLU A CA  1 
ATOM   132  C C   . GLU A 1 17  ? -14.548 9.910   7.818   1.00 60.13  ? 16  GLU A C   1 
ATOM   133  O O   . GLU A 1 17  ? -14.557 10.913  7.093   1.00 59.98  ? 16  GLU A O   1 
ATOM   134  C CB  . GLU A 1 17  ? -12.388 10.759  8.810   1.00 52.32  ? 16  GLU A CB  1 
ATOM   135  C CG  . GLU A 1 17  ? -11.520 10.875  10.059  1.00 57.62  ? 16  GLU A CG  1 
ATOM   136  C CD  . GLU A 1 17  ? -10.227 11.655  9.834   1.00 62.80  ? 16  GLU A CD  1 
ATOM   137  O OE1 . GLU A 1 17  ? -9.399  11.700  10.772  1.00 67.15  ? 16  GLU A OE1 1 
ATOM   138  O OE2 . GLU A 1 17  ? -10.030 12.211  8.727   1.00 60.68  ? 16  GLU A OE2 1 
ATOM   139  N N   . GLY A 1 18  ? -15.380 8.886   7.643   1.00 57.67  ? 17  GLY A N   1 
ATOM   140  C CA  . GLY A 1 18  ? -16.392 8.890   6.601   1.00 53.90  ? 17  GLY A CA  1 
ATOM   141  C C   . GLY A 1 18  ? -15.887 8.588   5.203   1.00 58.42  ? 17  GLY A C   1 
ATOM   142  O O   . GLY A 1 18  ? -16.640 8.707   4.238   1.00 58.66  ? 17  GLY A O   1 
ATOM   143  N N   . GLN A 1 19  ? -14.623 8.182   5.083   1.00 57.79  ? 18  GLN A N   1 
ATOM   144  C CA  A GLN A 1 19  ? -13.987 7.915   3.790   0.63 55.22  ? 18  GLN A CA  1 
ATOM   145  C CA  B GLN A 1 19  ? -14.095 7.864   3.764   0.37 55.26  ? 18  GLN A CA  1 
ATOM   146  C C   . GLN A 1 19  ? -13.430 6.493   3.722   1.00 54.67  ? 18  GLN A C   1 
ATOM   147  O O   . GLN A 1 19  ? -12.974 5.972   4.737   1.00 58.19  ? 18  GLN A O   1 
ATOM   148  C CB  A GLN A 1 19  ? -12.854 8.920   3.537   0.63 53.88  ? 18  GLN A CB  1 
ATOM   149  C CB  B GLN A 1 19  ? -13.118 8.946   3.311   0.37 54.14  ? 18  GLN A CB  1 
ATOM   150  C CG  A GLN A 1 19  ? -13.191 10.373  3.872   0.63 53.24  ? 18  GLN A CG  1 
ATOM   151  C CG  B GLN A 1 19  ? -12.846 8.930   1.820   0.37 53.48  ? 18  GLN A CG  1 
ATOM   152  C CD  A GLN A 1 19  ? -14.125 11.000  2.860   0.63 51.43  ? 18  GLN A CD  1 
ATOM   153  C CD  B GLN A 1 19  ? -14.096 8.988   0.974   0.37 52.01  ? 18  GLN A CD  1 
ATOM   154  O OE1 A GLN A 1 19  ? -14.270 10.505  1.746   0.63 51.23  ? 18  GLN A OE1 1 
ATOM   155  O OE1 B GLN A 1 19  ? -15.044 9.701   1.299   0.37 53.00  ? 18  GLN A OE1 1 
ATOM   156  N NE2 A GLN A 1 19  ? -14.771 12.091  3.247   0.63 51.42  ? 18  GLN A NE2 1 
ATOM   157  N NE2 B GLN A 1 19  ? -14.100 8.242   -0.125  0.37 47.52  ? 18  GLN A NE2 1 
ATOM   158  N N   . HIS A 1 20  ? -13.418 5.893   2.531   1.00 53.30  ? 19  HIS A N   1 
ATOM   159  C CA  . HIS A 1 20  ? -12.906 4.538   2.330   1.00 51.88  ? 19  HIS A CA  1 
ATOM   160  C C   . HIS A 1 20  ? -11.818 4.500   1.265   1.00 50.48  ? 19  HIS A C   1 
ATOM   161  O O   . HIS A 1 20  ? -11.881 5.251   0.297   1.00 50.55  ? 19  HIS A O   1 
ATOM   162  C CB  . HIS A 1 20  ? -14.043 3.599   1.914   1.00 55.48  ? 19  HIS A CB  1 
ATOM   163  C CG  . HIS A 1 20  ? -15.226 3.640   2.829   1.00 73.33  ? 19  HIS A CG  1 
ATOM   164  N ND1 . HIS A 1 20  ? -16.181 4.632   2.765   1.00 78.82  ? 19  HIS A ND1 1 
ATOM   165  C CD2 . HIS A 1 20  ? -15.608 2.813   3.834   1.00 77.86  ? 19  HIS A CD2 1 
ATOM   166  C CE1 . HIS A 1 20  ? -17.098 4.418   3.693   1.00 78.18  ? 19  HIS A CE1 1 
ATOM   167  N NE2 . HIS A 1 20  ? -16.775 3.320   4.356   1.00 77.21  ? 19  HIS A NE2 1 
ATOM   168  N N   . LEU A 1 21  ? -10.832 3.619   1.428   1.00 44.55  ? 20  LEU A N   1 
ATOM   169  C CA  . LEU A 1 21  ? -9.853  3.371   0.370   1.00 43.38  ? 20  LEU A CA  1 
ATOM   170  C C   . LEU A 1 21  ? -10.558 2.883   -0.887  1.00 46.51  ? 20  LEU A C   1 
ATOM   171  O O   . LEU A 1 21  ? -11.568 2.189   -0.806  1.00 49.03  ? 20  LEU A O   1 
ATOM   172  C CB  . LEU A 1 21  ? -8.815  2.330   0.792   1.00 38.69  ? 20  LEU A CB  1 
ATOM   173  C CG  . LEU A 1 21  ? -7.745  2.683   1.814   1.00 40.42  ? 20  LEU A CG  1 
ATOM   174  C CD1 . LEU A 1 21  ? -6.874  1.473   2.020   1.00 36.75  ? 20  LEU A CD1 1 
ATOM   175  C CD2 . LEU A 1 21  ? -6.914  3.839   1.318   1.00 37.82  ? 20  LEU A CD2 1 
ATOM   176  N N   . SER A 1 22  ? -10.018 3.236   -2.048  1.00 44.92  ? 21  SER A N   1 
ATOM   177  C CA  . SER A 1 22  ? -10.559 2.748   -3.315  1.00 45.29  ? 21  SER A CA  1 
ATOM   178  C C   . SER A 1 22  ? -10.262 1.272   -3.506  1.00 42.75  ? 21  SER A C   1 
ATOM   179  O O   . SER A 1 22  ? -11.110 0.519   -3.972  1.00 53.20  ? 21  SER A O   1 
ATOM   180  C CB  . SER A 1 22  ? -9.995  3.553   -4.489  1.00 46.47  ? 21  SER A CB  1 
ATOM   181  O OG  . SER A 1 22  ? -10.350 4.924   -4.387  1.00 51.55  ? 21  SER A OG  1 
ATOM   182  N N   . ALA A 1 23  ? -9.044  0.867   -3.154  1.00 39.83  ? 22  ALA A N   1 
ATOM   183  C CA  . ALA A 1 23  ? -8.636  -0.529  -3.241  1.00 41.54  ? 22  ALA A CA  1 
ATOM   184  C C   . ALA A 1 23  ? -7.460  -0.784  -2.309  1.00 40.73  ? 22  ALA A C   1 
ATOM   185  O O   . ALA A 1 23  ? -6.802  0.155   -1.876  1.00 32.91  ? 22  ALA A O   1 
ATOM   186  C CB  . ALA A 1 23  ? -8.272  -0.890  -4.658  1.00 42.90  ? 22  ALA A CB  1 
ATOM   187  N N   . ALA A 1 24  ? -7.192  -2.052  -2.003  1.00 39.15  ? 23  ALA A N   1 
ATOM   188  C CA  . ALA A 1 24  ? -6.103  -2.389  -1.095  1.00 34.83  ? 23  ALA A CA  1 
ATOM   189  C C   . ALA A 1 24  ? -5.665  -3.813  -1.306  1.00 33.98  ? 23  ALA A C   1 
ATOM   190  O O   . ALA A 1 24  ? -6.420  -4.624  -1.812  1.00 37.62  ? 23  ALA A O   1 
ATOM   191  C CB  . ALA A 1 24  ? -6.531  -2.173  0.395   1.00 31.06  ? 23  ALA A CB  1 
ATOM   192  N N   . ALA A 1 25  ? -4.451  -4.126  -0.881  1.00 34.32  ? 24  ALA A N   1 
ATOM   193  C CA  . ALA A 1 25  ? -3.990  -5.496  -0.881  1.00 33.85  ? 24  ALA A CA  1 
ATOM   194  C C   . ALA A 1 25  ? -2.896  -5.685  0.138   1.00 34.39  ? 24  ALA A C   1 
ATOM   195  O O   . ALA A 1 25  ? -2.283  -4.722  0.612   1.00 34.78  ? 24  ALA A O   1 
ATOM   196  C CB  . ALA A 1 25  ? -3.485  -5.882  -2.256  1.00 36.28  ? 24  ALA A CB  1 
ATOM   197  N N   . ILE A 1 26  ? -2.636  -6.943  0.454   1.00 32.68  ? 25  ILE A N   1 
ATOM   198  C CA  . ILE A 1 26  ? -1.502  -7.341  1.268   1.00 28.95  ? 25  ILE A CA  1 
ATOM   199  C C   . ILE A 1 26  ? -0.768  -8.338  0.408   1.00 35.54  ? 25  ILE A C   1 
ATOM   200  O O   . ILE A 1 26  ? -1.388  -9.266  -0.104  1.00 33.10  ? 25  ILE A O   1 
ATOM   201  C CB  . ILE A 1 26  ? -1.936  -7.978  2.594   1.00 24.80  ? 25  ILE A CB  1 
ATOM   202  C CG1 . ILE A 1 26  ? -2.857  -7.023  3.353   1.00 32.79  ? 25  ILE A CG1 1 
ATOM   203  C CG2 . ILE A 1 26  ? -0.723  -8.390  3.438   1.00 26.19  ? 25  ILE A CG2 1 
ATOM   204  C CD1 . ILE A 1 26  ? -3.227  -7.515  4.754   1.00 29.06  ? 25  ILE A CD1 1 
ATOM   205  N N   . VAL A 1 27  ? 0.528   -8.132  0.204   1.00 36.55  ? 26  VAL A N   1 
ATOM   206  C CA  . VAL A 1 27  ? 1.281   -8.968  -0.728  1.00 34.53  ? 26  VAL A CA  1 
ATOM   207  C C   . VAL A 1 27  ? 2.599   -9.369  -0.111  1.00 38.21  ? 26  VAL A C   1 
ATOM   208  O O   . VAL A 1 27  ? 3.236   -8.591  0.615   1.00 40.91  ? 26  VAL A O   1 
ATOM   209  C CB  . VAL A 1 27  ? 1.522   -8.248  -2.102  1.00 35.04  ? 26  VAL A CB  1 
ATOM   210  C CG1 . VAL A 1 27  ? 0.254   -7.545  -2.570  1.00 27.76  ? 26  VAL A CG1 1 
ATOM   211  C CG2 . VAL A 1 27  ? 2.645   -7.269  -2.016  1.00 38.41  ? 26  VAL A CG2 1 
ATOM   212  N N   . GLY A 1 28  ? 3.002   -10.607 -0.361  1.00 40.46  ? 27  GLY A N   1 
ATOM   213  C CA  . GLY A 1 28  ? 4.286   -11.065 0.117   1.00 41.14  ? 27  GLY A CA  1 
ATOM   214  C C   . GLY A 1 28  ? 5.362   -10.260 -0.579  1.00 41.96  ? 27  GLY A C   1 
ATOM   215  O O   . GLY A 1 28  ? 5.125   -9.669  -1.634  1.00 43.17  ? 27  GLY A O   1 
ATOM   216  N N   . HIS A 1 29  ? 6.533   -10.204 0.037   1.00 41.08  ? 28  HIS A N   1 
ATOM   217  C CA  . HIS A 1 29  ? 7.665   -9.521  -0.547  1.00 45.55  ? 28  HIS A CA  1 
ATOM   218  C C   . HIS A 1 29  ? 7.958   -10.072 -1.943  1.00 53.98  ? 28  HIS A C   1 
ATOM   219  O O   . HIS A 1 29  ? 8.342   -9.324  -2.840  1.00 50.92  ? 28  HIS A O   1 
ATOM   220  C CB  . HIS A 1 29  ? 8.885   -9.665  0.354   1.00 44.81  ? 28  HIS A CB  1 
ATOM   221  C CG  . HIS A 1 29  ? 8.806   -8.853  1.602   1.00 44.65  ? 28  HIS A CG  1 
ATOM   222  N ND1 . HIS A 1 29  ? 9.796   -8.860  2.560   1.00 52.20  ? 28  HIS A ND1 1 
ATOM   223  C CD2 . HIS A 1 29  ? 7.855   -8.004  2.051   1.00 41.53  ? 28  HIS A CD2 1 
ATOM   224  C CE1 . HIS A 1 29  ? 9.463   -8.041  3.542   1.00 46.29  ? 28  HIS A CE1 1 
ATOM   225  N NE2 . HIS A 1 29  ? 8.293   -7.505  3.253   1.00 43.16  ? 28  HIS A NE2 1 
ATOM   226  N N   . ASP A 1 30  ? 7.731   -11.373 -2.120  1.00 54.12  ? 29  ASP A N   1 
ATOM   227  C CA  . ASP A 1 30  ? 7.962   -12.052 -3.395  1.00 54.52  ? 29  ASP A CA  1 
ATOM   228  C C   . ASP A 1 30  ? 6.850   -11.829 -4.403  1.00 52.65  ? 29  ASP A C   1 
ATOM   229  O O   . ASP A 1 30  ? 6.828   -12.478 -5.439  1.00 59.88  ? 29  ASP A O   1 
ATOM   230  C CB  . ASP A 1 30  ? 8.150   -13.564 -3.174  1.00 61.00  ? 29  ASP A CB  1 
ATOM   231  C CG  . ASP A 1 30  ? 7.079   -14.174 -2.274  1.00 65.40  ? 29  ASP A CG  1 
ATOM   232  O OD1 . ASP A 1 30  ? 5.878   -13.816 -2.415  1.00 64.73  ? 29  ASP A OD1 1 
ATOM   233  O OD2 . ASP A 1 30  ? 7.455   -15.004 -1.412  1.00 64.13  ? 29  ASP A OD2 1 
ATOM   234  N N   . GLY A 1 31  ? 5.914   -10.938 -4.095  1.00 47.69  ? 30  GLY A N   1 
ATOM   235  C CA  . GLY A 1 31  ? 4.878   -10.585 -5.052  1.00 44.98  ? 30  GLY A CA  1 
ATOM   236  C C   . GLY A 1 31  ? 3.615   -11.428 -4.990  1.00 45.52  ? 30  GLY A C   1 
ATOM   237  O O   . GLY A 1 31  ? 2.622   -11.115 -5.654  1.00 47.07  ? 30  GLY A O   1 
ATOM   238  N N   . SER A 1 32  ? 3.640   -12.506 -4.211  1.00 46.52  ? 31  SER A N   1 
ATOM   239  C CA  A SER A 1 32  ? 2.452   -13.340 -4.074  0.65 50.66  ? 31  SER A CA  1 
ATOM   240  C CA  B SER A 1 32  ? 2.460   -13.343 -4.053  0.35 49.01  ? 31  SER A CA  1 
ATOM   241  C C   . SER A 1 32  ? 1.403   -12.609 -3.229  1.00 45.61  ? 31  SER A C   1 
ATOM   242  O O   . SER A 1 32  ? 1.653   -12.228 -2.087  1.00 43.91  ? 31  SER A O   1 
ATOM   243  C CB  A SER A 1 32  ? 2.796   -14.709 -3.468  0.65 49.39  ? 31  SER A CB  1 
ATOM   244  C CB  B SER A 1 32  ? 2.830   -14.671 -3.398  0.35 48.07  ? 31  SER A CB  1 
ATOM   245  O OG  A SER A 1 32  ? 3.233   -14.606 -2.125  0.65 50.34  ? 31  SER A OG  1 
ATOM   246  O OG  B SER A 1 32  ? 3.860   -15.312 -4.129  0.35 50.38  ? 31  SER A OG  1 
ATOM   247  N N   . VAL A 1 33  ? 0.239   -12.393 -3.826  1.00 41.98  ? 32  VAL A N   1 
ATOM   248  C CA  . VAL A 1 33  ? -0.869  -11.736 -3.155  1.00 41.46  ? 32  VAL A CA  1 
ATOM   249  C C   . VAL A 1 33  ? -1.436  -12.589 -2.024  1.00 44.18  ? 32  VAL A C   1 
ATOM   250  O O   . VAL A 1 33  ? -1.910  -13.699 -2.267  1.00 41.46  ? 32  VAL A O   1 
ATOM   251  C CB  . VAL A 1 33  ? -2.002  -11.415 -4.156  1.00 40.87  ? 32  VAL A CB  1 
ATOM   252  C CG1 . VAL A 1 33  ? -3.180  -10.770 -3.443  1.00 38.66  ? 32  VAL A CG1 1 
ATOM   253  C CG2 . VAL A 1 33  ? -1.486  -10.503 -5.267  1.00 45.67  ? 32  VAL A CG2 1 
ATOM   254  N N   . TRP A 1 34  ? -1.388  -12.085 -0.793  1.00 36.99  ? 33  TRP A N   1 
ATOM   255  C CA  . TRP A 1 34  ? -2.041  -12.777 0.311   1.00 35.27  ? 33  TRP A CA  1 
ATOM   256  C C   . TRP A 1 34  ? -3.531  -12.499 0.265   1.00 36.20  ? 33  TRP A C   1 
ATOM   257  O O   . TRP A 1 34  ? -4.326  -13.412 0.413   1.00 41.50  ? 33  TRP A O   1 
ATOM   258  C CB  . TRP A 1 34  ? -1.453  -12.375 1.644   1.00 31.10  ? 33  TRP A CB  1 
ATOM   259  C CG  . TRP A 1 34  ? -0.005  -12.728 1.759   1.00 34.48  ? 33  TRP A CG  1 
ATOM   260  C CD1 . TRP A 1 34  ? 0.792   -13.274 0.792   1.00 36.99  ? 33  TRP A CD1 1 
ATOM   261  C CD2 . TRP A 1 34  ? 0.826   -12.541 2.907   1.00 34.86  ? 33  TRP A CD2 1 
ATOM   262  N NE1 . TRP A 1 34  ? 2.066   -13.450 1.277   1.00 36.70  ? 33  TRP A NE1 1 
ATOM   263  C CE2 . TRP A 1 34  ? 2.115   -12.997 2.567   1.00 30.04  ? 33  TRP A CE2 1 
ATOM   264  C CE3 . TRP A 1 34  ? 0.605   -12.032 4.192   1.00 36.54  ? 33  TRP A CE3 1 
ATOM   265  C CZ2 . TRP A 1 34  ? 3.173   -12.969 3.464   1.00 38.38  ? 33  TRP A CZ2 1 
ATOM   266  C CZ3 . TRP A 1 34  ? 1.662   -11.990 5.081   1.00 35.95  ? 33  TRP A CZ3 1 
ATOM   267  C CH2 . TRP A 1 34  ? 2.929   -12.460 4.716   1.00 39.35  ? 33  TRP A CH2 1 
ATOM   268  N N   . ALA A 1 35  ? -3.919  -11.249 0.018   1.00 31.92  ? 34  ALA A N   1 
ATOM   269  C CA  . ALA A 1 35  ? -5.333  -10.913 -0.156  1.00 29.22  ? 34  ALA A CA  1 
ATOM   270  C C   . ALA A 1 35  ? -5.470  -9.571  -0.849  1.00 35.36  ? 34  ALA A C   1 
ATOM   271  O O   . ALA A 1 35  ? -4.537  -8.760  -0.831  1.00 39.05  ? 34  ALA A O   1 
ATOM   272  C CB  . ALA A 1 35  ? -6.073  -10.892 1.201   1.00 36.26  ? 34  ALA A CB  1 
ATOM   273  N N   . GLN A 1 36  ? -6.626  -9.315  -1.449  1.00 33.29  ? 35  GLN A N   1 
ATOM   274  C CA  . GLN A 1 36  ? -6.790  -8.060  -2.155  1.00 40.19  ? 35  GLN A CA  1 
ATOM   275  C C   . GLN A 1 36  ? -8.248  -7.746  -2.326  1.00 43.15  ? 35  GLN A C   1 
ATOM   276  O O   . GLN A 1 36  ? -9.097  -8.630  -2.202  1.00 44.39  ? 35  GLN A O   1 
ATOM   277  C CB  . GLN A 1 36  ? -6.108  -8.114  -3.522  1.00 46.34  ? 35  GLN A CB  1 
ATOM   278  C CG  . GLN A 1 36  ? -6.956  -8.797  -4.592  1.00 44.64  ? 35  GLN A CG  1 
ATOM   279  C CD  . GLN A 1 36  ? -6.256  -8.855  -5.927  1.00 50.25  ? 35  GLN A CD  1 
ATOM   280  O OE1 . GLN A 1 36  ? -5.056  -9.143  -6.001  1.00 49.17  ? 35  GLN A OE1 1 
ATOM   281  N NE2 . GLN A 1 36  ? -6.998  -8.570  -6.997  1.00 51.26  ? 35  GLN A NE2 1 
ATOM   282  N N   . SER A 1 37  ? -8.538  -6.481  -2.613  1.00 41.23  ? 36  SER A N   1 
ATOM   283  C CA  . SER A 1 37  ? -9.913  -6.029  -2.739  1.00 37.81  ? 36  SER A CA  1 
ATOM   284  C C   . SER A 1 37  ? -10.344 -6.235  -4.173  1.00 50.33  ? 36  SER A C   1 
ATOM   285  O O   . SER A 1 37  ? -9.523  -6.571  -5.034  1.00 50.87  ? 36  SER A O   1 
ATOM   286  C CB  . SER A 1 37  ? -10.063 -4.557  -2.339  1.00 45.16  ? 36  SER A CB  1 
ATOM   287  O OG  . SER A 1 37  ? -9.502  -3.702  -3.326  1.00 45.92  ? 36  SER A OG  1 
ATOM   288  N N   . GLU A 1 38  ? -11.628 -6.025  -4.423  1.00 52.65  ? 37  GLU A N   1 
ATOM   289  C CA  . GLU A 1 38  ? -12.208 -6.309  -5.719  1.00 65.62  ? 37  GLU A CA  1 
ATOM   290  C C   . GLU A 1 38  ? -11.476 -5.579  -6.846  1.00 64.88  ? 37  GLU A C   1 
ATOM   291  O O   . GLU A 1 38  ? -11.005 -6.212  -7.793  1.00 61.62  ? 37  GLU A O   1 
ATOM   292  C CB  . GLU A 1 38  ? -13.682 -5.938  -5.700  1.00 69.73  ? 37  GLU A CB  1 
ATOM   293  C CG  . GLU A 1 38  ? -14.377 -6.061  -7.022  1.00 83.14  ? 37  GLU A CG  1 
ATOM   294  C CD  . GLU A 1 38  ? -15.803 -5.577  -6.937  1.00 97.54  ? 37  GLU A CD  1 
ATOM   295  O OE1 . GLU A 1 38  ? -16.430 -5.783  -5.874  1.00 96.74  ? 37  GLU A OE1 1 
ATOM   296  O OE2 . GLU A 1 38  ? -16.287 -4.983  -7.923  1.00 109.06 ? 37  GLU A OE2 1 
ATOM   297  N N   . ASN A 1 39  ? -11.331 -4.262  -6.704  1.00 63.96  ? 38  ASN A N   1 
ATOM   298  C CA  . ASN A 1 39  ? -10.765 -3.412  -7.753  1.00 56.31  ? 38  ASN A CA  1 
ATOM   299  C C   . ASN A 1 39  ? -9.256  -3.245  -7.732  1.00 55.62  ? 38  ASN A C   1 
ATOM   300  O O   . ASN A 1 39  ? -8.710  -2.411  -8.451  1.00 59.46  ? 38  ASN A O   1 
ATOM   301  C CB  . ASN A 1 39  ? -11.395 -2.033  -7.675  1.00 55.90  ? 38  ASN A CB  1 
ATOM   302  C CG  . ASN A 1 39  ? -12.889 -2.091  -7.809  1.00 69.38  ? 38  ASN A CG  1 
ATOM   303  O OD1 . ASN A 1 39  ? -13.414 -2.921  -8.548  1.00 72.79  ? 38  ASN A OD1 1 
ATOM   304  N ND2 . ASN A 1 39  ? -13.589 -1.228  -7.080  1.00 73.53  ? 38  ASN A ND2 1 
ATOM   305  N N   . PHE A 1 40  ? -8.574  -4.019  -6.905  1.00 50.94  ? 39  PHE A N   1 
ATOM   306  C CA  . PHE A 1 40  ? -7.135  -3.882  -6.832  1.00 48.33  ? 39  PHE A CA  1 
ATOM   307  C C   . PHE A 1 40  ? -6.503  -4.448  -8.100  1.00 54.33  ? 39  PHE A C   1 
ATOM   308  O O   . PHE A 1 40  ? -6.776  -5.580  -8.485  1.00 59.27  ? 39  PHE A O   1 
ATOM   309  C CB  . PHE A 1 40  ? -6.585  -4.576  -5.601  1.00 44.40  ? 39  PHE A CB  1 
ATOM   310  C CG  . PHE A 1 40  ? -5.131  -4.310  -5.366  1.00 42.91  ? 39  PHE A CG  1 
ATOM   311  C CD1 . PHE A 1 40  ? -4.716  -3.149  -4.715  1.00 37.84  ? 39  PHE A CD1 1 
ATOM   312  C CD2 . PHE A 1 40  ? -4.177  -5.204  -5.813  1.00 35.00  ? 39  PHE A CD2 1 
ATOM   313  C CE1 . PHE A 1 40  ? -3.370  -2.894  -4.510  1.00 31.36  ? 39  PHE A CE1 1 
ATOM   314  C CE2 . PHE A 1 40  ? -2.831  -4.968  -5.604  1.00 40.71  ? 39  PHE A CE2 1 
ATOM   315  C CZ  . PHE A 1 40  ? -2.425  -3.806  -4.944  1.00 40.95  ? 39  PHE A CZ  1 
ATOM   316  N N   . PRO A 1 41  ? -5.652  -3.653  -8.754  1.00 54.49  ? 40  PRO A N   1 
ATOM   317  C CA  . PRO A 1 41  ? -5.094  -4.062  -10.041 1.00 57.19  ? 40  PRO A CA  1 
ATOM   318  C C   . PRO A 1 41  ? -4.278  -5.326  -9.894  1.00 62.45  ? 40  PRO A C   1 
ATOM   319  O O   . PRO A 1 41  ? -3.731  -5.586  -8.821  1.00 57.46  ? 40  PRO A O   1 
ATOM   320  C CB  . PRO A 1 41  ? -4.187  -2.884  -10.432 1.00 59.54  ? 40  PRO A CB  1 
ATOM   321  C CG  . PRO A 1 41  ? -4.554  -1.761  -9.492  1.00 59.22  ? 40  PRO A CG  1 
ATOM   322  C CD  . PRO A 1 41  ? -5.039  -2.413  -8.252  1.00 50.99  ? 40  PRO A CD  1 
ATOM   323  N N   . GLU A 1 42  ? -4.191  -6.111  -10.957 1.00 66.97  ? 41  GLU A N   1 
ATOM   324  C CA  . GLU A 1 42  ? -3.225  -7.191  -10.947 1.00 63.28  ? 41  GLU A CA  1 
ATOM   325  C C   . GLU A 1 42  ? -1.877  -6.530  -11.135 1.00 58.42  ? 41  GLU A C   1 
ATOM   326  O O   . GLU A 1 42  ? -1.753  -5.556  -11.875 1.00 59.29  ? 41  GLU A O   1 
ATOM   327  C CB  . GLU A 1 42  ? -3.533  -8.235  -12.026 1.00 67.91  ? 41  GLU A CB  1 
ATOM   328  C CG  . GLU A 1 42  ? -4.881  -8.924  -11.788 1.00 83.17  ? 41  GLU A CG  1 
ATOM   329  C CD  . GLU A 1 42  ? -4.987  -9.592  -10.402 1.00 84.32  ? 41  GLU A CD  1 
ATOM   330  O OE1 . GLU A 1 42  ? -4.023  -10.265 -9.968  1.00 82.30  ? 41  GLU A OE1 1 
ATOM   331  O OE2 . GLU A 1 42  ? -6.025  -9.402  -9.727  1.00 80.39  ? 41  GLU A OE2 1 
ATOM   332  N N   . LEU A 1 43  ? -0.874  -7.029  -10.431 1.00 52.68  ? 42  LEU A N   1 
ATOM   333  C CA  . LEU A 1 43  ? 0.430   -6.400  -10.468 1.00 50.71  ? 42  LEU A CA  1 
ATOM   334  C C   . LEU A 1 43  ? 1.240   -6.876  -11.662 1.00 64.85  ? 42  LEU A C   1 
ATOM   335  O O   . LEU A 1 43  ? 1.315   -8.074  -11.931 1.00 68.97  ? 42  LEU A O   1 
ATOM   336  C CB  . LEU A 1 43  ? 1.181   -6.675  -9.162  1.00 51.98  ? 42  LEU A CB  1 
ATOM   337  C CG  . LEU A 1 43  ? 0.497   -6.002  -7.962  1.00 52.54  ? 42  LEU A CG  1 
ATOM   338  C CD1 . LEU A 1 43  ? 1.263   -6.207  -6.677  1.00 41.23  ? 42  LEU A CD1 1 
ATOM   339  C CD2 . LEU A 1 43  ? 0.343   -4.516  -8.261  1.00 46.25  ? 42  LEU A CD2 1 
ATOM   340  N N   . LYS A 1 44  ? 1.831   -5.928  -12.383 1.00 65.52  ? 43  LYS A N   1 
ATOM   341  C CA  . LYS A 1 44  ? 2.749   -6.238  -13.477 1.00 66.85  ? 43  LYS A CA  1 
ATOM   342  C C   . LYS A 1 44  ? 4.082   -6.720  -12.912 1.00 67.21  ? 43  LYS A C   1 
ATOM   343  O O   . LYS A 1 44  ? 4.411   -6.456  -11.750 1.00 61.59  ? 43  LYS A O   1 
ATOM   344  C CB  . LYS A 1 44  ? 2.961   -5.019  -14.385 1.00 65.96  ? 43  LYS A CB  1 
ATOM   345  C CG  . LYS A 1 44  ? 2.011   -4.907  -15.579 1.00 72.11  ? 43  LYS A CG  1 
ATOM   346  C CD  . LYS A 1 44  ? 0.559   -4.645  -15.190 1.00 75.20  ? 43  LYS A CD  1 
ATOM   347  C CE  . LYS A 1 44  ? -0.279  -4.323  -16.435 1.00 80.78  ? 43  LYS A CE  1 
ATOM   348  N NZ  . LYS A 1 44  ? -1.746  -4.524  -16.247 1.00 80.12  ? 43  LYS A NZ  1 
ATOM   349  N N   . PRO A 1 45  ? 4.846   -7.465  -13.721 1.00 79.05  ? 44  PRO A N   1 
ATOM   350  C CA  . PRO A 1 45  ? 6.128   -7.951  -13.207 1.00 80.54  ? 44  PRO A CA  1 
ATOM   351  C C   . PRO A 1 45  ? 7.074   -6.810  -12.889 1.00 74.37  ? 44  PRO A C   1 
ATOM   352  O O   . PRO A 1 45  ? 7.028   -5.783  -13.567 1.00 78.36  ? 44  PRO A O   1 
ATOM   353  C CB  . PRO A 1 45  ? 6.664   -8.815  -14.356 1.00 85.83  ? 44  PRO A CB  1 
ATOM   354  C CG  . PRO A 1 45  ? 5.902   -8.371  -15.576 1.00 81.13  ? 44  PRO A CG  1 
ATOM   355  C CD  . PRO A 1 45  ? 4.547   -8.003  -15.061 1.00 82.20  ? 44  PRO A CD  1 
ATOM   356  N N   . GLU A 1 46  ? 7.889   -6.998  -11.855 1.00 70.78  ? 45  GLU A N   1 
ATOM   357  C CA  . GLU A 1 46  ? 8.925   -6.052  -11.454 1.00 73.79  ? 45  GLU A CA  1 
ATOM   358  C C   . GLU A 1 46  ? 8.383   -4.811  -10.727 1.00 62.54  ? 45  GLU A C   1 
ATOM   359  O O   . GLU A 1 46  ? 9.168   -4.042  -10.171 1.00 54.16  ? 45  GLU A O   1 
ATOM   360  C CB  . GLU A 1 46  ? 9.755   -5.622  -12.671 1.00 71.82  ? 45  GLU A CB  1 
ATOM   361  C CG  . GLU A 1 46  ? 11.262  -5.518  -12.434 1.00 79.68  ? 45  GLU A CG  1 
ATOM   362  C CD  . GLU A 1 46  ? 11.895  -6.806  -11.916 1.00 93.90  ? 45  GLU A CD  1 
ATOM   363  O OE1 . GLU A 1 46  ? 11.251  -7.880  -11.960 1.00 95.35  ? 45  GLU A OE1 1 
ATOM   364  O OE2 . GLU A 1 46  ? 13.040  -6.728  -11.419 1.00 96.94  ? 45  GLU A OE2 1 
ATOM   365  N N   . GLU A 1 47  ? 7.065   -4.613  -10.721 1.00 57.85  ? 46  GLU A N   1 
ATOM   366  C CA  . GLU A 1 47  ? 6.486   -3.573  -9.888  1.00 51.16  ? 46  GLU A CA  1 
ATOM   367  C C   . GLU A 1 47  ? 6.871   -3.843  -8.422  1.00 51.07  ? 46  GLU A C   1 
ATOM   368  O O   . GLU A 1 47  ? 7.470   -2.988  -7.763  1.00 49.58  ? 46  GLU A O   1 
ATOM   369  C CB  . GLU A 1 47  ? 4.975   -3.499  -10.103 1.00 45.23  ? 46  GLU A CB  1 
ATOM   370  C CG  . GLU A 1 47  ? 4.608   -2.842  -11.438 1.00 44.72  ? 46  GLU A CG  1 
ATOM   371  C CD  . GLU A 1 47  ? 3.121   -2.677  -11.673 1.00 49.32  ? 46  GLU A CD  1 
ATOM   372  O OE1 . GLU A 1 47  ? 2.326   -3.209  -10.879 1.00 47.66  ? 46  GLU A OE1 1 
ATOM   373  O OE2 . GLU A 1 47  ? 2.731   -1.995  -12.656 1.00 50.99  ? 46  GLU A OE2 1 
ATOM   374  N N   . VAL A 1 48  ? 6.607   -5.047  -7.931  1.00 49.06  ? 47  VAL A N   1 
ATOM   375  C CA  . VAL A 1 48  ? 6.946   -5.369  -6.547  1.00 50.29  ? 47  VAL A CA  1 
ATOM   376  C C   . VAL A 1 48  ? 8.453   -5.296  -6.300  1.00 49.53  ? 47  VAL A C   1 
ATOM   377  O O   . VAL A 1 48  ? 8.910   -4.913  -5.207  1.00 47.45  ? 47  VAL A O   1 
ATOM   378  C CB  . VAL A 1 48  ? 6.429   -6.767  -6.138  1.00 48.38  ? 47  VAL A CB  1 
ATOM   379  C CG1 . VAL A 1 48  ? 6.895   -7.112  -4.735  1.00 44.12  ? 47  VAL A CG1 1 
ATOM   380  C CG2 . VAL A 1 48  ? 4.915   -6.806  -6.209  1.00 41.64  ? 47  VAL A CG2 1 
ATOM   381  N N   . ALA A 1 49  ? 9.232   -5.650  -7.311  1.00 50.22  ? 48  ALA A N   1 
ATOM   382  C CA  . ALA A 1 49  ? 10.680  -5.651  -7.140  1.00 52.99  ? 48  ALA A CA  1 
ATOM   383  C C   . ALA A 1 49  ? 11.196  -4.226  -6.960  1.00 49.18  ? 48  ALA A C   1 
ATOM   384  O O   . ALA A 1 49  ? 12.116  -3.981  -6.172  1.00 48.83  ? 48  ALA A O   1 
ATOM   385  C CB  . ALA A 1 49  ? 11.354  -6.322  -8.319  1.00 62.84  ? 48  ALA A CB  1 
ATOM   386  N N   . GLY A 1 50  ? 10.583  -3.290  -7.686  1.00 52.27  ? 49  GLY A N   1 
ATOM   387  C CA  . GLY A 1 50  ? 10.884  -1.875  -7.540  1.00 50.86  ? 49  GLY A CA  1 
ATOM   388  C C   . GLY A 1 50  ? 10.681  -1.410  -6.107  1.00 47.39  ? 49  GLY A C   1 
ATOM   389  O O   . GLY A 1 50  ? 11.566  -0.773  -5.517  1.00 44.63  ? 49  GLY A O   1 
ATOM   390  N N   . MET A 1 51  ? 9.529   -1.755  -5.535  1.00 46.86  ? 50  MET A N   1 
ATOM   391  C CA  . MET A 1 51  ? 9.231   -1.370  -4.162  1.00 37.56  ? 50  MET A CA  1 
ATOM   392  C C   . MET A 1 51  ? 10.282  -1.956  -3.227  1.00 43.35  ? 50  MET A C   1 
ATOM   393  O O   . MET A 1 51  ? 10.867  -1.237  -2.412  1.00 42.73  ? 50  MET A O   1 
ATOM   394  C CB  . MET A 1 51  ? 7.827   -1.819  -3.764  1.00 42.89  ? 50  MET A CB  1 
ATOM   395  C CG  . MET A 1 51  ? 6.712   -1.149  -4.534  1.00 41.03  ? 50  MET A CG  1 
ATOM   396  S SD  . MET A 1 51  ? 5.205   -2.136  -4.392  1.00 53.74  ? 50  MET A SD  1 
ATOM   397  C CE  . MET A 1 51  ? 4.180   -1.468  -5.676  1.00 49.76  ? 50  MET A CE  1 
ATOM   398  N N   . ILE A 1 52  ? 10.561  -3.251  -3.360  1.00 44.73  ? 51  ILE A N   1 
ATOM   399  C CA  . ILE A 1 52  ? 11.556  -3.879  -2.490  1.00 41.15  ? 51  ILE A CA  1 
ATOM   400  C C   . ILE A 1 52  ? 12.905  -3.176  -2.587  1.00 45.17  ? 51  ILE A C   1 
ATOM   401  O O   . ILE A 1 52  ? 13.588  -2.955  -1.582  1.00 47.51  ? 51  ILE A O   1 
ATOM   402  C CB  . ILE A 1 52  ? 11.764  -5.358  -2.833  1.00 45.64  ? 51  ILE A CB  1 
ATOM   403  C CG1 . ILE A 1 52  ? 10.482  -6.143  -2.563  1.00 45.43  ? 51  ILE A CG1 1 
ATOM   404  C CG2 . ILE A 1 52  ? 12.941  -5.924  -2.020  1.00 42.34  ? 51  ILE A CG2 1 
ATOM   405  C CD1 . ILE A 1 52  ? 10.097  -6.139  -1.093  1.00 36.38  ? 51  ILE A CD1 1 
ATOM   406  N N   . LYS A 1 53  ? 13.283  -2.837  -3.813  1.00 46.40  ? 52  LYS A N   1 
ATOM   407  C CA  . LYS A 1 53  ? 14.546  -2.155  -4.061  1.00 50.22  ? 52  LYS A CA  1 
ATOM   408  C C   . LYS A 1 53  ? 14.545  -0.809  -3.337  1.00 50.14  ? 52  LYS A C   1 
ATOM   409  O O   . LYS A 1 53  ? 15.482  -0.487  -2.579  1.00 49.46  ? 52  LYS A O   1 
ATOM   410  C CB  . LYS A 1 53  ? 14.764  -1.982  -5.567  1.00 50.55  ? 52  LYS A CB  1 
ATOM   411  C CG  . LYS A 1 53  ? 16.191  -1.652  -5.966  1.00 60.60  ? 52  LYS A CG  1 
ATOM   412  C CD  . LYS A 1 53  ? 16.396  -1.816  -7.469  1.00 62.86  ? 52  LYS A CD  1 
ATOM   413  C CE  . LYS A 1 53  ? 17.877  -1.948  -7.810  1.00 79.73  ? 52  LYS A CE  1 
ATOM   414  N NZ  . LYS A 1 53  ? 18.644  -0.752  -7.365  1.00 79.50  ? 52  LYS A NZ  1 
ATOM   415  N N   . ASP A 1 54  ? 13.465  -0.049  -3.540  1.00 47.66  ? 53  ASP A N   1 
ATOM   416  C CA  . ASP A 1 54  ? 13.301  1.263   -2.899  1.00 45.38  ? 53  ASP A CA  1 
ATOM   417  C C   . ASP A 1 54  ? 13.322  1.180   -1.374  1.00 48.47  ? 53  ASP A C   1 
ATOM   418  O O   . ASP A 1 54  ? 13.886  2.058   -0.725  1.00 44.21  ? 53  ASP A O   1 
ATOM   419  C CB  . ASP A 1 54  ? 12.007  1.937   -3.357  1.00 48.40  ? 53  ASP A CB  1 
ATOM   420  C CG  . ASP A 1 54  ? 12.040  3.454   -3.178  1.00 57.10  ? 53  ASP A CG  1 
ATOM   421  O OD1 . ASP A 1 54  ? 13.057  4.082   -3.536  1.00 57.89  ? 53  ASP A OD1 1 
ATOM   422  O OD2 . ASP A 1 54  ? 11.064  4.021   -2.644  1.00 53.22  ? 53  ASP A OD2 1 
ATOM   423  N N   . PHE A 1 55  ? 12.740  0.128   -0.791  1.00 44.40  ? 54  PHE A N   1 
ATOM   424  C CA  . PHE A 1 55  ? 12.848  -0.036  0.665   1.00 44.00  ? 54  PHE A CA  1 
ATOM   425  C C   . PHE A 1 55  ? 14.286  -0.293  1.086   1.00 49.10  ? 54  PHE A C   1 
ATOM   426  O O   . PHE A 1 55  ? 14.747  0.254   2.092   1.00 48.64  ? 54  PHE A O   1 
ATOM   427  C CB  . PHE A 1 55  ? 11.950  -1.171  1.184   1.00 46.54  ? 54  PHE A CB  1 
ATOM   428  C CG  . PHE A 1 55  ? 10.486  -0.821  1.212   1.00 42.08  ? 54  PHE A CG  1 
ATOM   429  C CD1 . PHE A 1 55  ? 10.016  0.183   2.044   1.00 42.53  ? 54  PHE A CD1 1 
ATOM   430  C CD2 . PHE A 1 55  ? 9.588   -1.495  0.417   1.00 37.99  ? 54  PHE A CD2 1 
ATOM   431  C CE1 . PHE A 1 55  ? 8.683   0.510   2.069   1.00 39.92  ? 54  PHE A CE1 1 
ATOM   432  C CE2 . PHE A 1 55  ? 8.247   -1.178  0.440   1.00 40.32  ? 54  PHE A CE2 1 
ATOM   433  C CZ  . PHE A 1 55  ? 7.794   -0.167  1.259   1.00 41.21  ? 54  PHE A CZ  1 
ATOM   434  N N   . ASP A 1 56  ? 14.991  -1.122  0.313   1.00 50.99  ? 55  ASP A N   1 
ATOM   435  C CA  . ASP A 1 56  ? 16.366  -1.507  0.646   1.00 57.81  ? 55  ASP A CA  1 
ATOM   436  C C   . ASP A 1 56  ? 17.347  -0.360  0.403   1.00 57.09  ? 55  ASP A C   1 
ATOM   437  O O   . ASP A 1 56  ? 18.232  -0.110  1.224   1.00 54.92  ? 55  ASP A O   1 
ATOM   438  C CB  . ASP A 1 56  ? 16.789  -2.749  -0.149  1.00 61.52  ? 55  ASP A CB  1 
ATOM   439  C CG  . ASP A 1 56  ? 16.329  -4.052  0.502   1.00 68.06  ? 55  ASP A CG  1 
ATOM   440  O OD1 . ASP A 1 56  ? 16.130  -4.080  1.737   1.00 75.19  ? 55  ASP A OD1 1 
ATOM   441  O OD2 . ASP A 1 56  ? 16.164  -5.054  -0.225  1.00 75.92  ? 55  ASP A OD2 1 
ATOM   442  N N   . GLU A 1 57  ? 17.185  0.336   -0.720  1.00 53.76  ? 56  GLU A N   1 
ATOM   443  C CA  . GLU A 1 57  ? 17.966  1.549   -0.969  1.00 58.00  ? 56  GLU A CA  1 
ATOM   444  C C   . GLU A 1 57  ? 17.045  2.729   -1.296  1.00 50.91  ? 56  GLU A C   1 
ATOM   445  O O   . GLU A 1 57  ? 16.575  2.883   -2.426  1.00 51.92  ? 56  GLU A O   1 
ATOM   446  C CB  . GLU A 1 57  ? 18.998  1.322   -2.083  1.00 64.11  ? 56  GLU A CB  1 
ATOM   447  C CG  . GLU A 1 57  ? 18.569  0.360   -3.187  1.00 66.95  ? 56  GLU A CG  1 
ATOM   448  C CD  . GLU A 1 57  ? 19.718  -0.010  -4.127  1.00 75.76  ? 56  GLU A CD  1 
ATOM   449  O OE1 . GLU A 1 57  ? 20.335  -1.076  -3.911  1.00 78.42  ? 56  GLU A OE1 1 
ATOM   450  O OE2 . GLU A 1 57  ? 19.997  0.757   -5.079  1.00 73.54  ? 56  GLU A OE2 1 
ATOM   451  N N   . PRO A 1 58  ? 16.769  3.553   -0.279  1.00 52.14  ? 57  PRO A N   1 
ATOM   452  C CA  . PRO A 1 58  ? 15.812  4.664   -0.319  1.00 51.99  ? 57  PRO A CA  1 
ATOM   453  C C   . PRO A 1 58  ? 16.121  5.717   -1.371  1.00 53.80  ? 57  PRO A C   1 
ATOM   454  O O   . PRO A 1 58  ? 17.233  6.223   -1.423  1.00 57.21  ? 57  PRO A O   1 
ATOM   455  C CB  . PRO A 1 58  ? 15.931  5.261   1.084   1.00 52.98  ? 57  PRO A CB  1 
ATOM   456  C CG  . PRO A 1 58  ? 16.312  4.096   1.939   1.00 49.97  ? 57  PRO A CG  1 
ATOM   457  C CD  . PRO A 1 58  ? 17.286  3.334   1.086   1.00 49.84  ? 57  PRO A CD  1 
ATOM   458  N N   . GLY A 1 59  ? 15.134  6.044   -2.194  1.00 53.83  ? 58  GLY A N   1 
ATOM   459  C CA  . GLY A 1 59  ? 15.317  7.057   -3.210  1.00 50.28  ? 58  GLY A CA  1 
ATOM   460  C C   . GLY A 1 59  ? 15.332  6.522   -4.628  1.00 54.48  ? 58  GLY A C   1 
ATOM   461  O O   . GLY A 1 59  ? 15.142  7.292   -5.579  1.00 54.83  ? 58  GLY A O   1 
ATOM   462  N N   . THR A 1 60  ? 15.535  5.214   -4.785  1.00 52.10  ? 59  THR A N   1 
ATOM   463  C CA  . THR A 1 60  ? 15.755  4.654   -6.119  1.00 48.08  ? 59  THR A CA  1 
ATOM   464  C C   . THR A 1 60  ? 14.555  4.788   -7.042  1.00 47.13  ? 59  THR A C   1 
ATOM   465  O O   . THR A 1 60  ? 14.704  4.948   -8.253  1.00 51.81  ? 59  THR A O   1 
ATOM   466  C CB  . THR A 1 60  ? 16.173  3.159   -6.064  1.00 55.73  ? 59  THR A CB  1 
ATOM   467  O OG1 . THR A 1 60  ? 15.189  2.384   -5.371  1.00 56.28  ? 59  THR A OG1 1 
ATOM   468  C CG2 . THR A 1 60  ? 17.520  3.010   -5.382  1.00 61.41  ? 59  THR A CG2 1 
ATOM   469  N N   . LEU A 1 61  ? 13.360  4.756   -6.488  1.00 46.79  ? 60  LEU A N   1 
ATOM   470  C CA  . LEU A 1 61  ? 12.185  4.732   -7.344  1.00 45.15  ? 60  LEU A CA  1 
ATOM   471  C C   . LEU A 1 61  ? 11.850  6.101   -7.922  1.00 46.38  ? 60  LEU A C   1 
ATOM   472  O O   . LEU A 1 61  ? 11.176  6.190   -8.948  1.00 47.68  ? 60  LEU A O   1 
ATOM   473  C CB  . LEU A 1 61  ? 10.991  4.197   -6.561  1.00 50.72  ? 60  LEU A CB  1 
ATOM   474  C CG  . LEU A 1 61  ? 9.989   3.361   -7.344  1.00 54.72  ? 60  LEU A CG  1 
ATOM   475  C CD1 . LEU A 1 61  ? 10.698  2.144   -7.925  1.00 49.97  ? 60  LEU A CD1 1 
ATOM   476  C CD2 . LEU A 1 61  ? 8.887   2.943   -6.411  1.00 49.53  ? 60  LEU A CD2 1 
ATOM   477  N N   . ALA A 1 62  ? 12.314  7.160   -7.257  1.00 45.95  ? 61  ALA A N   1 
ATOM   478  C CA  . ALA A 1 62  ? 11.820  8.513   -7.528  1.00 47.88  ? 61  ALA A CA  1 
ATOM   479  C C   . ALA A 1 62  ? 12.028  8.981   -8.982  1.00 47.61  ? 61  ALA A C   1 
ATOM   480  O O   . ALA A 1 62  ? 11.051  9.372   -9.629  1.00 47.21  ? 61  ALA A O   1 
ATOM   481  C CB  . ALA A 1 62  ? 12.448  9.521   -6.530  1.00 46.50  ? 61  ALA A CB  1 
ATOM   482  N N   . PRO A 1 63  ? 13.272  8.921   -9.512  1.00 46.70  ? 62  PRO A N   1 
ATOM   483  C CA  . PRO A 1 63  ? 13.446  9.353   -10.915 1.00 49.33  ? 62  PRO A CA  1 
ATOM   484  C C   . PRO A 1 63  ? 12.540  8.607   -11.894 1.00 55.33  ? 62  PRO A C   1 
ATOM   485  O O   . PRO A 1 63  ? 11.994  9.204   -12.830 1.00 54.13  ? 62  PRO A O   1 
ATOM   486  C CB  . PRO A 1 63  ? 14.916  9.038   -11.200 1.00 42.11  ? 62  PRO A CB  1 
ATOM   487  C CG  . PRO A 1 63  ? 15.575  9.034   -9.874  1.00 46.94  ? 62  PRO A CG  1 
ATOM   488  C CD  . PRO A 1 63  ? 14.557  8.536   -8.893  1.00 44.51  ? 62  PRO A CD  1 
ATOM   489  N N   . THR A 1 64  ? 12.380  7.311   -11.638 1.00 54.86  ? 63  THR A N   1 
ATOM   490  C CA  . THR A 1 64  ? 11.601  6.386   -12.460 1.00 56.19  ? 63  THR A CA  1 
ATOM   491  C C   . THR A 1 64  ? 10.102  6.648   -12.448 1.00 61.56  ? 63  THR A C   1 
ATOM   492  O O   . THR A 1 64  ? 9.444   6.706   -13.492 1.00 60.90  ? 63  THR A O   1 
ATOM   493  C CB  . THR A 1 64  ? 11.799  4.939   -11.963 1.00 62.60  ? 63  THR A CB  1 
ATOM   494  O OG1 . THR A 1 64  ? 13.192  4.602   -11.971 1.00 62.09  ? 63  THR A OG1 1 
ATOM   495  C CG2 . THR A 1 64  ? 10.993  3.957   -12.808 1.00 67.74  ? 63  THR A CG2 1 
ATOM   496  N N   . GLY A 1 65  ? 9.565   6.777   -11.240 1.00 56.76  ? 64  GLY A N   1 
ATOM   497  C CA  . GLY A 1 65  ? 8.131   6.744   -11.029 1.00 53.01  ? 64  GLY A CA  1 
ATOM   498  C C   . GLY A 1 65  ? 7.770   5.489   -10.244 1.00 50.13  ? 64  GLY A C   1 
ATOM   499  O O   . GLY A 1 65  ? 8.533   4.521   -10.196 1.00 48.37  ? 64  GLY A O   1 
ATOM   500  N N   . LEU A 1 66  ? 6.611   5.515   -9.606  1.00 48.12  ? 65  LEU A N   1 
ATOM   501  C CA  . LEU A 1 66  ? 6.123   4.356   -8.884  1.00 46.89  ? 65  LEU A CA  1 
ATOM   502  C C   . LEU A 1 66  ? 5.021   3.729   -9.713  1.00 47.34  ? 65  LEU A C   1 
ATOM   503  O O   . LEU A 1 66  ? 4.009   4.383   -10.004 1.00 46.55  ? 65  LEU A O   1 
ATOM   504  C CB  . LEU A 1 66  ? 5.620   4.743   -7.487  1.00 45.26  ? 65  LEU A CB  1 
ATOM   505  C CG  . LEU A 1 66  ? 4.724   3.772   -6.719  1.00 40.99  ? 65  LEU A CG  1 
ATOM   506  C CD1 . LEU A 1 66  ? 5.481   2.491   -6.314  1.00 36.66  ? 65  LEU A CD1 1 
ATOM   507  C CD2 . LEU A 1 66  ? 4.146   4.476   -5.485  1.00 41.88  ? 65  LEU A CD2 1 
ATOM   508  N N   . PHE A 1 67  ? 5.238   2.473   -10.111 1.00 43.28  ? 66  PHE A N   1 
ATOM   509  C CA  . PHE A 1 67  ? 4.256   1.735   -10.902 1.00 48.19  ? 66  PHE A CA  1 
ATOM   510  C C   . PHE A 1 67  ? 3.545   0.641   -10.085 1.00 42.50  ? 66  PHE A C   1 
ATOM   511  O O   . PHE A 1 67  ? 4.197   -0.173  -9.431  1.00 43.88  ? 66  PHE A O   1 
ATOM   512  C CB  . PHE A 1 67  ? 4.939   1.133   -12.147 1.00 52.41  ? 66  PHE A CB  1 
ATOM   513  C CG  . PHE A 1 67  ? 5.393   2.169   -13.154 1.00 56.10  ? 66  PHE A CG  1 
ATOM   514  C CD1 . PHE A 1 67  ? 4.501   2.693   -14.082 1.00 51.04  ? 66  PHE A CD1 1 
ATOM   515  C CD2 . PHE A 1 67  ? 6.707   2.634   -13.154 1.00 54.67  ? 66  PHE A CD2 1 
ATOM   516  C CE1 . PHE A 1 67  ? 4.913   3.652   -14.997 1.00 55.31  ? 66  PHE A CE1 1 
ATOM   517  C CE2 . PHE A 1 67  ? 7.123   3.589   -14.068 1.00 56.54  ? 66  PHE A CE2 1 
ATOM   518  C CZ  . PHE A 1 67  ? 6.220   4.103   -14.985 1.00 53.15  ? 66  PHE A CZ  1 
ATOM   519  N N   . VAL A 1 68  ? 2.212   0.652   -10.155 1.00 43.20  ? 67  VAL A N   1 
ATOM   520  C CA  . VAL A 1 68  ? 1.314   -0.301  -9.504  1.00 47.16  ? 67  VAL A CA  1 
ATOM   521  C C   . VAL A 1 68  ? 0.161   -0.632  -10.439 1.00 46.75  ? 67  VAL A C   1 
ATOM   522  O O   . VAL A 1 68  ? -0.686  0.227   -10.715 1.00 47.16  ? 67  VAL A O   1 
ATOM   523  C CB  . VAL A 1 68  ? 0.717   0.258   -8.172  1.00 45.76  ? 67  VAL A CB  1 
ATOM   524  C CG1 . VAL A 1 68  ? -0.432  -0.620  -7.664  1.00 46.26  ? 67  VAL A CG1 1 
ATOM   525  C CG2 . VAL A 1 68  ? 1.775   0.354   -7.145  1.00 40.56  ? 67  VAL A CG2 1 
ATOM   526  N N   . GLY A 1 69  ? 0.123   -1.874  -10.929 1.00 51.29  ? 68  GLY A N   1 
ATOM   527  C CA  . GLY A 1 69  ? -0.927  -2.296  -11.848 1.00 51.87  ? 68  GLY A CA  1 
ATOM   528  C C   . GLY A 1 69  ? -0.935  -1.475  -13.123 1.00 53.57  ? 68  GLY A C   1 
ATOM   529  O O   . GLY A 1 69  ? -1.998  -1.100  -13.637 1.00 51.09  ? 68  GLY A O   1 
ATOM   530  N N   . GLY A 1 70  ? 0.264   -1.190  -13.628 1.00 48.89  ? 69  GLY A N   1 
ATOM   531  C CA  . GLY A 1 70  ? 0.414   -0.331  -14.791 1.00 60.00  ? 69  GLY A CA  1 
ATOM   532  C C   . GLY A 1 70  ? -0.058  1.107   -14.602 1.00 59.59  ? 69  GLY A C   1 
ATOM   533  O O   . GLY A 1 70  ? -0.286  1.821   -15.571 1.00 63.94  ? 69  GLY A O   1 
ATOM   534  N N   . THR A 1 71  ? -0.225  1.537   -13.356 1.00 59.06  ? 70  THR A N   1 
ATOM   535  C CA  . THR A 1 71  ? -0.537  2.931   -13.082 1.00 52.62  ? 70  THR A CA  1 
ATOM   536  C C   . THR A 1 71  ? 0.714   3.601   -12.534 1.00 54.32  ? 70  THR A C   1 
ATOM   537  O O   . THR A 1 71  ? 1.447   3.004   -11.738 1.00 52.33  ? 70  THR A O   1 
ATOM   538  C CB  . THR A 1 71  ? -1.709  3.074   -12.110 1.00 52.33  ? 70  THR A CB  1 
ATOM   539  O OG1 . THR A 1 71  ? -2.868  2.449   -12.676 1.00 53.71  ? 70  THR A OG1 1 
ATOM   540  C CG2 . THR A 1 71  ? -2.021  4.531   -11.859 1.00 55.98  ? 70  THR A CG2 1 
ATOM   541  N N   . LYS A 1 72  ? 0.983   4.819   -13.005 1.00 54.31  ? 71  LYS A N   1 
ATOM   542  C CA  . LYS A 1 72  ? 2.174   5.555   -12.591 1.00 52.96  ? 71  LYS A CA  1 
ATOM   543  C C   . LYS A 1 72  ? 1.812   6.606   -11.556 1.00 51.46  ? 71  LYS A C   1 
ATOM   544  O O   . LYS A 1 72  ? 0.823   7.345   -11.708 1.00 48.73  ? 71  LYS A O   1 
ATOM   545  C CB  . LYS A 1 72  ? 2.867   6.214   -13.791 1.00 53.74  ? 71  LYS A CB  1 
ATOM   546  C CG  . LYS A 1 72  ? 4.192   6.875   -13.451 1.00 52.13  ? 71  LYS A CG  1 
ATOM   547  C CD  . LYS A 1 72  ? 4.854   7.460   -14.692 1.00 59.86  ? 71  LYS A CD  1 
ATOM   548  C CE  . LYS A 1 72  ? 6.210   8.078   -14.385 1.00 52.37  ? 71  LYS A CE  1 
ATOM   549  N NZ  . LYS A 1 72  ? 6.874   8.542   -15.650 1.00 67.69  ? 71  LYS A NZ  1 
ATOM   550  N N   . TYR A 1 73  ? 2.620   6.651   -10.499 1.00 46.99  ? 72  TYR A N   1 
ATOM   551  C CA  . TYR A 1 73  ? 2.443   7.589   -9.394  1.00 45.40  ? 72  TYR A CA  1 
ATOM   552  C C   . TYR A 1 73  ? 3.702   8.406   -9.215  1.00 45.92  ? 72  TYR A C   1 
ATOM   553  O O   . TYR A 1 73  ? 4.804   7.859   -9.272  1.00 45.14  ? 72  TYR A O   1 
ATOM   554  C CB  . TYR A 1 73  ? 2.148   6.857   -8.069  1.00 43.52  ? 72  TYR A CB  1 
ATOM   555  C CG  . TYR A 1 73  ? 0.885   6.033   -8.066  1.00 44.49  ? 72  TYR A CG  1 
ATOM   556  C CD1 . TYR A 1 73  ? -0.316  6.591   -7.659  1.00 41.36  ? 72  TYR A CD1 1 
ATOM   557  C CD2 . TYR A 1 73  ? 0.896   4.685   -8.450  1.00 44.99  ? 72  TYR A CD2 1 
ATOM   558  C CE1 . TYR A 1 73  ? -1.488  5.848   -7.651  1.00 45.01  ? 72  TYR A CE1 1 
ATOM   559  C CE2 . TYR A 1 73  ? -0.276  3.922   -8.430  1.00 43.11  ? 72  TYR A CE2 1 
ATOM   560  C CZ  . TYR A 1 73  ? -1.468  4.515   -8.035  1.00 44.53  ? 72  TYR A CZ  1 
ATOM   561  O OH  . TYR A 1 73  ? -2.653  3.800   -8.005  1.00 48.07  ? 72  TYR A OH  1 
ATOM   562  N N   . MET A 1 74  ? 3.550   9.701   -8.963  1.00 43.41  ? 73  MET A N   1 
ATOM   563  C CA  . MET A 1 74  ? 4.690   10.504  -8.535  1.00 43.92  ? 73  MET A CA  1 
ATOM   564  C C   . MET A 1 74  ? 5.108   10.091  -7.122  1.00 41.44  ? 73  MET A C   1 
ATOM   565  O O   . MET A 1 74  ? 4.293   10.114  -6.191  1.00 38.18  ? 73  MET A O   1 
ATOM   566  C CB  . MET A 1 74  ? 4.343   11.998  -8.563  1.00 47.23  ? 73  MET A CB  1 
ATOM   567  C CG  . MET A 1 74  ? 3.528   12.432  -9.778  1.00 51.42  ? 73  MET A CG  1 
ATOM   568  S SD  . MET A 1 74  ? 3.297   14.223  -9.903  1.00 68.75  ? 73  MET A SD  1 
ATOM   569  C CE  . MET A 1 74  ? 2.500   14.649  -8.354  1.00 41.50  ? 73  MET A CE  1 
ATOM   570  N N   . VAL A 1 75  ? 6.365   9.710   -6.950  1.00 37.33  ? 74  VAL A N   1 
ATOM   571  C CA  . VAL A 1 75  ? 6.843   9.422   -5.607  1.00 41.93  ? 74  VAL A CA  1 
ATOM   572  C C   . VAL A 1 75  ? 6.782   10.698  -4.782  1.00 43.76  ? 74  VAL A C   1 
ATOM   573  O O   . VAL A 1 75  ? 7.222   11.743  -5.248  1.00 41.64  ? 74  VAL A O   1 
ATOM   574  C CB  . VAL A 1 75  ? 8.286   8.895   -5.614  1.00 38.25  ? 74  VAL A CB  1 
ATOM   575  C CG1 . VAL A 1 75  ? 8.800   8.765   -4.192  1.00 35.57  ? 74  VAL A CG1 1 
ATOM   576  C CG2 . VAL A 1 75  ? 8.364   7.568   -6.356  1.00 42.82  ? 74  VAL A CG2 1 
ATOM   577  N N   . ILE A 1 76  ? 6.218   10.635  -3.578  1.00 38.43  ? 75  ILE A N   1 
ATOM   578  C CA  . ILE A 1 76  ? 6.321   11.757  -2.642  1.00 36.50  ? 75  ILE A CA  1 
ATOM   579  C C   . ILE A 1 76  ? 6.997   11.274  -1.368  1.00 40.16  ? 75  ILE A C   1 
ATOM   580  O O   . ILE A 1 76  ? 7.534   10.170  -1.337  1.00 39.88  ? 75  ILE A O   1 
ATOM   581  C CB  . ILE A 1 76  ? 4.965   12.372  -2.332  1.00 37.03  ? 75  ILE A CB  1 
ATOM   582  C CG1 . ILE A 1 76  ? 4.087   11.384  -1.556  1.00 39.00  ? 75  ILE A CG1 1 
ATOM   583  C CG2 . ILE A 1 76  ? 4.284   12.809  -3.615  1.00 37.73  ? 75  ILE A CG2 1 
ATOM   584  C CD1 . ILE A 1 76  ? 2.644   11.849  -1.430  1.00 40.20  ? 75  ILE A CD1 1 
ATOM   585  N N   . GLN A 1 77  ? 7.009   12.090  -0.323  1.00 35.10  ? 76  GLN A N   1 
ATOM   586  C CA  . GLN A 1 77  ? 7.871   11.766  0.820   1.00 38.36  ? 76  GLN A CA  1 
ATOM   587  C C   . GLN A 1 77  ? 7.415   10.502  1.546   1.00 42.04  ? 76  GLN A C   1 
ATOM   588  O O   . GLN A 1 77  ? 6.242   10.367  1.924   1.00 39.88  ? 76  GLN A O   1 
ATOM   589  C CB  . GLN A 1 77  ? 7.917   12.928  1.818   1.00 41.15  ? 76  GLN A CB  1 
ATOM   590  C CG  . GLN A 1 77  ? 8.783   12.652  3.048   1.00 35.70  ? 76  GLN A CG  1 
ATOM   591  C CD  . GLN A 1 77  ? 10.246  12.824  2.756   1.00 53.27  ? 76  GLN A CD  1 
ATOM   592  O OE1 . GLN A 1 77  ? 10.619  13.491  1.779   1.00 65.36  ? 76  GLN A OE1 1 
ATOM   593  N NE2 . GLN A 1 77  ? 11.096  12.231  3.591   1.00 62.77  ? 76  GLN A NE2 1 
ATOM   594  N N   . GLY A 1 78  ? 8.346   9.582   1.754   1.00 39.23  ? 77  GLY A N   1 
ATOM   595  C CA  . GLY A 1 78  ? 8.039   8.355   2.462   1.00 39.40  ? 77  GLY A CA  1 
ATOM   596  C C   . GLY A 1 78  ? 8.770   8.321   3.781   1.00 45.22  ? 77  GLY A C   1 
ATOM   597  O O   . GLY A 1 78  ? 9.102   9.360   4.331   1.00 47.66  ? 77  GLY A O   1 
ATOM   598  N N   . GLU A 1 79  ? 9.012   7.119   4.288   1.00 42.63  ? 78  GLU A N   1 
ATOM   599  C CA  . GLU A 1 79  ? 9.871   6.905   5.442   1.00 43.88  ? 78  GLU A CA  1 
ATOM   600  C C   . GLU A 1 79  ? 10.839  5.789   5.055   1.00 47.34  ? 78  GLU A C   1 
ATOM   601  O O   . GLU A 1 79  ? 10.402  4.681   4.729   1.00 47.42  ? 78  GLU A O   1 
ATOM   602  C CB  . GLU A 1 79  ? 9.062   6.528   6.695   1.00 44.64  ? 78  GLU A CB  1 
ATOM   603  C CG  . GLU A 1 79  ? 7.977   7.530   7.087   1.00 57.52  ? 78  GLU A CG  1 
ATOM   604  C CD  . GLU A 1 79  ? 7.167   7.090   8.319   1.00 79.21  ? 78  GLU A CD  1 
ATOM   605  O OE1 . GLU A 1 79  ? 7.673   6.257   9.110   1.00 79.27  ? 78  GLU A OE1 1 
ATOM   606  O OE2 . GLU A 1 79  ? 6.022   7.574   8.492   1.00 72.46  ? 78  GLU A OE2 1 
ATOM   607  N N   . PRO A 1 80  ? 12.154  6.072   5.083   1.00 49.67  ? 79  PRO A N   1 
ATOM   608  C CA  . PRO A 1 80  ? 13.181  5.166   4.545   1.00 51.72  ? 79  PRO A CA  1 
ATOM   609  C C   . PRO A 1 80  ? 13.122  3.751   5.129   1.00 49.48  ? 79  PRO A C   1 
ATOM   610  O O   . PRO A 1 80  ? 13.226  3.576   6.344   1.00 47.62  ? 79  PRO A O   1 
ATOM   611  C CB  . PRO A 1 80  ? 14.494  5.853   4.931   1.00 52.51  ? 79  PRO A CB  1 
ATOM   612  C CG  . PRO A 1 80  ? 14.142  6.741   6.057   1.00 57.23  ? 79  PRO A CG  1 
ATOM   613  C CD  . PRO A 1 80  ? 12.756  7.225   5.767   1.00 51.96  ? 79  PRO A CD  1 
ATOM   614  N N   . GLY A 1 81  ? 12.949  2.761   4.253   1.00 47.42  ? 80  GLY A N   1 
ATOM   615  C CA  . GLY A 1 81  ? 12.856  1.370   4.656   1.00 50.71  ? 80  GLY A CA  1 
ATOM   616  C C   . GLY A 1 81  ? 11.519  0.938   5.254   1.00 47.20  ? 80  GLY A C   1 
ATOM   617  O O   . GLY A 1 81  ? 11.353  -0.225  5.610   1.00 48.63  ? 80  GLY A O   1 
ATOM   618  N N   . VAL A 1 82  ? 10.566  1.857   5.372   1.00 39.08  ? 81  VAL A N   1 
ATOM   619  C CA  . VAL A 1 82  ? 9.309   1.535   6.039   1.00 42.58  ? 81  VAL A CA  1 
ATOM   620  C C   . VAL A 1 82  ? 8.061   1.830   5.204   1.00 41.15  ? 81  VAL A C   1 
ATOM   621  O O   . VAL A 1 82  ? 7.156   0.986   5.111   1.00 39.06  ? 81  VAL A O   1 
ATOM   622  C CB  . VAL A 1 82  ? 9.191   2.289   7.372   1.00 45.16  ? 81  VAL A CB  1 
ATOM   623  C CG1 . VAL A 1 82  ? 8.032   1.741   8.169   1.00 42.28  ? 81  VAL A CG1 1 
ATOM   624  C CG2 . VAL A 1 82  ? 10.485  2.154   8.164   1.00 41.56  ? 81  VAL A CG2 1 
ATOM   625  N N   . VAL A 1 83  ? 7.992   3.025   4.617   1.00 34.77  ? 82  VAL A N   1 
ATOM   626  C CA  . VAL A 1 83  ? 6.813   3.422   3.840   1.00 33.11  ? 82  VAL A CA  1 
ATOM   627  C C   . VAL A 1 83  ? 7.203   4.085   2.533   1.00 37.65  ? 82  VAL A C   1 
ATOM   628  O O   . VAL A 1 83  ? 8.082   4.944   2.511   1.00 38.89  ? 82  VAL A O   1 
ATOM   629  C CB  . VAL A 1 83  ? 5.913   4.404   4.616   1.00 35.89  ? 82  VAL A CB  1 
ATOM   630  C CG1 . VAL A 1 83  ? 4.611   4.672   3.840   1.00 36.01  ? 82  VAL A CG1 1 
ATOM   631  C CG2 . VAL A 1 83  ? 5.600   3.861   6.011   1.00 40.00  ? 82  VAL A CG2 1 
ATOM   632  N N   . ILE A 1 84  ? 6.523   3.696   1.463   1.00 31.25  ? 83  ILE A N   1 
ATOM   633  C CA  . ILE A 1 84  ? 6.606   4.355   0.170   1.00 36.83  ? 83  ILE A CA  1 
ATOM   634  C C   . ILE A 1 84  ? 5.280   5.054   -0.052  1.00 34.70  ? 83  ILE A C   1 
ATOM   635  O O   . ILE A 1 84  ? 4.250   4.475   0.287   1.00 35.81  ? 83  ILE A O   1 
ATOM   636  C CB  . ILE A 1 84  ? 6.874   3.339   -0.965  1.00 37.26  ? 83  ILE A CB  1 
ATOM   637  C CG1 . ILE A 1 84  ? 8.297   2.787   -0.855  1.00 38.69  ? 83  ILE A CG1 1 
ATOM   638  C CG2 . ILE A 1 84  ? 6.647   3.972   -2.341  1.00 32.21  ? 83  ILE A CG2 1 
ATOM   639  C CD1 . ILE A 1 84  ? 8.559   1.563   -1.782  1.00 36.98  ? 83  ILE A CD1 1 
ATOM   640  N N   . ARG A 1 85  ? 5.283   6.285   -0.583  1.00 31.17  ? 84  ARG A N   1 
ATOM   641  C CA  . ARG A 1 85  ? 4.025   7.006   -0.860  1.00 31.00  ? 84  ARG A CA  1 
ATOM   642  C C   . ARG A 1 85  ? 4.051   7.588   -2.260  1.00 33.81  ? 84  ARG A C   1 
ATOM   643  O O   . ARG A 1 85  ? 5.101   7.963   -2.737  1.00 36.17  ? 84  ARG A O   1 
ATOM   644  C CB  . ARG A 1 85  ? 3.782   8.131   0.147   1.00 29.59  ? 84  ARG A CB  1 
ATOM   645  C CG  . ARG A 1 85  ? 3.778   7.679   1.614   1.00 34.22  ? 84  ARG A CG  1 
ATOM   646  C CD  . ARG A 1 85  ? 3.132   8.709   2.538   1.00 37.47  ? 84  ARG A CD  1 
ATOM   647  N NE  . ARG A 1 85  ? 3.154   8.271   3.936   1.00 38.45  ? 84  ARG A NE  1 
ATOM   648  C CZ  . ARG A 1 85  ? 4.130   8.562   4.787   1.00 40.11  ? 84  ARG A CZ  1 
ATOM   649  N NH1 . ARG A 1 85  ? 5.150   9.301   4.379   1.00 39.37  ? 84  ARG A NH1 1 
ATOM   650  N NH2 . ARG A 1 85  ? 4.086   8.127   6.044   1.00 36.67  ? 84  ARG A NH2 1 
ATOM   651  N N   . GLY A 1 86  ? 2.896   7.679   -2.903  1.00 38.28  ? 85  GLY A N   1 
ATOM   652  C CA  . GLY A 1 86  ? 2.815   8.270   -4.221  1.00 34.06  ? 85  GLY A CA  1 
ATOM   653  C C   . GLY A 1 86  ? 1.556   9.081   -4.465  1.00 41.72  ? 85  GLY A C   1 
ATOM   654  O O   . GLY A 1 86  ? 0.524   8.864   -3.818  1.00 38.50  ? 85  GLY A O   1 
ATOM   655  N N   . LYS A 1 87  ? 1.642   10.028  -5.403  1.00 40.13  ? 86  LYS A N   1 
ATOM   656  C CA  . LYS A 1 87  ? 0.480   10.830  -5.799  1.00 42.14  ? 86  LYS A CA  1 
ATOM   657  C C   . LYS A 1 87  ? 0.188   10.687  -7.286  1.00 44.55  ? 86  LYS A C   1 
ATOM   658  O O   . LYS A 1 87  ? 1.104   10.541  -8.107  1.00 41.93  ? 86  LYS A O   1 
ATOM   659  C CB  . LYS A 1 87  ? 0.689   12.313  -5.447  1.00 46.75  ? 86  LYS A CB  1 
ATOM   660  C CG  . LYS A 1 87  ? -0.518  13.232  -5.741  1.00 46.05  ? 86  LYS A CG  1 
ATOM   661  C CD  . LYS A 1 87  ? -0.164  14.686  -5.432  1.00 52.46  ? 86  LYS A CD  1 
ATOM   662  C CE  . LYS A 1 87  ? -1.229  15.664  -5.911  1.00 49.27  ? 86  LYS A CE  1 
ATOM   663  N NZ  . LYS A 1 87  ? -2.376  15.777  -4.969  1.00 53.18  ? 86  LYS A NZ  1 
ATOM   664  N N   . LYS A 1 88  ? -1.102  10.692  -7.606  1.00 50.04  ? 87  LYS A N   1 
ATOM   665  C CA  . LYS A 1 88  ? -1.582  10.799  -8.976  1.00 51.95  ? 87  LYS A CA  1 
ATOM   666  C C   . LYS A 1 88  ? -2.895  11.563  -8.965  1.00 56.75  ? 87  LYS A C   1 
ATOM   667  O O   . LYS A 1 88  ? -3.921  11.032  -8.538  1.00 59.06  ? 87  LYS A O   1 
ATOM   668  C CB  . LYS A 1 88  ? -1.789  9.430   -9.633  1.00 54.21  ? 87  LYS A CB  1 
ATOM   669  C CG  . LYS A 1 88  ? -2.499  9.550   -10.997 1.00 59.25  ? 87  LYS A CG  1 
ATOM   670  C CD  . LYS A 1 88  ? -2.602  8.230   -11.761 1.00 64.90  ? 87  LYS A CD  1 
ATOM   671  C CE  . LYS A 1 88  ? -3.447  8.398   -13.023 1.00 72.84  ? 87  LYS A CE  1 
ATOM   672  N NZ  . LYS A 1 88  ? -3.708  7.116   -13.733 1.00 80.56  ? 87  LYS A NZ  1 
ATOM   673  N N   . GLY A 1 89  ? -2.866  12.809  -9.424  1.00 55.99  ? 88  GLY A N   1 
ATOM   674  C CA  . GLY A 1 89  ? -4.064  13.622  -9.435  1.00 50.79  ? 88  GLY A CA  1 
ATOM   675  C C   . GLY A 1 89  ? -4.547  13.865  -8.030  1.00 53.68  ? 88  GLY A C   1 
ATOM   676  O O   . GLY A 1 89  ? -3.743  14.132  -7.132  1.00 56.52  ? 88  GLY A O   1 
ATOM   677  N N   . THR A 1 90  ? -5.857  13.753  -7.832  1.00 58.68  ? 89  THR A N   1 
ATOM   678  C CA  . THR A 1 90  ? -6.452  13.911  -6.505  1.00 63.11  ? 89  THR A CA  1 
ATOM   679  C C   . THR A 1 90  ? -6.425  12.615  -5.686  1.00 60.28  ? 89  THR A C   1 
ATOM   680  O O   . THR A 1 90  ? -6.985  12.554  -4.586  1.00 62.55  ? 89  THR A O   1 
ATOM   681  C CB  . THR A 1 90  ? -7.902  14.386  -6.602  1.00 65.86  ? 89  THR A CB  1 
ATOM   682  O OG1 . THR A 1 90  ? -8.570  13.659  -7.643  1.00 65.32  ? 89  THR A OG1 1 
ATOM   683  C CG2 . THR A 1 90  ? -7.948  15.871  -6.898  1.00 66.50  ? 89  THR A CG2 1 
ATOM   684  N N   . GLY A 1 91  ? -5.777  11.589  -6.229  1.00 55.93  ? 90  GLY A N   1 
ATOM   685  C CA  . GLY A 1 91  ? -5.605  10.331  -5.531  1.00 53.08  ? 90  GLY A CA  1 
ATOM   686  C C   . GLY A 1 91  ? -4.149  10.015  -5.244  1.00 50.07  ? 90  GLY A C   1 
ATOM   687  O O   . GLY A 1 91  ? -3.251  10.824  -5.505  1.00 50.64  ? 90  GLY A O   1 
ATOM   688  N N   . GLY A 1 92  ? -3.907  8.831   -4.693  1.00 44.21  ? 91  GLY A N   1 
ATOM   689  C CA  . GLY A 1 92  ? -2.550  8.385   -4.429  1.00 39.31  ? 91  GLY A CA  1 
ATOM   690  C C   . GLY A 1 92  ? -2.508  6.988   -3.832  1.00 41.52  ? 91  GLY A C   1 
ATOM   691  O O   . GLY A 1 92  ? -3.477  6.223   -3.897  1.00 41.19  ? 91  GLY A O   1 
ATOM   692  N N   . ILE A 1 93  ? -1.383  6.670   -3.208  1.00 38.86  ? 92  ILE A N   1 
ATOM   693  C CA  . ILE A 1 93  ? -1.118  5.322   -2.742  1.00 38.45  ? 92  ILE A CA  1 
ATOM   694  C C   . ILE A 1 93  ? -0.090  5.345   -1.613  1.00 37.83  ? 92  ILE A C   1 
ATOM   695  O O   . ILE A 1 93  ? 0.819   6.183   -1.591  1.00 32.08  ? 92  ILE A O   1 
ATOM   696  C CB  . ILE A 1 93  ? -0.622  4.442   -3.909  1.00 43.81  ? 92  ILE A CB  1 
ATOM   697  C CG1 . ILE A 1 93  ? -0.379  2.999   -3.486  1.00 35.73  ? 92  ILE A CG1 1 
ATOM   698  C CG2 . ILE A 1 93  ? 0.650   5.000   -4.510  1.00 39.31  ? 92  ILE A CG2 1 
ATOM   699  C CD1 . ILE A 1 93  ? -0.058  2.130   -4.684  1.00 40.82  ? 92  ILE A CD1 1 
ATOM   700  N N   . THR A 1 94  ? -0.284  4.449   -0.654  1.00 34.31  ? 93  THR A N   1 
ATOM   701  C CA  . THR A 1 94  ? 0.672   4.195   0.411   1.00 34.93  ? 93  THR A CA  1 
ATOM   702  C C   . THR A 1 94  ? 1.063   2.724   0.410   1.00 36.89  ? 93  THR A C   1 
ATOM   703  O O   . THR A 1 94  ? 0.206   1.850   0.276   1.00 38.49  ? 93  THR A O   1 
ATOM   704  C CB  . THR A 1 94  ? 0.085   4.551   1.777   1.00 38.20  ? 93  THR A CB  1 
ATOM   705  O OG1 . THR A 1 94  ? -0.440  5.879   1.735   1.00 37.78  ? 93  THR A OG1 1 
ATOM   706  C CG2 . THR A 1 94  ? 1.125   4.414   2.884   1.00 30.51  ? 93  THR A CG2 1 
ATOM   707  N N   . ILE A 1 95  ? 2.351   2.457   0.564   1.00 31.68  ? 94  ILE A N   1 
ATOM   708  C CA  . ILE A 1 95  ? 2.841   1.098   0.658   1.00 32.22  ? 94  ILE A CA  1 
ATOM   709  C C   . ILE A 1 95  ? 3.725   0.941   1.869   1.00 33.77  ? 94  ILE A C   1 
ATOM   710  O O   . ILE A 1 95  ? 4.801   1.514   1.927   1.00 31.93  ? 94  ILE A O   1 
ATOM   711  C CB  . ILE A 1 95  ? 3.651   0.687   -0.572  1.00 35.53  ? 94  ILE A CB  1 
ATOM   712  C CG1 . ILE A 1 95  ? 2.795   0.798   -1.826  1.00 34.65  ? 94  ILE A CG1 1 
ATOM   713  C CG2 . ILE A 1 95  ? 4.203   -0.721  -0.403  1.00 34.17  ? 94  ILE A CG2 1 
ATOM   714  C CD1 . ILE A 1 95  ? 3.503   1.457   -2.944  1.00 39.40  ? 94  ILE A CD1 1 
ATOM   715  N N   . LYS A 1 96  ? 3.278   0.137   2.821   1.00 28.96  ? 95  LYS A N   1 
ATOM   716  C CA  . LYS A 1 96  ? 4.002   -0.042  4.075   1.00 30.47  ? 95  LYS A CA  1 
ATOM   717  C C   . LYS A 1 96  ? 4.604   -1.438  4.136   1.00 34.58  ? 95  LYS A C   1 
ATOM   718  O O   . LYS A 1 96  ? 3.919   -2.421  3.858   1.00 35.58  ? 95  LYS A O   1 
ATOM   719  C CB  . LYS A 1 96  ? 3.059   0.202   5.262   1.00 29.62  ? 95  LYS A CB  1 
ATOM   720  C CG  . LYS A 1 96  ? 3.504   -0.393  6.610   1.00 29.97  ? 95  LYS A CG  1 
ATOM   721  C CD  . LYS A 1 96  ? 4.181   0.634   7.492   1.00 33.70  ? 95  LYS A CD  1 
ATOM   722  C CE  . LYS A 1 96  ? 4.263   0.154   8.928   1.00 38.09  ? 95  LYS A CE  1 
ATOM   723  N NZ  . LYS A 1 96  ? 5.230   0.938   9.724   1.00 38.26  ? 95  LYS A NZ  1 
ATOM   724  N N   . LYS A 1 97  ? 5.878   -1.522  4.501   1.00 35.07  ? 96  LYS A N   1 
ATOM   725  C CA  . LYS A 1 97  ? 6.586   -2.793  4.557   1.00 38.15  ? 96  LYS A CA  1 
ATOM   726  C C   . LYS A 1 97  ? 6.558   -3.418  5.950   1.00 38.08  ? 96  LYS A C   1 
ATOM   727  O O   . LYS A 1 97  ? 6.877   -2.771  6.939   1.00 40.71  ? 96  LYS A O   1 
ATOM   728  C CB  . LYS A 1 97  ? 8.033   -2.612  4.104   1.00 40.76  ? 96  LYS A CB  1 
ATOM   729  C CG  . LYS A 1 97  ? 8.879   -3.871  4.193   1.00 45.34  ? 96  LYS A CG  1 
ATOM   730  C CD  . LYS A 1 97  ? 10.358  -3.526  4.157   1.00 49.41  ? 96  LYS A CD  1 
ATOM   731  C CE  . LYS A 1 97  ? 11.235  -4.736  4.458   1.00 57.60  ? 96  LYS A CE  1 
ATOM   732  N NZ  . LYS A 1 97  ? 12.674  -4.387  4.284   1.00 59.38  ? 96  LYS A NZ  1 
ATOM   733  N N   . THR A 1 98  ? 6.165   -4.684  6.017   1.00 36.93  ? 97  THR A N   1 
ATOM   734  C CA  . THR A 1 98  ? 6.210   -5.428  7.266   1.00 38.97  ? 97  THR A CA  1 
ATOM   735  C C   . THR A 1 98  ? 7.277   -6.490  7.101   1.00 41.77  ? 97  THR A C   1 
ATOM   736  O O   . THR A 1 98  ? 7.840   -6.624  6.023   1.00 42.80  ? 97  THR A O   1 
ATOM   737  C CB  . THR A 1 98  ? 4.855   -6.086  7.617   1.00 37.30  ? 97  THR A CB  1 
ATOM   738  O OG1 . THR A 1 98  ? 4.609   -7.190  6.740   1.00 34.96  ? 97  THR A OG1 1 
ATOM   739  C CG2 . THR A 1 98  ? 3.714   -5.087  7.476   1.00 30.09  ? 97  THR A CG2 1 
ATOM   740  N N   . GLY A 1 99  ? 7.552   -7.231  8.167   1.00 41.73  ? 98  GLY A N   1 
ATOM   741  C CA  . GLY A 1 99  ? 8.573   -8.265  8.167   1.00 39.59  ? 98  GLY A CA  1 
ATOM   742  C C   . GLY A 1 99  ? 8.526   -9.220  6.984   1.00 45.52  ? 98  GLY A C   1 
ATOM   743  O O   . GLY A 1 99  ? 9.569   -9.655  6.499   1.00 47.76  ? 98  GLY A O   1 
ATOM   744  N N   . MET A 1 100 ? 7.336   -9.552  6.498   1.00 43.97  ? 99  MET A N   1 
ATOM   745  C CA  . MET A 1 100 ? 7.287   -10.453 5.355   1.00 46.68  ? 99  MET A CA  1 
ATOM   746  C C   . MET A 1 100 ? 6.224   -10.082 4.345   1.00 45.48  ? 99  MET A C   1 
ATOM   747  O O   . MET A 1 100 ? 6.000   -10.829 3.387   1.00 44.40  ? 99  MET A O   1 
ATOM   748  C CB  . MET A 1 100 ? 7.089   -11.910 5.813   1.00 52.07  ? 99  MET A CB  1 
ATOM   749  C CG  . MET A 1 100 ? 5.814   -12.225 6.591   1.00 57.40  ? 99  MET A CG  1 
ATOM   750  S SD  . MET A 1 100 ? 5.980   -13.792 7.509   1.00 65.65  ? 99  MET A SD  1 
ATOM   751  C CE  . MET A 1 100 ? 7.379   -13.356 8.549   1.00 57.09  ? 99  MET A CE  1 
ATOM   752  N N   . SER A 1 101 ? 5.579   -8.928  4.524   1.00 42.49  ? 100 SER A N   1 
ATOM   753  C CA  . SER A 1 101 ? 4.611   -8.487  3.517   1.00 35.47  ? 100 SER A CA  1 
ATOM   754  C C   . SER A 1 101 ? 4.718   -7.002  3.166   1.00 37.15  ? 100 SER A C   1 
ATOM   755  O O   . SER A 1 101 ? 5.516   -6.259  3.740   1.00 35.22  ? 100 SER A O   1 
ATOM   756  C CB  . SER A 1 101 ? 3.189   -8.775  3.978   1.00 39.01  ? 100 SER A CB  1 
ATOM   757  O OG  . SER A 1 101 ? 2.722   -7.693  4.768   1.00 36.01  ? 100 SER A OG  1 
ATOM   758  N N   . LEU A 1 102 ? 3.902   -6.598  2.203   1.00 29.16  ? 101 LEU A N   1 
ATOM   759  C CA  . LEU A 1 102 ? 3.717   -5.209  1.860   1.00 37.25  ? 101 LEU A CA  1 
ATOM   760  C C   . LEU A 1 102 ? 2.238   -4.923  1.981   1.00 35.55  ? 101 LEU A C   1 
ATOM   761  O O   . LEU A 1 102 ? 1.420   -5.620  1.369   1.00 26.82  ? 101 LEU A O   1 
ATOM   762  C CB  . LEU A 1 102 ? 4.185   -4.886  0.438   1.00 33.28  ? 101 LEU A CB  1 
ATOM   763  C CG  . LEU A 1 102 ? 5.632   -5.114  0.036   1.00 32.76  ? 101 LEU A CG  1 
ATOM   764  C CD1 . LEU A 1 102 ? 5.811   -4.590  -1.394  1.00 37.07  ? 101 LEU A CD1 1 
ATOM   765  C CD2 . LEU A 1 102 ? 6.571   -4.415  1.007   1.00 35.68  ? 101 LEU A CD2 1 
ATOM   766  N N   . ILE A 1 103 ? 1.898   -3.900  2.763   1.00 30.40  ? 102 ILE A N   1 
ATOM   767  C CA  . ILE A 1 103 ? 0.515   -3.423  2.837   1.00 25.72  ? 102 ILE A CA  1 
ATOM   768  C C   . ILE A 1 103 ? 0.318   -2.257  1.879   1.00 33.05  ? 102 ILE A C   1 
ATOM   769  O O   . ILE A 1 103 ? 1.029   -1.237  1.980   1.00 29.48  ? 102 ILE A O   1 
ATOM   770  C CB  . ILE A 1 103 ? 0.129   -2.954  4.267   1.00 29.42  ? 102 ILE A CB  1 
ATOM   771  C CG1 . ILE A 1 103 ? 0.655   -3.928  5.319   1.00 31.01  ? 102 ILE A CG1 1 
ATOM   772  C CG2 . ILE A 1 103 ? -1.376  -2.689  4.370   1.00 28.49  ? 102 ILE A CG2 1 
ATOM   773  C CD1 . ILE A 1 103 ? 0.158   -5.353  5.113   1.00 33.24  ? 102 ILE A CD1 1 
ATOM   774  N N   . ILE A 1 104 ? -0.670  -2.383  0.992   1.00 30.11  ? 103 ILE A N   1 
ATOM   775  C CA  . ILE A 1 104 ? -0.903  -1.404  -0.061  1.00 28.79  ? 103 ILE A CA  1 
ATOM   776  C C   . ILE A 1 104 ? -2.301  -0.800  -0.031  1.00 34.44  ? 103 ILE A C   1 
ATOM   777  O O   . ILE A 1 104 ? -3.292  -1.512  -0.104  1.00 35.33  ? 103 ILE A O   1 
ATOM   778  C CB  . ILE A 1 104 ? -0.677  -2.038  -1.451  1.00 32.39  ? 103 ILE A CB  1 
ATOM   779  C CG1 . ILE A 1 104 ? 0.721   -2.663  -1.527  1.00 32.25  ? 103 ILE A CG1 1 
ATOM   780  C CG2 . ILE A 1 104 ? -0.877  -1.004  -2.546  1.00 34.03  ? 103 ILE A CG2 1 
ATOM   781  C CD1 . ILE A 1 104 ? 0.993   -3.351  -2.840  1.00 35.53  ? 103 ILE A CD1 1 
ATOM   782  N N   . GLY A 1 105 ? -2.398  0.518   0.079   1.00 31.47  ? 104 GLY A N   1 
ATOM   783  C CA  . GLY A 1 105 ? -3.706  1.155   0.020   1.00 32.65  ? 104 GLY A CA  1 
ATOM   784  C C   . GLY A 1 105 ? -3.740  2.216   -1.066  1.00 35.75  ? 104 GLY A C   1 
ATOM   785  O O   . GLY A 1 105 ? -2.791  2.990   -1.216  1.00 35.07  ? 104 GLY A O   1 
ATOM   786  N N   . ILE A 1 106 ? -4.830  2.245   -1.824  1.00 34.82  ? 105 ILE A N   1 
ATOM   787  C CA  . ILE A 1 106 ? -5.006  3.209   -2.908  1.00 38.60  ? 105 ILE A CA  1 
ATOM   788  C C   . ILE A 1 106 ? -6.220  4.059   -2.632  1.00 39.07  ? 105 ILE A C   1 
ATOM   789  O O   . ILE A 1 106 ? -7.275  3.534   -2.302  1.00 38.31  ? 105 ILE A O   1 
ATOM   790  C CB  . ILE A 1 106 ? -5.174  2.522   -4.274  1.00 37.36  ? 105 ILE A CB  1 
ATOM   791  C CG1 . ILE A 1 106 ? -3.926  1.714   -4.599  1.00 34.07  ? 105 ILE A CG1 1 
ATOM   792  C CG2 . ILE A 1 106 ? -5.428  3.571   -5.366  1.00 37.94  ? 105 ILE A CG2 1 
ATOM   793  C CD1 . ILE A 1 106 ? -4.046  0.870   -5.858  1.00 40.25  ? 105 ILE A CD1 1 
ATOM   794  N N   . TYR A 1 107 ? -6.073  5.378   -2.738  1.00 41.17  ? 106 TYR A N   1 
ATOM   795  C CA  . TYR A 1 107 ? -7.188  6.268   -2.426  1.00 46.02  ? 106 TYR A CA  1 
ATOM   796  C C   . TYR A 1 107 ? -7.409  7.290   -3.541  1.00 48.40  ? 106 TYR A C   1 
ATOM   797  O O   . TYR A 1 107 ? -6.508  7.576   -4.330  1.00 47.18  ? 106 TYR A O   1 
ATOM   798  C CB  . TYR A 1 107 ? -6.945  7.009   -1.101  1.00 43.21  ? 106 TYR A CB  1 
ATOM   799  C CG  . TYR A 1 107 ? -5.922  8.115   -1.265  1.00 46.73  ? 106 TYR A CG  1 
ATOM   800  C CD1 . TYR A 1 107 ? -6.310  9.428   -1.541  1.00 47.75  ? 106 TYR A CD1 1 
ATOM   801  C CD2 . TYR A 1 107 ? -4.567  7.836   -1.185  1.00 43.27  ? 106 TYR A CD2 1 
ATOM   802  C CE1 . TYR A 1 107 ? -5.374  10.429  -1.716  1.00 48.08  ? 106 TYR A CE1 1 
ATOM   803  C CE2 . TYR A 1 107 ? -3.622  8.829   -1.345  1.00 44.72  ? 106 TYR A CE2 1 
ATOM   804  C CZ  . TYR A 1 107 ? -4.030  10.120  -1.625  1.00 50.84  ? 106 TYR A CZ  1 
ATOM   805  O OH  . TYR A 1 107 ? -3.083  11.099  -1.797  1.00 49.19  ? 106 TYR A OH  1 
ATOM   806  N N   . ASP A 1 108 ? -8.615  7.840   -3.588  1.00 49.81  ? 107 ASP A N   1 
ATOM   807  C CA  A ASP A 1 108 ? -8.929  8.962   -4.463  0.46 54.63  ? 107 ASP A CA  1 
ATOM   808  C CA  B ASP A 1 108 ? -8.880  8.999   -4.429  0.54 55.60  ? 107 ASP A CA  1 
ATOM   809  C C   . ASP A 1 108 ? -9.742  9.972   -3.656  1.00 59.40  ? 107 ASP A C   1 
ATOM   810  O O   . ASP A 1 108 ? -10.367 9.608   -2.655  1.00 56.88  ? 107 ASP A O   1 
ATOM   811  C CB  A ASP A 1 108 ? -9.703  8.506   -5.715  0.46 57.32  ? 107 ASP A CB  1 
ATOM   812  C CB  B ASP A 1 108 ? -9.568  8.619   -5.742  0.54 55.69  ? 107 ASP A CB  1 
ATOM   813  C CG  A ASP A 1 108 ? -8.893  7.552   -6.611  0.46 54.89  ? 107 ASP A CG  1 
ATOM   814  C CG  B ASP A 1 108 ? -9.589  9.769   -6.742  0.54 57.16  ? 107 ASP A CG  1 
ATOM   815  O OD1 A ASP A 1 108 ? -7.985  8.018   -7.335  0.46 53.39  ? 107 ASP A OD1 1 
ATOM   816  O OD1 B ASP A 1 108 ? -8.568  10.480  -6.864  0.54 56.99  ? 107 ASP A OD1 1 
ATOM   817  O OD2 A ASP A 1 108 ? -9.183  6.336   -6.611  0.46 52.23  ? 107 ASP A OD2 1 
ATOM   818  O OD2 B ASP A 1 108 ? -10.629 9.975   -7.394  0.54 57.18  ? 107 ASP A OD2 1 
ATOM   819  N N   . GLU A 1 109 ? -9.737  11.224  -4.099  1.00 62.52  ? 108 GLU A N   1 
ATOM   820  C CA  . GLU A 1 109 ? -10.572 12.265  -3.513  1.00 65.83  ? 108 GLU A CA  1 
ATOM   821  C C   . GLU A 1 109 ? -12.022 11.768  -3.443  1.00 64.30  ? 108 GLU A C   1 
ATOM   822  O O   . GLU A 1 109 ? -12.466 11.051  -4.333  1.00 66.28  ? 108 GLU A O   1 
ATOM   823  C CB  . GLU A 1 109 ? -10.441 13.553  -4.342  1.00 72.25  ? 108 GLU A CB  1 
ATOM   824  C CG  . GLU A 1 109 ? -11.642 14.479  -4.361  1.00 86.42  ? 108 GLU A CG  1 
ATOM   825  C CD  . GLU A 1 109 ? -12.543 14.204  -5.545  1.00 96.73  ? 108 GLU A CD  1 
ATOM   826  O OE1 . GLU A 1 109 ? -12.017 13.770  -6.595  1.00 95.27  ? 108 GLU A OE1 1 
ATOM   827  O OE2 . GLU A 1 109 ? -13.774 14.401  -5.416  1.00 103.60 ? 108 GLU A OE2 1 
ATOM   828  N N   . PRO A 1 110 ? -12.765 12.130  -2.382  1.00 63.26  ? 109 PRO A N   1 
ATOM   829  C CA  . PRO A 1 110 ? -12.412 13.042  -1.290  1.00 58.55  ? 109 PRO A CA  1 
ATOM   830  C C   . PRO A 1 110 ? -11.606 12.418  -0.144  1.00 62.78  ? 109 PRO A C   1 
ATOM   831  O O   . PRO A 1 110 ? -11.615 12.982  0.958   1.00 61.54  ? 109 PRO A O   1 
ATOM   832  C CB  . PRO A 1 110 ? -13.784 13.498  -0.784  1.00 58.64  ? 109 PRO A CB  1 
ATOM   833  C CG  . PRO A 1 110 ? -14.645 12.305  -0.982  1.00 54.69  ? 109 PRO A CG  1 
ATOM   834  C CD  . PRO A 1 110 ? -14.154 11.649  -2.257  1.00 60.64  ? 109 PRO A CD  1 
ATOM   835  N N   . MET A 1 111 ? -10.936 11.286  -0.376  1.00 60.74  ? 110 MET A N   1 
ATOM   836  C CA  . MET A 1 111 ? -10.066 10.735  0.660   1.00 56.45  ? 110 MET A CA  1 
ATOM   837  C C   . MET A 1 111 ? -8.747  11.486  0.635   1.00 54.73  ? 110 MET A C   1 
ATOM   838  O O   . MET A 1 111 ? -8.235  11.841  -0.434  1.00 57.26  ? 110 MET A O   1 
ATOM   839  C CB  . MET A 1 111 ? -9.823  9.228   0.489   1.00 51.98  ? 110 MET A CB  1 
ATOM   840  C CG  . MET A 1 111 ? -9.290  8.556   1.761   1.00 51.31  ? 110 MET A CG  1 
ATOM   841  S SD  . MET A 1 111 ? -9.492  6.761   1.802   1.00 49.42  ? 110 MET A SD  1 
ATOM   842  C CE  . MET A 1 111 ? -8.807  6.355   3.402   1.00 47.49  ? 110 MET A CE  1 
ATOM   843  N N   . THR A 1 112 ? -8.204  11.728  1.822   1.00 51.32  ? 111 THR A N   1 
ATOM   844  C CA  . THR A 1 112 ? -6.965  12.474  1.945   1.00 50.11  ? 111 THR A CA  1 
ATOM   845  C C   . THR A 1 112 ? -5.771  11.524  2.025   1.00 50.79  ? 111 THR A C   1 
ATOM   846  O O   . THR A 1 112 ? -5.917  10.355  2.416   1.00 46.63  ? 111 THR A O   1 
ATOM   847  C CB  . THR A 1 112 ? -7.010  13.379  3.179   1.00 51.54  ? 111 THR A CB  1 
ATOM   848  O OG1 . THR A 1 112 ? -6.999  12.566  4.358   1.00 51.06  ? 111 THR A OG1 1 
ATOM   849  C CG2 . THR A 1 112 ? -8.282  14.227  3.162   1.00 49.53  ? 111 THR A CG2 1 
ATOM   850  N N   . PRO A 1 113 ? -4.583  12.015  1.642   1.00 49.92  ? 112 PRO A N   1 
ATOM   851  C CA  . PRO A 1 113 ? -3.387  11.191  1.832   1.00 47.59  ? 112 PRO A CA  1 
ATOM   852  C C   . PRO A 1 113 ? -3.201  10.814  3.299   1.00 45.48  ? 112 PRO A C   1 
ATOM   853  O O   . PRO A 1 113 ? -2.809  9.685   3.585   1.00 42.48  ? 112 PRO A O   1 
ATOM   854  C CB  . PRO A 1 113 ? -2.248  12.095  1.360   1.00 44.80  ? 112 PRO A CB  1 
ATOM   855  C CG  . PRO A 1 113 ? -2.883  13.115  0.509   1.00 48.01  ? 112 PRO A CG  1 
ATOM   856  C CD  . PRO A 1 113 ? -4.277  13.303  1.001   1.00 51.28  ? 112 PRO A CD  1 
ATOM   857  N N   . GLY A 1 114 ? -3.475  11.739  4.214   1.00 46.56  ? 113 GLY A N   1 
ATOM   858  C CA  . GLY A 1 114 ? -3.337  11.446  5.633   1.00 39.21  ? 113 GLY A CA  1 
ATOM   859  C C   . GLY A 1 114 ? -4.201  10.269  6.083   1.00 45.40  ? 113 GLY A C   1 
ATOM   860  O O   . GLY A 1 114 ? -3.766  9.418   6.867   1.00 41.04  ? 113 GLY A O   1 
ATOM   861  N N   . GLN A 1 115 ? -5.429  10.217  5.580   1.00 37.71  ? 114 GLN A N   1 
ATOM   862  C CA  . GLN A 1 115 ? -6.344  9.133   5.910   1.00 45.90  ? 114 GLN A CA  1 
ATOM   863  C C   . GLN A 1 115 ? -5.840  7.781   5.393   1.00 44.74  ? 114 GLN A C   1 
ATOM   864  O O   . GLN A 1 115 ? -5.853  6.791   6.122   1.00 42.62  ? 114 GLN A O   1 
ATOM   865  C CB  . GLN A 1 115 ? -7.740  9.442   5.367   1.00 46.00  ? 114 GLN A CB  1 
ATOM   866  C CG  . GLN A 1 115 ? -8.447  10.540  6.172   1.00 49.46  ? 114 GLN A CG  1 
ATOM   867  C CD  . GLN A 1 115 ? -9.589  11.220  5.426   1.00 52.84  ? 114 GLN A CD  1 
ATOM   868  O OE1 . GLN A 1 115 ? -9.725  11.102  4.200   1.00 49.15  ? 114 GLN A OE1 1 
ATOM   869  N NE2 . GLN A 1 115 ? -10.410 11.963  6.170   1.00 48.36  ? 114 GLN A NE2 1 
ATOM   870  N N   . CYS A 1 116 ? -5.384  7.751   4.143   1.00 37.53  ? 115 CYS A N   1 
ATOM   871  C CA  . CYS A 1 116 ? -4.793  6.562   3.551   1.00 40.63  ? 115 CYS A CA  1 
ATOM   872  C C   . CYS A 1 116 ? -3.547  6.141   4.317   1.00 42.36  ? 115 CYS A C   1 
ATOM   873  O O   . CYS A 1 116 ? -3.394  4.961   4.665   1.00 37.06  ? 115 CYS A O   1 
ATOM   874  C CB  . CYS A 1 116 ? -4.449  6.817   2.084   1.00 44.42  ? 115 CYS A CB  1 
ATOM   875  S SG  . CYS A 1 116 ? -3.675  5.424   1.214   1.00 39.31  ? 115 CYS A SG  1 
ATOM   876  N N   . ASN A 1 117 ? -2.664  7.104   4.586   1.00 40.13  ? 116 ASN A N   1 
ATOM   877  C CA  . ASN A 1 117 ? -1.466  6.839   5.390   1.00 39.43  ? 116 ASN A CA  1 
ATOM   878  C C   . ASN A 1 117 ? -1.841  6.189   6.698   1.00 39.46  ? 116 ASN A C   1 
ATOM   879  O O   . ASN A 1 117 ? -1.292  5.161   7.079   1.00 38.68  ? 116 ASN A O   1 
ATOM   880  C CB  . ASN A 1 117 ? -0.683  8.130   5.666   1.00 36.39  ? 116 ASN A CB  1 
ATOM   881  C CG  . ASN A 1 117 ? -0.041  8.691   4.412   1.00 45.90  ? 116 ASN A CG  1 
ATOM   882  O OD1 . ASN A 1 117 ? 0.142   7.964   3.439   1.00 40.55  ? 116 ASN A OD1 1 
ATOM   883  N ND2 . ASN A 1 117 ? 0.296   9.987   4.423   1.00 41.87  ? 116 ASN A ND2 1 
ATOM   884  N N   . MET A 1 118 ? -2.802  6.795   7.377   1.00 35.06  ? 117 MET A N   1 
ATOM   885  C CA  . MET A 1 118 ? -3.178  6.336   8.695   1.00 44.42  ? 117 MET A CA  1 
ATOM   886  C C   . MET A 1 118 ? -3.658  4.885   8.679   1.00 38.93  ? 117 MET A C   1 
ATOM   887  O O   . MET A 1 118 ? -3.184  4.082   9.470   1.00 36.05  ? 117 MET A O   1 
ATOM   888  C CB  . MET A 1 118 ? -4.241  7.258   9.287   1.00 47.00  ? 117 MET A CB  1 
ATOM   889  C CG  . MET A 1 118 ? -3.634  8.527   9.919   1.00 64.00  ? 117 MET A CG  1 
ATOM   890  S SD  . MET A 1 118 ? -4.768  9.795   10.571  1.00 108.19 ? 117 MET A SD  1 
ATOM   891  C CE  . MET A 1 118 ? -6.068  9.837   9.345   1.00 68.06  ? 117 MET A CE  1 
ATOM   892  N N   . VAL A 1 119 ? -4.563  4.538   7.771   1.00 31.94  ? 118 VAL A N   1 
ATOM   893  C CA  A VAL A 1 119 ? -5.128  3.197   7.799   0.40 38.26  ? 118 VAL A CA  1 
ATOM   894  C CA  B VAL A 1 119 ? -5.140  3.196   7.700   0.60 36.50  ? 118 VAL A CA  1 
ATOM   895  C C   . VAL A 1 119 ? -4.100  2.133   7.370   1.00 36.79  ? 118 VAL A C   1 
ATOM   896  O O   . VAL A 1 119 ? -4.036  1.075   7.988   1.00 34.72  ? 118 VAL A O   1 
ATOM   897  C CB  A VAL A 1 119 ? -6.416  3.107   6.935   0.40 40.48  ? 118 VAL A CB  1 
ATOM   898  C CB  B VAL A 1 119 ? -6.246  3.130   6.634   0.60 40.29  ? 118 VAL A CB  1 
ATOM   899  C CG1 A VAL A 1 119 ? -6.107  3.104   5.444   0.40 38.78  ? 118 VAL A CG1 1 
ATOM   900  C CG1 B VAL A 1 119 ? -6.729  1.704   6.450   0.60 40.24  ? 118 VAL A CG1 1 
ATOM   901  C CG2 A VAL A 1 119 ? -7.233  1.886   7.326   0.40 41.56  ? 118 VAL A CG2 1 
ATOM   902  C CG2 B VAL A 1 119 ? -7.394  4.042   7.004   0.60 40.86  ? 118 VAL A CG2 1 
ATOM   903  N N   . VAL A 1 120 ? -3.270  2.415   6.363   1.00 29.52  ? 119 VAL A N   1 
ATOM   904  C CA  . VAL A 1 120 ? -2.295  1.435   5.889   1.00 34.07  ? 119 VAL A CA  1 
ATOM   905  C C   . VAL A 1 120 ? -1.171  1.229   6.893   1.00 35.17  ? 119 VAL A C   1 
ATOM   906  O O   . VAL A 1 120 ? -0.780  0.098   7.215   1.00 30.67  ? 119 VAL A O   1 
ATOM   907  C CB  . VAL A 1 120 ? -1.693  1.863   4.540   1.00 34.51  ? 119 VAL A CB  1 
ATOM   908  C CG1 . VAL A 1 120 ? -0.521  0.986   4.164   1.00 25.43  ? 119 VAL A CG1 1 
ATOM   909  C CG2 . VAL A 1 120 ? -2.757  1.818   3.461   1.00 27.57  ? 119 VAL A CG2 1 
ATOM   910  N N   . GLU A 1 121 ? -0.651  2.332   7.400   1.00 29.12  ? 120 GLU A N   1 
ATOM   911  C CA  . GLU A 1 121 ? 0.477   2.268   8.298   1.00 31.35  ? 120 GLU A CA  1 
ATOM   912  C C   . GLU A 1 121 ? 0.094   1.714   9.664   1.00 30.81  ? 120 GLU A C   1 
ATOM   913  O O   . GLU A 1 121 ? 0.887   0.996   10.280  1.00 30.26  ? 120 GLU A O   1 
ATOM   914  C CB  . GLU A 1 121 ? 1.101   3.658   8.442   1.00 32.95  ? 120 GLU A CB  1 
ATOM   915  C CG  . GLU A 1 121 ? 1.591   4.194   7.117   1.00 38.00  ? 120 GLU A CG  1 
ATOM   916  C CD  . GLU A 1 121 ? 2.172   5.576   7.211   1.00 43.62  ? 120 GLU A CD  1 
ATOM   917  O OE1 . GLU A 1 121 ? 3.034   5.799   8.088   1.00 50.35  ? 120 GLU A OE1 1 
ATOM   918  O OE2 . GLU A 1 121 ? 1.775   6.431   6.391   1.00 45.26  ? 120 GLU A OE2 1 
ATOM   919  N N   . ARG A 1 122 ? -1.115  2.007   10.147  1.00 22.66  ? 121 ARG A N   1 
ATOM   920  C CA  . ARG A 1 122 ? -1.455  1.522   11.486  1.00 30.77  ? 121 ARG A CA  1 
ATOM   921  C C   . ARG A 1 122 ? -1.645  -0.015  11.441  1.00 32.72  ? 121 ARG A C   1 
ATOM   922  O O   . ARG A 1 122 ? -1.245  -0.720  12.370  1.00 31.46  ? 121 ARG A O   1 
ATOM   923  C CB  . ARG A 1 122 ? -2.700  2.221   12.045  1.00 30.09  ? 121 ARG A CB  1 
ATOM   924  C CG  . ARG A 1 122 ? -3.985  1.746   11.365  1.00 45.87  ? 121 ARG A CG  1 
ATOM   925  C CD  . ARG A 1 122 ? -5.232  2.514   11.777  1.00 53.94  ? 121 ARG A CD  1 
ATOM   926  N NE  . ARG A 1 122 ? -6.434  1.961   11.146  1.00 51.69  ? 121 ARG A NE  1 
ATOM   927  C CZ  . ARG A 1 122 ? -7.587  2.614   11.060  1.00 52.58  ? 121 ARG A CZ  1 
ATOM   928  N NH1 . ARG A 1 122 ? -7.678  3.844   11.550  1.00 49.94  ? 121 ARG A NH1 1 
ATOM   929  N NH2 . ARG A 1 122 ? -8.639  2.046   10.475  1.00 59.59  ? 121 ARG A NH2 1 
ATOM   930  N N   . LEU A 1 123 ? -2.231  -0.537  10.363  1.00 29.96  ? 122 LEU A N   1 
ATOM   931  C CA  . LEU A 1 123 ? -2.402  -1.982  10.261  1.00 31.01  ? 122 LEU A CA  1 
ATOM   932  C C   . LEU A 1 123 ? -1.021  -2.616  10.140  1.00 32.33  ? 122 LEU A C   1 
ATOM   933  O O   . LEU A 1 123 ? -0.705  -3.612  10.812  1.00 30.67  ? 122 LEU A O   1 
ATOM   934  C CB  . LEU A 1 123 ? -3.277  -2.358  9.075   1.00 31.95  ? 122 LEU A CB  1 
ATOM   935  C CG  . LEU A 1 123 ? -3.354  -3.871  8.911   1.00 30.93  ? 122 LEU A CG  1 
ATOM   936  C CD1 . LEU A 1 123 ? -4.034  -4.502  10.144  1.00 27.20  ? 122 LEU A CD1 1 
ATOM   937  C CD2 . LEU A 1 123 ? -4.071  -4.182  7.646   1.00 27.37  ? 122 LEU A CD2 1 
ATOM   938  N N   . GLY A 1 124 ? -0.175  -1.996  9.320   1.00 33.23  ? 123 GLY A N   1 
ATOM   939  C CA  . GLY A 1 124 ? 1.211   -2.418  9.218   1.00 29.64  ? 123 GLY A CA  1 
ATOM   940  C C   . GLY A 1 124 ? 1.900   -2.587  10.560  1.00 34.05  ? 123 GLY A C   1 
ATOM   941  O O   . GLY A 1 124 ? 2.543   -3.619  10.809  1.00 31.45  ? 123 GLY A O   1 
ATOM   942  N N   . ASP A 1 125 ? 1.768   -1.592  11.432  1.00 28.53  ? 124 ASP A N   1 
ATOM   943  C CA  . ASP A 1 125 ? 2.428   -1.646  12.737  1.00 35.07  ? 124 ASP A CA  1 
ATOM   944  C C   . ASP A 1 125 ? 1.889   -2.794  13.568  1.00 33.60  ? 124 ASP A C   1 
ATOM   945  O O   . ASP A 1 125 ? 2.629   -3.441  14.299  1.00 33.74  ? 124 ASP A O   1 
ATOM   946  C CB  . ASP A 1 125 ? 2.251   -0.328  13.510  1.00 35.76  ? 124 ASP A CB  1 
ATOM   947  C CG  . ASP A 1 125 ? 3.117   0.795   12.960  1.00 39.41  ? 124 ASP A CG  1 
ATOM   948  O OD1 . ASP A 1 125 ? 4.100   0.495   12.237  1.00 38.24  ? 124 ASP A OD1 1 
ATOM   949  O OD2 . ASP A 1 125 ? 2.808   1.975   13.257  1.00 41.99  ? 124 ASP A OD2 1 
ATOM   950  N N   . TYR A 1 126 ? 0.589   -3.039  13.448  1.00 28.56  ? 125 TYR A N   1 
ATOM   951  C CA  . TYR A 1 126 ? -0.061  -4.116  14.188  1.00 30.11  ? 125 TYR A CA  1 
ATOM   952  C C   . TYR A 1 126 ? 0.435   -5.471  13.678  1.00 34.35  ? 125 TYR A C   1 
ATOM   953  O O   . TYR A 1 126 ? 0.788   -6.365  14.461  1.00 31.82  ? 125 TYR A O   1 
ATOM   954  C CB  . TYR A 1 126 ? -1.588  -3.996  14.065  1.00 29.61  ? 125 TYR A CB  1 
ATOM   955  C CG  . TYR A 1 126 ? -2.367  -5.071  14.810  1.00 34.12  ? 125 TYR A CG  1 
ATOM   956  C CD1 . TYR A 1 126 ? -1.974  -5.493  16.072  1.00 33.51  ? 125 TYR A CD1 1 
ATOM   957  C CD2 . TYR A 1 126 ? -3.513  -5.625  14.261  1.00 32.52  ? 125 TYR A CD2 1 
ATOM   958  C CE1 . TYR A 1 126 ? -2.701  -6.454  16.763  1.00 38.00  ? 125 TYR A CE1 1 
ATOM   959  C CE2 . TYR A 1 126 ? -4.234  -6.585  14.934  1.00 36.83  ? 125 TYR A CE2 1 
ATOM   960  C CZ  . TYR A 1 126 ? -3.821  -6.999  16.178  1.00 33.97  ? 125 TYR A CZ  1 
ATOM   961  O OH  . TYR A 1 126 ? -4.531  -7.968  16.819  1.00 31.19  ? 125 TYR A OH  1 
ATOM   962  N N   . LEU A 1 127 ? 0.496   -5.610  12.357  1.00 38.23  ? 126 LEU A N   1 
ATOM   963  C CA  . LEU A 1 127 ? 0.995   -6.840  11.746  1.00 31.94  ? 126 LEU A CA  1 
ATOM   964  C C   . LEU A 1 127 ? 2.466   -7.070  12.093  1.00 32.38  ? 126 LEU A C   1 
ATOM   965  O O   . LEU A 1 127 ? 2.881   -8.179  12.375  1.00 34.66  ? 126 LEU A O   1 
ATOM   966  C CB  . LEU A 1 127 ? 0.779   -6.794  10.238  1.00 27.84  ? 126 LEU A CB  1 
ATOM   967  C CG  . LEU A 1 127 ? -0.689  -6.892  9.817   1.00 28.86  ? 126 LEU A CG  1 
ATOM   968  C CD1 . LEU A 1 127 ? -0.878  -6.805  8.295   1.00 27.76  ? 126 LEU A CD1 1 
ATOM   969  C CD2 . LEU A 1 127 ? -1.284  -8.177  10.343  1.00 30.74  ? 126 LEU A CD2 1 
ATOM   970  N N   . ILE A 1 128 ? 3.256   -6.009  12.116  1.00 36.95  ? 127 ILE A N   1 
ATOM   971  C CA  . ILE A 1 128 ? 4.665   -6.143  12.476  1.00 34.95  ? 127 ILE A CA  1 
ATOM   972  C C   . ILE A 1 128 ? 4.805   -6.699  13.886  1.00 41.21  ? 127 ILE A C   1 
ATOM   973  O O   . ILE A 1 128 ? 5.568   -7.638  14.117  1.00 40.60  ? 127 ILE A O   1 
ATOM   974  C CB  . ILE A 1 128 ? 5.389   -4.796  12.359  1.00 36.57  ? 127 ILE A CB  1 
ATOM   975  C CG1 . ILE A 1 128 ? 5.672   -4.505  10.881  1.00 34.81  ? 127 ILE A CG1 1 
ATOM   976  C CG2 . ILE A 1 128 ? 6.664   -4.779  13.188  1.00 38.98  ? 127 ILE A CG2 1 
ATOM   977  C CD1 . ILE A 1 128 ? 6.107   -3.104  10.612  1.00 34.80  ? 127 ILE A CD1 1 
ATOM   978  N N   . GLU A 1 129 ? 4.034   -6.146  14.818  1.00 37.18  ? 128 GLU A N   1 
ATOM   979  C CA  . GLU A 1 129 ? 4.069   -6.602  16.205  1.00 41.34  ? 128 GLU A CA  1 
ATOM   980  C C   . GLU A 1 129 ? 3.658   -8.061  16.315  1.00 45.20  ? 128 GLU A C   1 
ATOM   981  O O   . GLU A 1 129 ? 4.066   -8.743  17.243  1.00 50.19  ? 128 GLU A O   1 
ATOM   982  C CB  . GLU A 1 129 ? 3.166   -5.737  17.096  1.00 41.90  ? 128 GLU A CB  1 
ATOM   983  C CG  . GLU A 1 129 ? 3.713   -4.338  17.335  1.00 48.88  ? 128 GLU A CG  1 
ATOM   984  C CD  . GLU A 1 129 ? 5.089   -4.355  17.997  1.00 67.38  ? 128 GLU A CD  1 
ATOM   985  O OE1 . GLU A 1 129 ? 5.211   -4.927  19.106  1.00 83.65  ? 128 GLU A OE1 1 
ATOM   986  O OE2 . GLU A 1 129 ? 6.045   -3.796  17.410  1.00 63.77  ? 128 GLU A OE2 1 
ATOM   987  N N   . GLN A 1 130 ? 2.849   -8.543  15.376  1.00 36.63  ? 129 GLN A N   1 
ATOM   988  C CA  . GLN A 1 130 ? 2.439   -9.944  15.409  1.00 40.59  ? 129 GLN A CA  1 
ATOM   989  C C   . GLN A 1 130 ? 3.469   -10.896 14.797  1.00 43.06  ? 129 GLN A C   1 
ATOM   990  O O   . GLN A 1 130 ? 3.314   -12.104 14.900  1.00 49.40  ? 129 GLN A O   1 
ATOM   991  C CB  . GLN A 1 130 ? 1.112   -10.136 14.695  1.00 39.16  ? 129 GLN A CB  1 
ATOM   992  C CG  . GLN A 1 130 ? -0.147  -9.622  15.424  1.00 40.64  ? 129 GLN A CG  1 
ATOM   993  C CD  . GLN A 1 130 ? -1.381  -9.869  14.585  1.00 42.01  ? 129 GLN A CD  1 
ATOM   994  O OE1 . GLN A 1 130 ? -1.768  -11.019 14.379  1.00 45.94  ? 129 GLN A OE1 1 
ATOM   995  N NE2 . GLN A 1 130 ? -1.977  -8.792  14.040  1.00 36.81  ? 129 GLN A NE2 1 
ATOM   996  N N   . GLY A 1 131 ? 4.499   -10.355 14.150  1.00 41.59  ? 130 GLY A N   1 
ATOM   997  C CA  . GLY A 1 131 ? 5.555   -11.162 13.563  1.00 37.84  ? 130 GLY A CA  1 
ATOM   998  C C   . GLY A 1 131 ? 5.461   -11.298 12.055  1.00 41.94  ? 130 GLY A C   1 
ATOM   999  O O   . GLY A 1 131 ? 6.217   -12.056 11.450  1.00 46.65  ? 130 GLY A O   1 
ATOM   1000 N N   . PHE A 1 132 ? 4.516   -10.596 11.439  1.00 42.83  ? 131 PHE A N   1 
ATOM   1001 C CA  . PHE A 1 132 ? 4.369   -10.652 9.981   1.00 42.87  ? 131 PHE A CA  1 
ATOM   1002 C C   . PHE A 1 132 ? 5.086   -9.501  9.287   1.00 43.18  ? 131 PHE A C   1 
ATOM   1003 O O   . PHE A 1 132 ? 4.944   -9.316  8.065   1.00 38.97  ? 131 PHE A O   1 
ATOM   1004 C CB  . PHE A 1 132 ? 2.903   -10.632 9.584   1.00 41.91  ? 131 PHE A CB  1 
ATOM   1005 C CG  . PHE A 1 132 ? 2.124   -11.776 10.118  1.00 47.29  ? 131 PHE A CG  1 
ATOM   1006 C CD1 . PHE A 1 132 ? 2.279   -13.041 9.588   1.00 51.83  ? 131 PHE A CD1 1 
ATOM   1007 C CD2 . PHE A 1 132 ? 1.241   -11.596 11.158  1.00 46.69  ? 131 PHE A CD2 1 
ATOM   1008 C CE1 . PHE A 1 132 ? 1.556   -14.107 10.081  1.00 54.31  ? 131 PHE A CE1 1 
ATOM   1009 C CE2 . PHE A 1 132 ? 0.513   -12.664 11.660  1.00 54.75  ? 131 PHE A CE2 1 
ATOM   1010 C CZ  . PHE A 1 132 ? 0.670   -13.918 11.116  1.00 58.27  ? 131 PHE A CZ  1 
ATOM   1011 O OXT . PHE A 1 132 ? 5.798   -8.734  9.946   1.00 37.80  ? 131 PHE A OXT 1 
HETATM 1012 C C1  . GOL B 2 .   ? 10.844  5.924   1.288   1.00 56.17  ? 201 GOL A C1  1 
HETATM 1013 O O1  . GOL B 2 .   ? 10.415  6.977   0.449   1.00 64.93  ? 201 GOL A O1  1 
HETATM 1014 C C2  . GOL B 2 .   ? 11.423  4.851   0.380   1.00 59.99  ? 201 GOL A C2  1 
HETATM 1015 O O2  . GOL B 2 .   ? 11.820  5.493   -0.817  1.00 55.62  ? 201 GOL A O2  1 
HETATM 1016 C C3  . GOL B 2 .   ? 12.662  4.234   1.017   1.00 57.19  ? 201 GOL A C3  1 
HETATM 1017 O O3  . GOL B 2 .   ? 12.411  3.206   1.949   1.00 52.19  ? 201 GOL A O3  1 
HETATM 1018 C C1  . GOL C 2 .   ? 9.042   11.055  -18.549 1.00 76.84  ? 202 GOL A C1  1 
HETATM 1019 O O1  . GOL C 2 .   ? 8.400   9.911   -19.073 1.00 75.71  ? 202 GOL A O1  1 
HETATM 1020 C C2  . GOL C 2 .   ? 8.102   11.854  -17.641 1.00 80.46  ? 202 GOL A C2  1 
HETATM 1021 O O2  . GOL C 2 .   ? 6.996   11.070  -17.250 1.00 88.18  ? 202 GOL A O2  1 
HETATM 1022 C C3  . GOL C 2 .   ? 8.851   12.299  -16.386 1.00 83.50  ? 202 GOL A C3  1 
HETATM 1023 O O3  . GOL C 2 .   ? 8.991   13.706  -16.327 1.00 79.18  ? 202 GOL A O3  1 
HETATM 1024 C C1  . GOL D 2 .   ? 7.334   14.239  -10.094 1.00 75.76  ? 203 GOL A C1  1 
HETATM 1025 O O1  . GOL D 2 .   ? 6.888   12.906  -10.148 1.00 66.44  ? 203 GOL A O1  1 
HETATM 1026 C C2  . GOL D 2 .   ? 7.267   14.771  -11.512 1.00 84.85  ? 203 GOL A C2  1 
HETATM 1027 O O2  . GOL D 2 .   ? 6.127   14.235  -12.148 1.00 90.76  ? 203 GOL A O2  1 
HETATM 1028 C C3  . GOL D 2 .   ? 7.173   16.287  -11.480 1.00 85.56  ? 203 GOL A C3  1 
HETATM 1029 O O3  . GOL D 2 .   ? 7.385   16.766  -12.789 1.00 83.01  ? 203 GOL A O3  1 
HETATM 1030 C C1  . GOL E 2 .   ? 3.663   -11.049 20.010  1.00 79.01  ? 204 GOL A C1  1 
HETATM 1031 O O1  . GOL E 2 .   ? 3.057   -11.310 18.768  1.00 76.02  ? 204 GOL A O1  1 
HETATM 1032 C C2  . GOL E 2 .   ? 3.520   -9.579  20.392  1.00 80.23  ? 204 GOL A C2  1 
HETATM 1033 O O2  . GOL E 2 .   ? 2.782   -8.841  19.453  1.00 89.44  ? 204 GOL A O2  1 
HETATM 1034 C C3  . GOL E 2 .   ? 4.890   -8.959  20.611  1.00 78.10  ? 204 GOL A C3  1 
HETATM 1035 O O3  . GOL E 2 .   ? 4.780   -7.993  21.634  1.00 82.58  ? 204 GOL A O3  1 
HETATM 1036 C C1  . GOL F 2 .   ? 12.857  -9.565  2.210   1.00 90.49  ? 205 GOL A C1  1 
HETATM 1037 O O1  . GOL F 2 .   ? 12.422  -10.378 3.288   1.00 97.71  ? 205 GOL A O1  1 
HETATM 1038 C C2  . GOL F 2 .   ? 14.148  -8.829  2.572   1.00 98.76  ? 205 GOL A C2  1 
HETATM 1039 O O2  . GOL F 2 .   ? 14.865  -9.559  3.540   1.00 108.14 ? 205 GOL A O2  1 
HETATM 1040 C C3  . GOL F 2 .   ? 13.862  -7.429  3.109   1.00 84.29  ? 205 GOL A C3  1 
HETATM 1041 O O3  . GOL F 2 .   ? 14.190  -7.370  4.487   1.00 80.86  ? 205 GOL A O3  1 
HETATM 1042 O O   . HOH G 3 .   ? 7.141   -8.421  11.795  1.00 45.75  ? 301 HOH A O   1 
HETATM 1043 O O   . HOH G 3 .   ? 8.855   17.851  -14.339 1.00 52.75  ? 302 HOH A O   1 
HETATM 1044 O O   . HOH G 3 .   ? 8.610   12.377  -7.245  1.00 38.37  ? 303 HOH A O   1 
HETATM 1045 O O   . HOH G 3 .   ? -10.260 2.684   4.016   1.00 42.36  ? 304 HOH A O   1 
HETATM 1046 O O   . HOH G 3 .   ? -2.905  1.510   -9.141  1.00 44.87  ? 305 HOH A O   1 
HETATM 1047 O O   . HOH G 3 .   ? -0.530  10.221  -1.775  1.00 42.74  ? 306 HOH A O   1 
HETATM 1048 O O   . HOH G 3 .   ? -1.623  -15.705 -4.035  1.00 38.42  ? 307 HOH A O   1 
HETATM 1049 O O   . HOH G 3 .   ? 8.479   10.112  -9.006  1.00 45.78  ? 308 HOH A O   1 
HETATM 1050 O O   . HOH G 3 .   ? -13.279 -5.501  -2.271  1.00 56.21  ? 309 HOH A O   1 
HETATM 1051 O O   . HOH G 3 .   ? -1.229  0.367   14.961  1.00 35.49  ? 310 HOH A O   1 
HETATM 1052 O O   . HOH G 3 .   ? -6.980  -14.386 0.405   1.00 39.67  ? 311 HOH A O   1 
HETATM 1053 O O   . HOH G 3 .   ? -3.927  14.531  4.098   1.00 52.38  ? 312 HOH A O   1 
HETATM 1054 O O   . HOH G 3 .   ? 8.004   7.356   -1.074  1.00 40.33  ? 313 HOH A O   1 
HETATM 1055 O O   . HOH G 3 .   ? 0.299   2.521   14.557  1.00 43.49  ? 314 HOH A O   1 
HETATM 1056 O O   . HOH G 3 .   ? -7.821  -14.848 3.265   1.00 37.32  ? 315 HOH A O   1 
HETATM 1057 O O   . HOH G 3 .   ? 4.892   3.937   9.386   1.00 39.68  ? 316 HOH A O   1 
HETATM 1058 O O   . HOH G 3 .   ? 7.360   -13.275 2.481   1.00 50.90  ? 317 HOH A O   1 
HETATM 1059 O O   . HOH G 3 .   ? -5.742  -5.237  -13.372 1.00 56.64  ? 318 HOH A O   1 
HETATM 1060 O O   . HOH G 3 .   ? 12.215  6.946   -3.980  1.00 51.34  ? 319 HOH A O   1 
HETATM 1061 O O   . HOH G 3 .   ? 10.997  -12.203 5.238   1.00 59.15  ? 320 HOH A O   1 
HETATM 1062 O O   . HOH G 3 .   ? 10.052  -16.265 -2.391  1.00 56.76  ? 321 HOH A O   1 
HETATM 1063 O O   . HOH G 3 .   ? -7.108  14.075  7.033   1.00 58.47  ? 322 HOH A O   1 
HETATM 1064 O O   . HOH G 3 .   ? 1.410   11.900  2.266   1.00 43.99  ? 323 HOH A O   1 
HETATM 1065 O O   . HOH G 3 .   ? 5.171   -13.574 18.718  1.00 58.86  ? 324 HOH A O   1 
HETATM 1066 O O   . HOH G 3 .   ? -10.801 -10.376 -4.116  1.00 55.99  ? 325 HOH A O   1 
HETATM 1067 O O   . HOH G 3 .   ? -0.386  11.440  7.094   1.00 50.84  ? 326 HOH A O   1 
HETATM 1068 O O   . HOH G 3 .   ? 5.159   -1.386  -14.679 1.00 49.86  ? 327 HOH A O   1 
HETATM 1069 O O   . HOH G 3 .   ? -0.639  13.362  -1.946  1.00 44.80  ? 328 HOH A O   1 
HETATM 1070 O O   . HOH G 3 .   ? -0.959  -13.882 -6.682  1.00 47.03  ? 329 HOH A O   1 
HETATM 1071 O O   . HOH G 3 .   ? 12.198  8.751   -1.939  1.00 48.38  ? 330 HOH A O   1 
HETATM 1072 O O   . HOH G 3 .   ? 0.267   -9.756  -8.131  1.00 47.53  ? 331 HOH A O   1 
HETATM 1073 O O   . HOH G 3 .   ? -3.663  -10.006 -14.702 1.00 63.51  ? 332 HOH A O   1 
# 
loop_
_pdbx_poly_seq_scheme.asym_id 
_pdbx_poly_seq_scheme.entity_id 
_pdbx_poly_seq_scheme.seq_id 
_pdbx_poly_seq_scheme.mon_id 
_pdbx_poly_seq_scheme.ndb_seq_num 
_pdbx_poly_seq_scheme.pdb_seq_num 
_pdbx_poly_seq_scheme.auth_seq_num 
_pdbx_poly_seq_scheme.pdb_mon_id 
_pdbx_poly_seq_scheme.auth_mon_id 
_pdbx_poly_seq_scheme.pdb_strand_id 
_pdbx_poly_seq_scheme.pdb_ins_code 
_pdbx_poly_seq_scheme.hetero 
A 1 1   GLY 1   0   0   GLY GLY A . n 
A 1 2   MET 2   1   1   MET MET A . n 
A 1 3   SER 3   2   2   SER SER A . n 
A 1 4   TRP 4   3   3   TRP TRP A . n 
A 1 5   GLN 5   4   4   GLN GLN A . n 
A 1 6   ALA 6   5   5   ALA ALA A . n 
A 1 7   TYR 7   6   6   TYR TYR A . n 
A 1 8   VAL 8   7   7   VAL VAL A . n 
A 1 9   ASP 9   8   8   ASP ASP A . n 
A 1 10  ASP 10  9   9   ASP ASP A . n 
A 1 11  HIS 11  10  10  HIS HIS A . n 
A 1 12  LEU 12  11  11  LEU LEU A . n 
A 1 13  LEU 13  12  12  LEU LEU A . n 
A 1 14  CYS 14  13  13  CYS CYS A . n 
A 1 15  ASP 15  14  14  ASP ASP A . n 
A 1 16  ILE 16  15  15  ILE ILE A . n 
A 1 17  GLU 17  16  16  GLU GLU A . n 
A 1 18  GLY 18  17  17  GLY GLY A . n 
A 1 19  GLN 19  18  18  GLN GLN A . n 
A 1 20  HIS 20  19  19  HIS HIS A . n 
A 1 21  LEU 21  20  20  LEU LEU A . n 
A 1 22  SER 22  21  21  SER SER A . n 
A 1 23  ALA 23  22  22  ALA ALA A . n 
A 1 24  ALA 24  23  23  ALA ALA A . n 
A 1 25  ALA 25  24  24  ALA ALA A . n 
A 1 26  ILE 26  25  25  ILE ILE A . n 
A 1 27  VAL 27  26  26  VAL VAL A . n 
A 1 28  GLY 28  27  27  GLY GLY A . n 
A 1 29  HIS 29  28  28  HIS HIS A . n 
A 1 30  ASP 30  29  29  ASP ASP A . n 
A 1 31  GLY 31  30  30  GLY GLY A . n 
A 1 32  SER 32  31  31  SER SER A . n 
A 1 33  VAL 33  32  32  VAL VAL A . n 
A 1 34  TRP 34  33  33  TRP TRP A . n 
A 1 35  ALA 35  34  34  ALA ALA A . n 
A 1 36  GLN 36  35  35  GLN GLN A . n 
A 1 37  SER 37  36  36  SER SER A . n 
A 1 38  GLU 38  37  37  GLU GLU A . n 
A 1 39  ASN 39  38  38  ASN ASN A . n 
A 1 40  PHE 40  39  39  PHE PHE A . n 
A 1 41  PRO 41  40  40  PRO PRO A . n 
A 1 42  GLU 42  41  41  GLU GLU A . n 
A 1 43  LEU 43  42  42  LEU LEU A . n 
A 1 44  LYS 44  43  43  LYS LYS A . n 
A 1 45  PRO 45  44  44  PRO PRO A . n 
A 1 46  GLU 46  45  45  GLU GLU A . n 
A 1 47  GLU 47  46  46  GLU GLU A . n 
A 1 48  VAL 48  47  47  VAL VAL A . n 
A 1 49  ALA 49  48  48  ALA ALA A . n 
A 1 50  GLY 50  49  49  GLY GLY A . n 
A 1 51  MET 51  50  50  MET MET A . n 
A 1 52  ILE 52  51  51  ILE ILE A . n 
A 1 53  LYS 53  52  52  LYS LYS A . n 
A 1 54  ASP 54  53  53  ASP ASP A . n 
A 1 55  PHE 55  54  54  PHE PHE A . n 
A 1 56  ASP 56  55  55  ASP ASP A . n 
A 1 57  GLU 57  56  56  GLU GLU A . n 
A 1 58  PRO 58  57  57  PRO PRO A . n 
A 1 59  GLY 59  58  58  GLY GLY A . n 
A 1 60  THR 60  59  59  THR THR A . n 
A 1 61  LEU 61  60  60  LEU LEU A . n 
A 1 62  ALA 62  61  61  ALA ALA A . n 
A 1 63  PRO 63  62  62  PRO PRO A . n 
A 1 64  THR 64  63  63  THR THR A . n 
A 1 65  GLY 65  64  64  GLY GLY A . n 
A 1 66  LEU 66  65  65  LEU LEU A . n 
A 1 67  PHE 67  66  66  PHE PHE A . n 
A 1 68  VAL 68  67  67  VAL VAL A . n 
A 1 69  GLY 69  68  68  GLY GLY A . n 
A 1 70  GLY 70  69  69  GLY GLY A . n 
A 1 71  THR 71  70  70  THR THR A . n 
A 1 72  LYS 72  71  71  LYS LYS A . n 
A 1 73  TYR 73  72  72  TYR TYR A . n 
A 1 74  MET 74  73  73  MET MET A . n 
A 1 75  VAL 75  74  74  VAL VAL A . n 
A 1 76  ILE 76  75  75  ILE ILE A . n 
A 1 77  GLN 77  76  76  GLN GLN A . n 
A 1 78  GLY 78  77  77  GLY GLY A . n 
A 1 79  GLU 79  78  78  GLU GLU A . n 
A 1 80  PRO 80  79  79  PRO PRO A . n 
A 1 81  GLY 81  80  80  GLY GLY A . n 
A 1 82  VAL 82  81  81  VAL VAL A . n 
A 1 83  VAL 83  82  82  VAL VAL A . n 
A 1 84  ILE 84  83  83  ILE ILE A . n 
A 1 85  ARG 85  84  84  ARG ARG A . n 
A 1 86  GLY 86  85  85  GLY GLY A . n 
A 1 87  LYS 87  86  86  LYS LYS A . n 
A 1 88  LYS 88  87  87  LYS LYS A . n 
A 1 89  GLY 89  88  88  GLY GLY A . n 
A 1 90  THR 90  89  89  THR THR A . n 
A 1 91  GLY 91  90  90  GLY GLY A . n 
A 1 92  GLY 92  91  91  GLY GLY A . n 
A 1 93  ILE 93  92  92  ILE ILE A . n 
A 1 94  THR 94  93  93  THR THR A . n 
A 1 95  ILE 95  94  94  ILE ILE A . n 
A 1 96  LYS 96  95  95  LYS LYS A . n 
A 1 97  LYS 97  96  96  LYS LYS A . n 
A 1 98  THR 98  97  97  THR THR A . n 
A 1 99  GLY 99  98  98  GLY GLY A . n 
A 1 100 MET 100 99  99  MET MET A . n 
A 1 101 SER 101 100 100 SER SER A . n 
A 1 102 LEU 102 101 101 LEU LEU A . n 
A 1 103 ILE 103 102 102 ILE ILE A . n 
A 1 104 ILE 104 103 103 ILE ILE A . n 
A 1 105 GLY 105 104 104 GLY GLY A . n 
A 1 106 ILE 106 105 105 ILE ILE A . n 
A 1 107 TYR 107 106 106 TYR TYR A . n 
A 1 108 ASP 108 107 107 ASP ASP A . n 
A 1 109 GLU 109 108 108 GLU GLU A . n 
A 1 110 PRO 110 109 109 PRO PRO A . n 
A 1 111 MET 111 110 110 MET MET A . n 
A 1 112 THR 112 111 111 THR THR A . n 
A 1 113 PRO 113 112 112 PRO PRO A . n 
A 1 114 GLY 114 113 113 GLY GLY A . n 
A 1 115 GLN 115 114 114 GLN GLN A . n 
A 1 116 CYS 116 115 115 CYS CYS A . n 
A 1 117 ASN 117 116 116 ASN ASN A . n 
A 1 118 MET 118 117 117 MET MET A . n 
A 1 119 VAL 119 118 118 VAL VAL A . n 
A 1 120 VAL 120 119 119 VAL VAL A . n 
A 1 121 GLU 121 120 120 GLU GLU A . n 
A 1 122 ARG 122 121 121 ARG ARG A . n 
A 1 123 LEU 123 122 122 LEU LEU A . n 
A 1 124 GLY 124 123 123 GLY GLY A . n 
A 1 125 ASP 125 124 124 ASP ASP A . n 
A 1 126 TYR 126 125 125 TYR TYR A . n 
A 1 127 LEU 127 126 126 LEU LEU A . n 
A 1 128 ILE 128 127 127 ILE ILE A . n 
A 1 129 GLU 129 128 128 GLU GLU A . n 
A 1 130 GLN 130 129 129 GLN GLN A . n 
A 1 131 GLY 131 130 130 GLY GLY A . n 
A 1 132 PHE 132 131 131 PHE PHE A . n 
# 
loop_
_pdbx_nonpoly_scheme.asym_id 
_pdbx_nonpoly_scheme.entity_id 
_pdbx_nonpoly_scheme.mon_id 
_pdbx_nonpoly_scheme.ndb_seq_num 
_pdbx_nonpoly_scheme.pdb_seq_num 
_pdbx_nonpoly_scheme.auth_seq_num 
_pdbx_nonpoly_scheme.pdb_mon_id 
_pdbx_nonpoly_scheme.auth_mon_id 
_pdbx_nonpoly_scheme.pdb_strand_id 
_pdbx_nonpoly_scheme.pdb_ins_code 
B 2 GOL 1  201 1  GOL GOL A . 
C 2 GOL 1  202 3  GOL GOL A . 
D 2 GOL 1  203 4  GOL GOL A . 
E 2 GOL 1  204 5  GOL GOL A . 
F 2 GOL 1  205 6  GOL GOL A . 
G 3 HOH 1  301 13 HOH HOH A . 
G 3 HOH 2  302 30 HOH HOH A . 
G 3 HOH 3  303 1  HOH HOH A . 
G 3 HOH 4  304 23 HOH HOH A . 
G 3 HOH 5  305 5  HOH HOH A . 
G 3 HOH 6  306 2  HOH HOH A . 
G 3 HOH 7  307 6  HOH HOH A . 
G 3 HOH 8  308 14 HOH HOH A . 
G 3 HOH 9  309 16 HOH HOH A . 
G 3 HOH 10 310 9  HOH HOH A . 
G 3 HOH 11 311 4  HOH HOH A . 
G 3 HOH 12 312 19 HOH HOH A . 
G 3 HOH 13 313 3  HOH HOH A . 
G 3 HOH 14 314 7  HOH HOH A . 
G 3 HOH 15 315 11 HOH HOH A . 
G 3 HOH 16 316 15 HOH HOH A . 
G 3 HOH 17 317 10 HOH HOH A . 
G 3 HOH 18 318 25 HOH HOH A . 
G 3 HOH 19 319 21 HOH HOH A . 
G 3 HOH 20 320 29 HOH HOH A . 
G 3 HOH 21 321 27 HOH HOH A . 
G 3 HOH 22 322 18 HOH HOH A . 
G 3 HOH 23 323 8  HOH HOH A . 
G 3 HOH 24 324 31 HOH HOH A . 
G 3 HOH 25 325 24 HOH HOH A . 
G 3 HOH 26 326 20 HOH HOH A . 
G 3 HOH 27 327 26 HOH HOH A . 
G 3 HOH 28 328 32 HOH HOH A . 
G 3 HOH 29 329 17 HOH HOH A . 
G 3 HOH 30 330 22 HOH HOH A . 
G 3 HOH 31 331 12 HOH HOH A . 
G 3 HOH 32 332 28 HOH HOH A . 
# 
_pdbx_struct_assembly.id                   1 
_pdbx_struct_assembly.details              author_and_software_defined_assembly 
_pdbx_struct_assembly.method_details       PISA 
_pdbx_struct_assembly.oligomeric_details   monomeric 
_pdbx_struct_assembly.oligomeric_count     1 
# 
_pdbx_struct_assembly_gen.assembly_id       1 
_pdbx_struct_assembly_gen.oper_expression   1 
_pdbx_struct_assembly_gen.asym_id_list      A,B,C,D,E,F,G 
# 
_pdbx_struct_oper_list.id                   1 
_pdbx_struct_oper_list.type                 'identity operation' 
_pdbx_struct_oper_list.name                 1_555 
_pdbx_struct_oper_list.symmetry_operation   x,y,z 
_pdbx_struct_oper_list.matrix[1][1]         1.0000000000 
_pdbx_struct_oper_list.matrix[1][2]         0.0000000000 
_pdbx_struct_oper_list.matrix[1][3]         0.0000000000 
_pdbx_struct_oper_list.vector[1]            0.0000000000 
_pdbx_struct_oper_list.matrix[2][1]         0.0000000000 
_pdbx_struct_oper_list.matrix[2][2]         1.0000000000 
_pdbx_struct_oper_list.matrix[2][3]         0.0000000000 
_pdbx_struct_oper_list.vector[2]            0.0000000000 
_pdbx_struct_oper_list.matrix[3][1]         0.0000000000 
_pdbx_struct_oper_list.matrix[3][2]         0.0000000000 
_pdbx_struct_oper_list.matrix[3][3]         1.0000000000 
_pdbx_struct_oper_list.vector[3]            0.0000000000 
# 
loop_
_pdbx_audit_revision_history.ordinal 
_pdbx_audit_revision_history.data_content_type 
_pdbx_audit_revision_history.major_revision 
_pdbx_audit_revision_history.minor_revision 
_pdbx_audit_revision_history.revision_date 
1 'Structure model' 1 0 2016-09-14 
2 'Structure model' 1 1 2020-01-08 
3 'Structure model' 1 2 2023-09-27 
# 
_pdbx_audit_revision_details.ordinal             1 
_pdbx_audit_revision_details.revision_ordinal    1 
_pdbx_audit_revision_details.data_content_type   'Structure model' 
_pdbx_audit_revision_details.provider            repository 
_pdbx_audit_revision_details.type                'Initial release' 
_pdbx_audit_revision_details.description         ? 
_pdbx_audit_revision_details.details             ? 
# 
loop_
_pdbx_audit_revision_group.ordinal 
_pdbx_audit_revision_group.revision_ordinal 
_pdbx_audit_revision_group.data_content_type 
_pdbx_audit_revision_group.group 
1 2 'Structure model' 'Author supporting evidence' 
2 2 'Structure model' 'Data collection'            
3 2 'Structure model' 'Derived calculations'       
4 3 'Structure model' 'Data collection'            
5 3 'Structure model' 'Database references'        
6 3 'Structure model' 'Refinement description'     
# 
loop_
_pdbx_audit_revision_category.ordinal 
_pdbx_audit_revision_category.revision_ordinal 
_pdbx_audit_revision_category.data_content_type 
_pdbx_audit_revision_category.category 
1 2 'Structure model' pdbx_audit_support            
2 2 'Structure model' pdbx_prerelease_seq           
3 2 'Structure model' pdbx_struct_oper_list         
4 3 'Structure model' chem_comp_atom                
5 3 'Structure model' chem_comp_bond                
6 3 'Structure model' database_2                    
7 3 'Structure model' pdbx_initial_refinement_model 
# 
loop_
_pdbx_audit_revision_item.ordinal 
_pdbx_audit_revision_item.revision_ordinal 
_pdbx_audit_revision_item.data_content_type 
_pdbx_audit_revision_item.item 
1 2 'Structure model' '_pdbx_audit_support.funding_organization'  
2 2 'Structure model' '_pdbx_struct_oper_list.symmetry_operation' 
3 3 'Structure model' '_database_2.pdbx_DOI'                      
4 3 'Structure model' '_database_2.pdbx_database_accession'       
# 
loop_
_software.citation_id 
_software.classification 
_software.compiler_name 
_software.compiler_version 
_software.contact_author 
_software.contact_author_email 
_software.date 
_software.description 
_software.dependencies 
_software.hardware 
_software.language 
_software.location 
_software.mods 
_software.name 
_software.os 
_software.os_version 
_software.type 
_software.version 
_software.pdbx_ordinal 
? refinement       ? ? ? ? ? ? ? ? ? ? ? PHENIX ? ? ? 1.9_1692 1 
? 'data reduction' ? ? ? ? ? ? ? ? ? ? ? XDS    ? ? ? .        2 
? 'data scaling'   ? ? ? ? ? ? ? ? ? ? ? SCALA  ? ? ? .        3 
? phasing          ? ? ? ? ? ? ? ? ? ? ? PHASER ? ? ? .        4 
# 
_pdbx_validate_torsion.id              1 
_pdbx_validate_torsion.PDB_model_num   1 
_pdbx_validate_torsion.auth_comp_id    GLU 
_pdbx_validate_torsion.auth_asym_id    A 
_pdbx_validate_torsion.auth_seq_id     45 
_pdbx_validate_torsion.PDB_ins_code    ? 
_pdbx_validate_torsion.label_alt_id    ? 
_pdbx_validate_torsion.phi             75.74 
_pdbx_validate_torsion.psi             -10.29 
# 
loop_
_chem_comp_atom.comp_id 
_chem_comp_atom.atom_id 
_chem_comp_atom.type_symbol 
_chem_comp_atom.pdbx_aromatic_flag 
_chem_comp_atom.pdbx_stereo_config 
_chem_comp_atom.pdbx_ordinal 
ALA N    N N N 1   
ALA CA   C N S 2   
ALA C    C N N 3   
ALA O    O N N 4   
ALA CB   C N N 5   
ALA OXT  O N N 6   
ALA H    H N N 7   
ALA H2   H N N 8   
ALA HA   H N N 9   
ALA HB1  H N N 10  
ALA HB2  H N N 11  
ALA HB3  H N N 12  
ALA HXT  H N N 13  
ARG N    N N N 14  
ARG CA   C N S 15  
ARG C    C N N 16  
ARG O    O N N 17  
ARG CB   C N N 18  
ARG CG   C N N 19  
ARG CD   C N N 20  
ARG NE   N N N 21  
ARG CZ   C N N 22  
ARG NH1  N N N 23  
ARG NH2  N N N 24  
ARG OXT  O N N 25  
ARG H    H N N 26  
ARG H2   H N N 27  
ARG HA   H N N 28  
ARG HB2  H N N 29  
ARG HB3  H N N 30  
ARG HG2  H N N 31  
ARG HG3  H N N 32  
ARG HD2  H N N 33  
ARG HD3  H N N 34  
ARG HE   H N N 35  
ARG HH11 H N N 36  
ARG HH12 H N N 37  
ARG HH21 H N N 38  
ARG HH22 H N N 39  
ARG HXT  H N N 40  
ASN N    N N N 41  
ASN CA   C N S 42  
ASN C    C N N 43  
ASN O    O N N 44  
ASN CB   C N N 45  
ASN CG   C N N 46  
ASN OD1  O N N 47  
ASN ND2  N N N 48  
ASN OXT  O N N 49  
ASN H    H N N 50  
ASN H2   H N N 51  
ASN HA   H N N 52  
ASN HB2  H N N 53  
ASN HB3  H N N 54  
ASN HD21 H N N 55  
ASN HD22 H N N 56  
ASN HXT  H N N 57  
ASP N    N N N 58  
ASP CA   C N S 59  
ASP C    C N N 60  
ASP O    O N N 61  
ASP CB   C N N 62  
ASP CG   C N N 63  
ASP OD1  O N N 64  
ASP OD2  O N N 65  
ASP OXT  O N N 66  
ASP H    H N N 67  
ASP H2   H N N 68  
ASP HA   H N N 69  
ASP HB2  H N N 70  
ASP HB3  H N N 71  
ASP HD2  H N N 72  
ASP HXT  H N N 73  
CYS N    N N N 74  
CYS CA   C N R 75  
CYS C    C N N 76  
CYS O    O N N 77  
CYS CB   C N N 78  
CYS SG   S N N 79  
CYS OXT  O N N 80  
CYS H    H N N 81  
CYS H2   H N N 82  
CYS HA   H N N 83  
CYS HB2  H N N 84  
CYS HB3  H N N 85  
CYS HG   H N N 86  
CYS HXT  H N N 87  
GLN N    N N N 88  
GLN CA   C N S 89  
GLN C    C N N 90  
GLN O    O N N 91  
GLN CB   C N N 92  
GLN CG   C N N 93  
GLN CD   C N N 94  
GLN OE1  O N N 95  
GLN NE2  N N N 96  
GLN OXT  O N N 97  
GLN H    H N N 98  
GLN H2   H N N 99  
GLN HA   H N N 100 
GLN HB2  H N N 101 
GLN HB3  H N N 102 
GLN HG2  H N N 103 
GLN HG3  H N N 104 
GLN HE21 H N N 105 
GLN HE22 H N N 106 
GLN HXT  H N N 107 
GLU N    N N N 108 
GLU CA   C N S 109 
GLU C    C N N 110 
GLU O    O N N 111 
GLU CB   C N N 112 
GLU CG   C N N 113 
GLU CD   C N N 114 
GLU OE1  O N N 115 
GLU OE2  O N N 116 
GLU OXT  O N N 117 
GLU H    H N N 118 
GLU H2   H N N 119 
GLU HA   H N N 120 
GLU HB2  H N N 121 
GLU HB3  H N N 122 
GLU HG2  H N N 123 
GLU HG3  H N N 124 
GLU HE2  H N N 125 
GLU HXT  H N N 126 
GLY N    N N N 127 
GLY CA   C N N 128 
GLY C    C N N 129 
GLY O    O N N 130 
GLY OXT  O N N 131 
GLY H    H N N 132 
GLY H2   H N N 133 
GLY HA2  H N N 134 
GLY HA3  H N N 135 
GLY HXT  H N N 136 
GOL C1   C N N 137 
GOL O1   O N N 138 
GOL C2   C N N 139 
GOL O2   O N N 140 
GOL C3   C N N 141 
GOL O3   O N N 142 
GOL H11  H N N 143 
GOL H12  H N N 144 
GOL HO1  H N N 145 
GOL H2   H N N 146 
GOL HO2  H N N 147 
GOL H31  H N N 148 
GOL H32  H N N 149 
GOL HO3  H N N 150 
HIS N    N N N 151 
HIS CA   C N S 152 
HIS C    C N N 153 
HIS O    O N N 154 
HIS CB   C N N 155 
HIS CG   C Y N 156 
HIS ND1  N Y N 157 
HIS CD2  C Y N 158 
HIS CE1  C Y N 159 
HIS NE2  N Y N 160 
HIS OXT  O N N 161 
HIS H    H N N 162 
HIS H2   H N N 163 
HIS HA   H N N 164 
HIS HB2  H N N 165 
HIS HB3  H N N 166 
HIS HD1  H N N 167 
HIS HD2  H N N 168 
HIS HE1  H N N 169 
HIS HE2  H N N 170 
HIS HXT  H N N 171 
HOH O    O N N 172 
HOH H1   H N N 173 
HOH H2   H N N 174 
ILE N    N N N 175 
ILE CA   C N S 176 
ILE C    C N N 177 
ILE O    O N N 178 
ILE CB   C N S 179 
ILE CG1  C N N 180 
ILE CG2  C N N 181 
ILE CD1  C N N 182 
ILE OXT  O N N 183 
ILE H    H N N 184 
ILE H2   H N N 185 
ILE HA   H N N 186 
ILE HB   H N N 187 
ILE HG12 H N N 188 
ILE HG13 H N N 189 
ILE HG21 H N N 190 
ILE HG22 H N N 191 
ILE HG23 H N N 192 
ILE HD11 H N N 193 
ILE HD12 H N N 194 
ILE HD13 H N N 195 
ILE HXT  H N N 196 
LEU N    N N N 197 
LEU CA   C N S 198 
LEU C    C N N 199 
LEU O    O N N 200 
LEU CB   C N N 201 
LEU CG   C N N 202 
LEU CD1  C N N 203 
LEU CD2  C N N 204 
LEU OXT  O N N 205 
LEU H    H N N 206 
LEU H2   H N N 207 
LEU HA   H N N 208 
LEU HB2  H N N 209 
LEU HB3  H N N 210 
LEU HG   H N N 211 
LEU HD11 H N N 212 
LEU HD12 H N N 213 
LEU HD13 H N N 214 
LEU HD21 H N N 215 
LEU HD22 H N N 216 
LEU HD23 H N N 217 
LEU HXT  H N N 218 
LYS N    N N N 219 
LYS CA   C N S 220 
LYS C    C N N 221 
LYS O    O N N 222 
LYS CB   C N N 223 
LYS CG   C N N 224 
LYS CD   C N N 225 
LYS CE   C N N 226 
LYS NZ   N N N 227 
LYS OXT  O N N 228 
LYS H    H N N 229 
LYS H2   H N N 230 
LYS HA   H N N 231 
LYS HB2  H N N 232 
LYS HB3  H N N 233 
LYS HG2  H N N 234 
LYS HG3  H N N 235 
LYS HD2  H N N 236 
LYS HD3  H N N 237 
LYS HE2  H N N 238 
LYS HE3  H N N 239 
LYS HZ1  H N N 240 
LYS HZ2  H N N 241 
LYS HZ3  H N N 242 
LYS HXT  H N N 243 
MET N    N N N 244 
MET CA   C N S 245 
MET C    C N N 246 
MET O    O N N 247 
MET CB   C N N 248 
MET CG   C N N 249 
MET SD   S N N 250 
MET CE   C N N 251 
MET OXT  O N N 252 
MET H    H N N 253 
MET H2   H N N 254 
MET HA   H N N 255 
MET HB2  H N N 256 
MET HB3  H N N 257 
MET HG2  H N N 258 
MET HG3  H N N 259 
MET HE1  H N N 260 
MET HE2  H N N 261 
MET HE3  H N N 262 
MET HXT  H N N 263 
PHE N    N N N 264 
PHE CA   C N S 265 
PHE C    C N N 266 
PHE O    O N N 267 
PHE CB   C N N 268 
PHE CG   C Y N 269 
PHE CD1  C Y N 270 
PHE CD2  C Y N 271 
PHE CE1  C Y N 272 
PHE CE2  C Y N 273 
PHE CZ   C Y N 274 
PHE OXT  O N N 275 
PHE H    H N N 276 
PHE H2   H N N 277 
PHE HA   H N N 278 
PHE HB2  H N N 279 
PHE HB3  H N N 280 
PHE HD1  H N N 281 
PHE HD2  H N N 282 
PHE HE1  H N N 283 
PHE HE2  H N N 284 
PHE HZ   H N N 285 
PHE HXT  H N N 286 
PRO N    N N N 287 
PRO CA   C N S 288 
PRO C    C N N 289 
PRO O    O N N 290 
PRO CB   C N N 291 
PRO CG   C N N 292 
PRO CD   C N N 293 
PRO OXT  O N N 294 
PRO H    H N N 295 
PRO HA   H N N 296 
PRO HB2  H N N 297 
PRO HB3  H N N 298 
PRO HG2  H N N 299 
PRO HG3  H N N 300 
PRO HD2  H N N 301 
PRO HD3  H N N 302 
PRO HXT  H N N 303 
SER N    N N N 304 
SER CA   C N S 305 
SER C    C N N 306 
SER O    O N N 307 
SER CB   C N N 308 
SER OG   O N N 309 
SER OXT  O N N 310 
SER H    H N N 311 
SER H2   H N N 312 
SER HA   H N N 313 
SER HB2  H N N 314 
SER HB3  H N N 315 
SER HG   H N N 316 
SER HXT  H N N 317 
THR N    N N N 318 
THR CA   C N S 319 
THR C    C N N 320 
THR O    O N N 321 
THR CB   C N R 322 
THR OG1  O N N 323 
THR CG2  C N N 324 
THR OXT  O N N 325 
THR H    H N N 326 
THR H2   H N N 327 
THR HA   H N N 328 
THR HB   H N N 329 
THR HG1  H N N 330 
THR HG21 H N N 331 
THR HG22 H N N 332 
THR HG23 H N N 333 
THR HXT  H N N 334 
TRP N    N N N 335 
TRP CA   C N S 336 
TRP C    C N N 337 
TRP O    O N N 338 
TRP CB   C N N 339 
TRP CG   C Y N 340 
TRP CD1  C Y N 341 
TRP CD2  C Y N 342 
TRP NE1  N Y N 343 
TRP CE2  C Y N 344 
TRP CE3  C Y N 345 
TRP CZ2  C Y N 346 
TRP CZ3  C Y N 347 
TRP CH2  C Y N 348 
TRP OXT  O N N 349 
TRP H    H N N 350 
TRP H2   H N N 351 
TRP HA   H N N 352 
TRP HB2  H N N 353 
TRP HB3  H N N 354 
TRP HD1  H N N 355 
TRP HE1  H N N 356 
TRP HE3  H N N 357 
TRP HZ2  H N N 358 
TRP HZ3  H N N 359 
TRP HH2  H N N 360 
TRP HXT  H N N 361 
TYR N    N N N 362 
TYR CA   C N S 363 
TYR C    C N N 364 
TYR O    O N N 365 
TYR CB   C N N 366 
TYR CG   C Y N 367 
TYR CD1  C Y N 368 
TYR CD2  C Y N 369 
TYR CE1  C Y N 370 
TYR CE2  C Y N 371 
TYR CZ   C Y N 372 
TYR OH   O N N 373 
TYR OXT  O N N 374 
TYR H    H N N 375 
TYR H2   H N N 376 
TYR HA   H N N 377 
TYR HB2  H N N 378 
TYR HB3  H N N 379 
TYR HD1  H N N 380 
TYR HD2  H N N 381 
TYR HE1  H N N 382 
TYR HE2  H N N 383 
TYR HH   H N N 384 
TYR HXT  H N N 385 
VAL N    N N N 386 
VAL CA   C N S 387 
VAL C    C N N 388 
VAL O    O N N 389 
VAL CB   C N N 390 
VAL CG1  C N N 391 
VAL CG2  C N N 392 
VAL OXT  O N N 393 
VAL H    H N N 394 
VAL H2   H N N 395 
VAL HA   H N N 396 
VAL HB   H N N 397 
VAL HG11 H N N 398 
VAL HG12 H N N 399 
VAL HG13 H N N 400 
VAL HG21 H N N 401 
VAL HG22 H N N 402 
VAL HG23 H N N 403 
VAL HXT  H N N 404 
# 
loop_
_chem_comp_bond.comp_id 
_chem_comp_bond.atom_id_1 
_chem_comp_bond.atom_id_2 
_chem_comp_bond.value_order 
_chem_comp_bond.pdbx_aromatic_flag 
_chem_comp_bond.pdbx_stereo_config 
_chem_comp_bond.pdbx_ordinal 
ALA N   CA   sing N N 1   
ALA N   H    sing N N 2   
ALA N   H2   sing N N 3   
ALA CA  C    sing N N 4   
ALA CA  CB   sing N N 5   
ALA CA  HA   sing N N 6   
ALA C   O    doub N N 7   
ALA C   OXT  sing N N 8   
ALA CB  HB1  sing N N 9   
ALA CB  HB2  sing N N 10  
ALA CB  HB3  sing N N 11  
ALA OXT HXT  sing N N 12  
ARG N   CA   sing N N 13  
ARG N   H    sing N N 14  
ARG N   H2   sing N N 15  
ARG CA  C    sing N N 16  
ARG CA  CB   sing N N 17  
ARG CA  HA   sing N N 18  
ARG C   O    doub N N 19  
ARG C   OXT  sing N N 20  
ARG CB  CG   sing N N 21  
ARG CB  HB2  sing N N 22  
ARG CB  HB3  sing N N 23  
ARG CG  CD   sing N N 24  
ARG CG  HG2  sing N N 25  
ARG CG  HG3  sing N N 26  
ARG CD  NE   sing N N 27  
ARG CD  HD2  sing N N 28  
ARG CD  HD3  sing N N 29  
ARG NE  CZ   sing N N 30  
ARG NE  HE   sing N N 31  
ARG CZ  NH1  sing N N 32  
ARG CZ  NH2  doub N N 33  
ARG NH1 HH11 sing N N 34  
ARG NH1 HH12 sing N N 35  
ARG NH2 HH21 sing N N 36  
ARG NH2 HH22 sing N N 37  
ARG OXT HXT  sing N N 38  
ASN N   CA   sing N N 39  
ASN N   H    sing N N 40  
ASN N   H2   sing N N 41  
ASN CA  C    sing N N 42  
ASN CA  CB   sing N N 43  
ASN CA  HA   sing N N 44  
ASN C   O    doub N N 45  
ASN C   OXT  sing N N 46  
ASN CB  CG   sing N N 47  
ASN CB  HB2  sing N N 48  
ASN CB  HB3  sing N N 49  
ASN CG  OD1  doub N N 50  
ASN CG  ND2  sing N N 51  
ASN ND2 HD21 sing N N 52  
ASN ND2 HD22 sing N N 53  
ASN OXT HXT  sing N N 54  
ASP N   CA   sing N N 55  
ASP N   H    sing N N 56  
ASP N   H2   sing N N 57  
ASP CA  C    sing N N 58  
ASP CA  CB   sing N N 59  
ASP CA  HA   sing N N 60  
ASP C   O    doub N N 61  
ASP C   OXT  sing N N 62  
ASP CB  CG   sing N N 63  
ASP CB  HB2  sing N N 64  
ASP CB  HB3  sing N N 65  
ASP CG  OD1  doub N N 66  
ASP CG  OD2  sing N N 67  
ASP OD2 HD2  sing N N 68  
ASP OXT HXT  sing N N 69  
CYS N   CA   sing N N 70  
CYS N   H    sing N N 71  
CYS N   H2   sing N N 72  
CYS CA  C    sing N N 73  
CYS CA  CB   sing N N 74  
CYS CA  HA   sing N N 75  
CYS C   O    doub N N 76  
CYS C   OXT  sing N N 77  
CYS CB  SG   sing N N 78  
CYS CB  HB2  sing N N 79  
CYS CB  HB3  sing N N 80  
CYS SG  HG   sing N N 81  
CYS OXT HXT  sing N N 82  
GLN N   CA   sing N N 83  
GLN N   H    sing N N 84  
GLN N   H2   sing N N 85  
GLN CA  C    sing N N 86  
GLN CA  CB   sing N N 87  
GLN CA  HA   sing N N 88  
GLN C   O    doub N N 89  
GLN C   OXT  sing N N 90  
GLN CB  CG   sing N N 91  
GLN CB  HB2  sing N N 92  
GLN CB  HB3  sing N N 93  
GLN CG  CD   sing N N 94  
GLN CG  HG2  sing N N 95  
GLN CG  HG3  sing N N 96  
GLN CD  OE1  doub N N 97  
GLN CD  NE2  sing N N 98  
GLN NE2 HE21 sing N N 99  
GLN NE2 HE22 sing N N 100 
GLN OXT HXT  sing N N 101 
GLU N   CA   sing N N 102 
GLU N   H    sing N N 103 
GLU N   H2   sing N N 104 
GLU CA  C    sing N N 105 
GLU CA  CB   sing N N 106 
GLU CA  HA   sing N N 107 
GLU C   O    doub N N 108 
GLU C   OXT  sing N N 109 
GLU CB  CG   sing N N 110 
GLU CB  HB2  sing N N 111 
GLU CB  HB3  sing N N 112 
GLU CG  CD   sing N N 113 
GLU CG  HG2  sing N N 114 
GLU CG  HG3  sing N N 115 
GLU CD  OE1  doub N N 116 
GLU CD  OE2  sing N N 117 
GLU OE2 HE2  sing N N 118 
GLU OXT HXT  sing N N 119 
GLY N   CA   sing N N 120 
GLY N   H    sing N N 121 
GLY N   H2   sing N N 122 
GLY CA  C    sing N N 123 
GLY CA  HA2  sing N N 124 
GLY CA  HA3  sing N N 125 
GLY C   O    doub N N 126 
GLY C   OXT  sing N N 127 
GLY OXT HXT  sing N N 128 
GOL C1  O1   sing N N 129 
GOL C1  C2   sing N N 130 
GOL C1  H11  sing N N 131 
GOL C1  H12  sing N N 132 
GOL O1  HO1  sing N N 133 
GOL C2  O2   sing N N 134 
GOL C2  C3   sing N N 135 
GOL C2  H2   sing N N 136 
GOL O2  HO2  sing N N 137 
GOL C3  O3   sing N N 138 
GOL C3  H31  sing N N 139 
GOL C3  H32  sing N N 140 
GOL O3  HO3  sing N N 141 
HIS N   CA   sing N N 142 
HIS N   H    sing N N 143 
HIS N   H2   sing N N 144 
HIS CA  C    sing N N 145 
HIS CA  CB   sing N N 146 
HIS CA  HA   sing N N 147 
HIS C   O    doub N N 148 
HIS C   OXT  sing N N 149 
HIS CB  CG   sing N N 150 
HIS CB  HB2  sing N N 151 
HIS CB  HB3  sing N N 152 
HIS CG  ND1  sing Y N 153 
HIS CG  CD2  doub Y N 154 
HIS ND1 CE1  doub Y N 155 
HIS ND1 HD1  sing N N 156 
HIS CD2 NE2  sing Y N 157 
HIS CD2 HD2  sing N N 158 
HIS CE1 NE2  sing Y N 159 
HIS CE1 HE1  sing N N 160 
HIS NE2 HE2  sing N N 161 
HIS OXT HXT  sing N N 162 
HOH O   H1   sing N N 163 
HOH O   H2   sing N N 164 
ILE N   CA   sing N N 165 
ILE N   H    sing N N 166 
ILE N   H2   sing N N 167 
ILE CA  C    sing N N 168 
ILE CA  CB   sing N N 169 
ILE CA  HA   sing N N 170 
ILE C   O    doub N N 171 
ILE C   OXT  sing N N 172 
ILE CB  CG1  sing N N 173 
ILE CB  CG2  sing N N 174 
ILE CB  HB   sing N N 175 
ILE CG1 CD1  sing N N 176 
ILE CG1 HG12 sing N N 177 
ILE CG1 HG13 sing N N 178 
ILE CG2 HG21 sing N N 179 
ILE CG2 HG22 sing N N 180 
ILE CG2 HG23 sing N N 181 
ILE CD1 HD11 sing N N 182 
ILE CD1 HD12 sing N N 183 
ILE CD1 HD13 sing N N 184 
ILE OXT HXT  sing N N 185 
LEU N   CA   sing N N 186 
LEU N   H    sing N N 187 
LEU N   H2   sing N N 188 
LEU CA  C    sing N N 189 
LEU CA  CB   sing N N 190 
LEU CA  HA   sing N N 191 
LEU C   O    doub N N 192 
LEU C   OXT  sing N N 193 
LEU CB  CG   sing N N 194 
LEU CB  HB2  sing N N 195 
LEU CB  HB3  sing N N 196 
LEU CG  CD1  sing N N 197 
LEU CG  CD2  sing N N 198 
LEU CG  HG   sing N N 199 
LEU CD1 HD11 sing N N 200 
LEU CD1 HD12 sing N N 201 
LEU CD1 HD13 sing N N 202 
LEU CD2 HD21 sing N N 203 
LEU CD2 HD22 sing N N 204 
LEU CD2 HD23 sing N N 205 
LEU OXT HXT  sing N N 206 
LYS N   CA   sing N N 207 
LYS N   H    sing N N 208 
LYS N   H2   sing N N 209 
LYS CA  C    sing N N 210 
LYS CA  CB   sing N N 211 
LYS CA  HA   sing N N 212 
LYS C   O    doub N N 213 
LYS C   OXT  sing N N 214 
LYS CB  CG   sing N N 215 
LYS CB  HB2  sing N N 216 
LYS CB  HB3  sing N N 217 
LYS CG  CD   sing N N 218 
LYS CG  HG2  sing N N 219 
LYS CG  HG3  sing N N 220 
LYS CD  CE   sing N N 221 
LYS CD  HD2  sing N N 222 
LYS CD  HD3  sing N N 223 
LYS CE  NZ   sing N N 224 
LYS CE  HE2  sing N N 225 
LYS CE  HE3  sing N N 226 
LYS NZ  HZ1  sing N N 227 
LYS NZ  HZ2  sing N N 228 
LYS NZ  HZ3  sing N N 229 
LYS OXT HXT  sing N N 230 
MET N   CA   sing N N 231 
MET N   H    sing N N 232 
MET N   H2   sing N N 233 
MET CA  C    sing N N 234 
MET CA  CB   sing N N 235 
MET CA  HA   sing N N 236 
MET C   O    doub N N 237 
MET C   OXT  sing N N 238 
MET CB  CG   sing N N 239 
MET CB  HB2  sing N N 240 
MET CB  HB3  sing N N 241 
MET CG  SD   sing N N 242 
MET CG  HG2  sing N N 243 
MET CG  HG3  sing N N 244 
MET SD  CE   sing N N 245 
MET CE  HE1  sing N N 246 
MET CE  HE2  sing N N 247 
MET CE  HE3  sing N N 248 
MET OXT HXT  sing N N 249 
PHE N   CA   sing N N 250 
PHE N   H    sing N N 251 
PHE N   H2   sing N N 252 
PHE CA  C    sing N N 253 
PHE CA  CB   sing N N 254 
PHE CA  HA   sing N N 255 
PHE C   O    doub N N 256 
PHE C   OXT  sing N N 257 
PHE CB  CG   sing N N 258 
PHE CB  HB2  sing N N 259 
PHE CB  HB3  sing N N 260 
PHE CG  CD1  doub Y N 261 
PHE CG  CD2  sing Y N 262 
PHE CD1 CE1  sing Y N 263 
PHE CD1 HD1  sing N N 264 
PHE CD2 CE2  doub Y N 265 
PHE CD2 HD2  sing N N 266 
PHE CE1 CZ   doub Y N 267 
PHE CE1 HE1  sing N N 268 
PHE CE2 CZ   sing Y N 269 
PHE CE2 HE2  sing N N 270 
PHE CZ  HZ   sing N N 271 
PHE OXT HXT  sing N N 272 
PRO N   CA   sing N N 273 
PRO N   CD   sing N N 274 
PRO N   H    sing N N 275 
PRO CA  C    sing N N 276 
PRO CA  CB   sing N N 277 
PRO CA  HA   sing N N 278 
PRO C   O    doub N N 279 
PRO C   OXT  sing N N 280 
PRO CB  CG   sing N N 281 
PRO CB  HB2  sing N N 282 
PRO CB  HB3  sing N N 283 
PRO CG  CD   sing N N 284 
PRO CG  HG2  sing N N 285 
PRO CG  HG3  sing N N 286 
PRO CD  HD2  sing N N 287 
PRO CD  HD3  sing N N 288 
PRO OXT HXT  sing N N 289 
SER N   CA   sing N N 290 
SER N   H    sing N N 291 
SER N   H2   sing N N 292 
SER CA  C    sing N N 293 
SER CA  CB   sing N N 294 
SER CA  HA   sing N N 295 
SER C   O    doub N N 296 
SER C   OXT  sing N N 297 
SER CB  OG   sing N N 298 
SER CB  HB2  sing N N 299 
SER CB  HB3  sing N N 300 
SER OG  HG   sing N N 301 
SER OXT HXT  sing N N 302 
THR N   CA   sing N N 303 
THR N   H    sing N N 304 
THR N   H2   sing N N 305 
THR CA  C    sing N N 306 
THR CA  CB   sing N N 307 
THR CA  HA   sing N N 308 
THR C   O    doub N N 309 
THR C   OXT  sing N N 310 
THR CB  OG1  sing N N 311 
THR CB  CG2  sing N N 312 
THR CB  HB   sing N N 313 
THR OG1 HG1  sing N N 314 
THR CG2 HG21 sing N N 315 
THR CG2 HG22 sing N N 316 
THR CG2 HG23 sing N N 317 
THR OXT HXT  sing N N 318 
TRP N   CA   sing N N 319 
TRP N   H    sing N N 320 
TRP N   H2   sing N N 321 
TRP CA  C    sing N N 322 
TRP CA  CB   sing N N 323 
TRP CA  HA   sing N N 324 
TRP C   O    doub N N 325 
TRP C   OXT  sing N N 326 
TRP CB  CG   sing N N 327 
TRP CB  HB2  sing N N 328 
TRP CB  HB3  sing N N 329 
TRP CG  CD1  doub Y N 330 
TRP CG  CD2  sing Y N 331 
TRP CD1 NE1  sing Y N 332 
TRP CD1 HD1  sing N N 333 
TRP CD2 CE2  doub Y N 334 
TRP CD2 CE3  sing Y N 335 
TRP NE1 CE2  sing Y N 336 
TRP NE1 HE1  sing N N 337 
TRP CE2 CZ2  sing Y N 338 
TRP CE3 CZ3  doub Y N 339 
TRP CE3 HE3  sing N N 340 
TRP CZ2 CH2  doub Y N 341 
TRP CZ2 HZ2  sing N N 342 
TRP CZ3 CH2  sing Y N 343 
TRP CZ3 HZ3  sing N N 344 
TRP CH2 HH2  sing N N 345 
TRP OXT HXT  sing N N 346 
TYR N   CA   sing N N 347 
TYR N   H    sing N N 348 
TYR N   H2   sing N N 349 
TYR CA  C    sing N N 350 
TYR CA  CB   sing N N 351 
TYR CA  HA   sing N N 352 
TYR C   O    doub N N 353 
TYR C   OXT  sing N N 354 
TYR CB  CG   sing N N 355 
TYR CB  HB2  sing N N 356 
TYR CB  HB3  sing N N 357 
TYR CG  CD1  doub Y N 358 
TYR CG  CD2  sing Y N 359 
TYR CD1 CE1  sing Y N 360 
TYR CD1 HD1  sing N N 361 
TYR CD2 CE2  doub Y N 362 
TYR CD2 HD2  sing N N 363 
TYR CE1 CZ   doub Y N 364 
TYR CE1 HE1  sing N N 365 
TYR CE2 CZ   sing Y N 366 
TYR CE2 HE2  sing N N 367 
TYR CZ  OH   sing N N 368 
TYR OH  HH   sing N N 369 
TYR OXT HXT  sing N N 370 
VAL N   CA   sing N N 371 
VAL N   H    sing N N 372 
VAL N   H2   sing N N 373 
VAL CA  C    sing N N 374 
VAL CA  CB   sing N N 375 
VAL CA  HA   sing N N 376 
VAL C   O    doub N N 377 
VAL C   OXT  sing N N 378 
VAL CB  CG1  sing N N 379 
VAL CB  CG2  sing N N 380 
VAL CB  HB   sing N N 381 
VAL CG1 HG11 sing N N 382 
VAL CG1 HG12 sing N N 383 
VAL CG1 HG13 sing N N 384 
VAL CG2 HG21 sing N N 385 
VAL CG2 HG22 sing N N 386 
VAL CG2 HG23 sing N N 387 
VAL OXT HXT  sing N N 388 
# 
loop_
_pdbx_audit_support.funding_organization 
_pdbx_audit_support.country 
_pdbx_audit_support.grant_number 
_pdbx_audit_support.ordinal 
DGAPA                                                Mexico IN207613 1 
'Consejo Nacional de Ciencia y Tecnologia (CONACYT)' Mexico 166472   2 
# 
loop_
_pdbx_entity_nonpoly.entity_id 
_pdbx_entity_nonpoly.name 
_pdbx_entity_nonpoly.comp_id 
2 GLYCEROL GOL 
3 water    HOH 
# 
_pdbx_initial_refinement_model.id               1 
_pdbx_initial_refinement_model.entity_id_list   ? 
_pdbx_initial_refinement_model.type             'experimental model' 
_pdbx_initial_refinement_model.source_name      PDB 
_pdbx_initial_refinement_model.accession_code   5FDS 
_pdbx_initial_refinement_model.details          ? 
# 
